data_5DDU
#
_entry.id   5DDU
#
_cell.length_a   83.874
_cell.length_b   83.858
_cell.length_c   88.438
_cell.angle_alpha   106.660
_cell.angle_beta   109.250
_cell.angle_gamma   94.840
#
_symmetry.space_group_name_H-M   'P 1'
#
loop_
_entity.id
_entity.type
_entity.pdbx_description
1 polymer CrmG
2 non-polymer "4'-DEOXY-4'-AMINOPYRIDOXAL-5'-PHOSPHATE"
3 non-polymer GLYCEROL
4 non-polymer 'TRIETHYLENE GLYCOL'
5 water water
#
_entity_poly.entity_id   1
_entity_poly.type   'polypeptide(L)'
_entity_poly.pdbx_seq_one_letter_code
;MTHPSGEPVYADAVLNGWLTSMGLGVEYVRAEGNTVYYLDDEGREVPVLDHACGFGSLIFGHNHPEIIAHAKAALDAGTV
VHAQLSRQPRANQISRILNDIMRRETGRDDRYNAIFANSGAEANEICMKHAELERQERITALFAEIDAELDTAREALTTG
TATLDTASLPLVGGGAGDVDGVIADIHRHNDERRAERPLFLTLDGSFHGKLVGSIQLTQNEPWRTPFTALSSPARFLPAD
EPELIGKIVEDERRSVLTLSLDKDTVRVVERDFPVVAAIFVEPVRGGSGMKTVTPELAEELHRLRDTLGCPLVVDEVQTG
IGRTGAFFGSALLGIRGDYYTLAKAIGGGIVKNSVALIRQDRFLPAMEVIHSSTFAKDGLSASIALKVLEMVEADGGRVY
QRVRERGQRLEAMLESVRADHSDVVSAVWGTGLMLALELRDQSNATSQAIREKAAHGFLGYVLAGFLLREHHIRVLPAGP
RSGFLRFSPSLYITDEEIDRTETALRSLFTALRDQDGDRLVLS
;
_entity_poly.pdbx_strand_id   A,B,C,D
#
loop_
_chem_comp.id
_chem_comp.type
_chem_comp.name
_chem_comp.formula
GOL non-polymer GLYCEROL 'C3 H8 O3'
PGE non-polymer 'TRIETHYLENE GLYCOL' 'C6 H14 O4'
PMP non-polymer 4'-DEOXY-4'-AMINOPYRIDOXAL-5'-PHOSPHATE 'C8 H13 N2 O5 P'
#
# COMPACT_ATOMS: atom_id res chain seq x y z
N SER A 5 29.87 -18.46 -1.45
CA SER A 5 30.21 -17.44 -2.48
C SER A 5 31.69 -17.52 -2.88
N GLY A 6 32.52 -16.69 -2.26
CA GLY A 6 33.97 -16.73 -2.48
C GLY A 6 34.44 -16.21 -3.85
N GLU A 7 33.98 -16.83 -4.93
CA GLU A 7 34.74 -16.83 -6.19
C GLU A 7 34.30 -15.72 -7.14
N PRO A 8 35.17 -15.36 -8.11
CA PRO A 8 34.84 -14.33 -9.08
C PRO A 8 33.46 -14.50 -9.70
N VAL A 9 32.76 -13.40 -9.88
CA VAL A 9 31.45 -13.41 -10.50
C VAL A 9 31.35 -12.22 -11.47
N TYR A 10 30.82 -12.48 -12.68
CA TYR A 10 30.95 -11.53 -13.80
C TYR A 10 29.59 -11.02 -14.31
N ALA A 11 28.49 -11.58 -13.80
CA ALA A 11 27.18 -11.03 -14.00
C ALA A 11 26.19 -11.62 -13.00
N ASP A 12 25.14 -10.85 -12.72
CA ASP A 12 23.91 -11.40 -12.15
C ASP A 12 24.02 -11.72 -10.65
N ALA A 13 25.13 -11.33 -10.02
CA ALA A 13 25.34 -11.71 -8.62
C ALA A 13 24.19 -11.22 -7.73
N VAL A 14 23.91 -9.94 -7.82
CA VAL A 14 22.87 -9.34 -7.00
C VAL A 14 21.51 -9.91 -7.39
N LEU A 15 21.23 -9.93 -8.68
CA LEU A 15 19.98 -10.48 -9.17
C LEU A 15 19.78 -11.92 -8.70
N ASN A 16 20.84 -12.74 -8.79
CA ASN A 16 20.73 -14.15 -8.35
C ASN A 16 20.57 -14.28 -6.82
N GLY A 17 21.32 -13.48 -6.06
CA GLY A 17 21.15 -13.46 -4.62
C GLY A 17 19.68 -13.26 -4.28
N TRP A 18 19.08 -12.26 -4.90
CA TRP A 18 17.73 -11.90 -4.62
C TRP A 18 16.73 -13.00 -5.06
N LEU A 19 16.86 -13.48 -6.28
CA LEU A 19 16.02 -14.57 -6.74
C LEU A 19 16.05 -15.77 -5.77
N THR A 20 17.22 -16.11 -5.29
CA THR A 20 17.36 -17.19 -4.35
C THR A 20 16.55 -16.96 -3.05
N SER A 21 16.62 -15.76 -2.48
CA SER A 21 15.95 -15.51 -1.22
C SER A 21 14.43 -15.43 -1.38
N MET A 22 13.96 -15.19 -2.61
CA MET A 22 12.53 -15.22 -2.90
C MET A 22 12.02 -16.64 -3.12
N GLY A 23 12.94 -17.60 -3.26
CA GLY A 23 12.56 -18.98 -3.62
C GLY A 23 12.51 -19.24 -5.12
N LEU A 24 13.12 -18.35 -5.91
CA LEU A 24 12.99 -18.38 -7.36
C LEU A 24 14.32 -18.67 -8.04
N GLY A 25 15.28 -19.15 -7.27
CA GLY A 25 16.61 -19.42 -7.79
C GLY A 25 16.68 -20.77 -8.43
N VAL A 26 16.18 -20.84 -9.65
CA VAL A 26 16.18 -22.05 -10.38
C VAL A 26 16.67 -21.79 -11.83
N GLU A 27 17.31 -22.78 -12.42
CA GLU A 27 17.70 -22.73 -13.82
C GLU A 27 16.84 -23.65 -14.63
N TYR A 28 16.17 -23.11 -15.65
CA TYR A 28 15.42 -23.90 -16.58
C TYR A 28 16.31 -24.33 -17.72
N VAL A 29 16.27 -25.63 -18.08
CA VAL A 29 17.22 -26.18 -19.06
C VAL A 29 16.56 -26.51 -20.40
N ARG A 30 15.25 -26.60 -20.41
CA ARG A 30 14.53 -26.93 -21.61
C ARG A 30 13.11 -26.41 -21.48
N ALA A 31 12.46 -26.16 -22.60
CA ALA A 31 11.06 -25.68 -22.60
C ALA A 31 10.30 -26.19 -23.84
N GLU A 32 9.06 -26.59 -23.63
CA GLU A 32 8.14 -26.84 -24.74
C GLU A 32 6.71 -26.59 -24.32
N GLY A 33 5.91 -25.99 -25.19
CA GLY A 33 4.53 -25.74 -24.88
C GLY A 33 4.43 -24.76 -23.74
N ASN A 34 3.65 -25.14 -22.72
CA ASN A 34 3.49 -24.35 -21.51
C ASN A 34 4.38 -24.87 -20.38
N THR A 35 5.34 -25.70 -20.72
CA THR A 35 6.16 -26.34 -19.72
C THR A 35 7.62 -25.91 -19.88
N VAL A 36 8.21 -25.49 -18.75
CA VAL A 36 9.65 -25.35 -18.65
C VAL A 36 10.20 -26.39 -17.67
N TYR A 37 11.43 -26.85 -17.91
CA TYR A 37 12.03 -27.96 -17.10
C TYR A 37 13.28 -27.49 -16.36
N TYR A 38 13.37 -27.82 -15.09
CA TYR A 38 14.64 -27.69 -14.34
C TYR A 38 15.14 -29.03 -13.88
N LEU A 39 16.39 -29.09 -13.46
CA LEU A 39 16.99 -30.33 -12.95
C LEU A 39 16.95 -30.37 -11.42
N ASP A 40 16.43 -31.46 -10.86
CA ASP A 40 16.43 -31.67 -9.40
C ASP A 40 17.78 -32.18 -8.89
N ASP A 41 17.87 -32.42 -7.57
CA ASP A 41 19.12 -32.88 -6.92
C ASP A 41 19.73 -34.07 -7.65
N GLU A 42 18.86 -34.95 -8.14
CA GLU A 42 19.24 -36.25 -8.65
C GLU A 42 19.55 -36.19 -10.16
N GLY A 43 19.11 -35.11 -10.81
CA GLY A 43 19.52 -34.80 -12.18
C GLY A 43 18.45 -35.07 -13.24
N ARG A 44 17.22 -35.31 -12.81
CA ARG A 44 16.11 -35.48 -13.78
C ARG A 44 15.29 -34.20 -13.98
N GLU A 45 14.63 -34.13 -15.14
CA GLU A 45 13.88 -32.99 -15.52
C GLU A 45 12.56 -32.96 -14.78
N VAL A 46 12.34 -31.90 -14.00
CA VAL A 46 11.03 -31.64 -13.41
C VAL A 46 10.23 -30.66 -14.27
N PRO A 47 9.00 -31.04 -14.66
CA PRO A 47 8.20 -30.14 -15.45
C PRO A 47 7.53 -29.06 -14.58
N VAL A 48 7.64 -27.81 -15.02
CA VAL A 48 6.99 -26.69 -14.38
C VAL A 48 6.05 -26.01 -15.37
N LEU A 49 4.82 -25.78 -14.94
CA LEU A 49 3.84 -25.06 -15.76
C LEU A 49 4.12 -23.53 -15.75
N ASP A 50 4.26 -22.94 -16.95
CA ASP A 50 4.70 -21.55 -17.08
C ASP A 50 3.50 -20.63 -17.33
N HIS A 51 3.15 -19.85 -16.33
CA HIS A 51 2.10 -18.85 -16.48
C HIS A 51 2.67 -17.46 -16.80
N ALA A 52 3.99 -17.31 -16.76
CA ALA A 52 4.63 -16.02 -17.11
C ALA A 52 4.89 -15.92 -18.63
N CYS A 53 5.52 -16.93 -19.19
CA CYS A 53 5.60 -17.09 -20.67
C CYS A 53 6.19 -15.85 -21.35
N GLY A 54 7.38 -15.46 -20.93
CA GLY A 54 8.04 -14.30 -21.49
C GLY A 54 7.24 -13.01 -21.28
N PHE A 55 6.61 -12.88 -20.11
CA PHE A 55 5.71 -11.78 -19.83
C PHE A 55 4.71 -11.54 -20.97
N GLY A 56 4.19 -12.62 -21.52
CA GLY A 56 3.12 -12.52 -22.49
C GLY A 56 3.61 -12.59 -23.91
N SER A 57 4.85 -13.04 -24.10
CA SER A 57 5.41 -13.25 -25.46
C SER A 57 4.95 -14.52 -26.13
N LEU A 58 4.42 -15.48 -25.38
CA LEU A 58 4.31 -16.88 -25.90
C LEU A 58 2.88 -17.31 -26.04
N ILE A 59 2.14 -16.63 -26.90
CA ILE A 59 0.77 -16.95 -27.16
C ILE A 59 0.65 -18.39 -27.71
N PHE A 60 1.69 -18.81 -28.45
CA PHE A 60 1.76 -20.15 -29.02
C PHE A 60 2.66 -21.11 -28.23
N GLY A 61 3.13 -20.69 -27.06
CA GLY A 61 3.96 -21.52 -26.20
C GLY A 61 5.45 -21.41 -26.49
N HIS A 62 6.26 -22.10 -25.68
CA HIS A 62 7.68 -22.18 -25.90
C HIS A 62 7.94 -23.08 -27.12
N ASN A 63 8.73 -22.57 -28.07
CA ASN A 63 9.33 -23.42 -29.08
C ASN A 63 8.28 -24.25 -29.80
N HIS A 64 7.32 -23.57 -30.40
CA HIS A 64 6.27 -24.22 -31.11
C HIS A 64 6.86 -24.87 -32.35
N PRO A 65 6.57 -26.18 -32.55
CA PRO A 65 7.16 -26.95 -33.63
C PRO A 65 7.05 -26.27 -35.01
N GLU A 66 5.87 -25.77 -35.34
CA GLU A 66 5.67 -25.05 -36.57
C GLU A 66 6.59 -23.80 -36.69
N ILE A 67 6.86 -23.10 -35.59
CA ILE A 67 7.77 -21.96 -35.63
C ILE A 67 9.22 -22.41 -35.70
N ILE A 68 9.55 -23.43 -34.95
CA ILE A 68 10.90 -24.00 -34.98
C ILE A 68 11.25 -24.48 -36.39
N ALA A 69 10.32 -25.21 -37.00
CA ALA A 69 10.56 -25.82 -38.30
C ALA A 69 10.74 -24.76 -39.33
N HIS A 70 9.87 -23.76 -39.31
CA HIS A 70 10.00 -22.63 -40.24
C HIS A 70 11.33 -21.92 -40.08
N ALA A 71 11.78 -21.77 -38.87
CA ALA A 71 13.02 -21.07 -38.62
C ALA A 71 14.19 -21.84 -39.19
N LYS A 72 14.23 -23.12 -38.92
CA LYS A 72 15.30 -23.96 -39.48
C LYS A 72 15.29 -23.95 -40.98
N ALA A 73 14.10 -23.96 -41.57
CA ALA A 73 13.99 -23.88 -43.04
C ALA A 73 14.55 -22.57 -43.54
N ALA A 74 14.18 -21.47 -42.89
CA ALA A 74 14.71 -20.15 -43.27
C ALA A 74 16.24 -20.14 -43.21
N LEU A 75 16.79 -20.75 -42.18
CA LEU A 75 18.25 -20.85 -42.04
C LEU A 75 18.88 -21.69 -43.13
N ASP A 76 18.24 -22.81 -43.47
CA ASP A 76 18.74 -23.68 -44.54
C ASP A 76 18.65 -23.04 -45.92
N ALA A 77 17.68 -22.15 -46.13
CA ALA A 77 17.51 -21.50 -47.43
C ALA A 77 18.53 -20.38 -47.71
N GLY A 78 19.34 -20.01 -46.72
CA GLY A 78 20.32 -18.95 -46.91
C GLY A 78 19.66 -17.58 -46.92
N THR A 79 18.65 -17.45 -46.11
CA THR A 79 17.98 -16.21 -45.98
C THR A 79 18.98 -15.04 -45.75
N VAL A 80 18.75 -13.94 -46.45
CA VAL A 80 19.56 -12.75 -46.28
C VAL A 80 19.08 -12.02 -45.02
N VAL A 81 19.88 -12.12 -43.97
CA VAL A 81 19.53 -11.50 -42.73
C VAL A 81 19.96 -10.04 -42.78
N HIS A 82 21.19 -9.81 -43.25
CA HIS A 82 21.75 -8.47 -43.32
C HIS A 82 21.80 -7.96 -44.75
N ALA A 83 20.78 -7.22 -45.13
CA ALA A 83 20.64 -6.70 -46.49
C ALA A 83 20.26 -5.22 -46.42
N GLN A 84 20.98 -4.47 -45.60
CA GLN A 84 20.66 -3.09 -45.38
C GLN A 84 20.80 -2.31 -46.68
N LEU A 85 19.93 -1.31 -46.85
CA LEU A 85 19.89 -0.47 -48.06
C LEU A 85 19.82 -1.28 -49.32
N SER A 86 18.92 -2.25 -49.30
CA SER A 86 18.45 -2.89 -50.52
C SER A 86 16.94 -3.12 -50.42
N ARG A 87 16.37 -3.74 -51.45
CA ARG A 87 14.92 -3.91 -51.55
C ARG A 87 14.48 -5.11 -50.72
N GLN A 88 13.70 -4.88 -49.66
CA GLN A 88 13.25 -5.94 -48.77
C GLN A 88 11.72 -6.01 -48.71
N PRO A 89 11.11 -6.61 -49.74
CA PRO A 89 9.64 -6.66 -49.90
C PRO A 89 8.88 -7.19 -48.69
N ARG A 90 9.52 -7.99 -47.86
CA ARG A 90 8.84 -8.65 -46.78
C ARG A 90 8.30 -7.66 -45.74
N ALA A 91 8.95 -6.50 -45.65
CA ALA A 91 8.51 -5.48 -44.70
C ALA A 91 7.18 -4.92 -45.18
N ASN A 92 7.09 -4.61 -46.47
CA ASN A 92 5.83 -4.17 -47.07
C ASN A 92 4.73 -5.22 -46.93
N GLN A 93 5.13 -6.47 -47.02
CA GLN A 93 4.20 -7.61 -46.93
C GLN A 93 3.62 -7.76 -45.51
N ILE A 94 4.47 -7.74 -44.52
CA ILE A 94 4.02 -7.79 -43.13
C ILE A 94 3.05 -6.65 -42.83
N SER A 95 3.37 -5.46 -43.37
CA SER A 95 2.55 -4.25 -43.10
C SER A 95 1.21 -4.32 -43.80
N ARG A 96 1.21 -4.83 -45.02
CA ARG A 96 -0.05 -5.12 -45.71
C ARG A 96 -0.99 -5.96 -44.86
N ILE A 97 -0.47 -7.01 -44.26
CA ILE A 97 -1.29 -7.91 -43.49
C ILE A 97 -1.86 -7.19 -42.26
N LEU A 98 -1.00 -6.52 -41.50
CA LEU A 98 -1.45 -5.86 -40.25
C LEU A 98 -2.49 -4.78 -40.54
N ASN A 99 -2.24 -4.00 -41.58
CA ASN A 99 -3.25 -3.11 -42.20
C ASN A 99 -4.61 -3.79 -42.47
N ASP A 100 -4.61 -4.93 -43.14
CA ASP A 100 -5.86 -5.64 -43.47
C ASP A 100 -6.57 -6.12 -42.21
N ILE A 101 -5.79 -6.62 -41.27
CA ILE A 101 -6.33 -7.03 -39.97
C ILE A 101 -6.95 -5.84 -39.22
N MET A 102 -6.30 -4.69 -39.26
CA MET A 102 -6.78 -3.53 -38.53
C MET A 102 -8.11 -3.04 -39.11
N ARG A 103 -8.18 -2.99 -40.43
CA ARG A 103 -9.40 -2.62 -41.11
C ARG A 103 -10.53 -3.57 -40.76
N ARG A 104 -10.22 -4.87 -40.70
CA ARG A 104 -11.25 -5.86 -40.44
C ARG A 104 -11.81 -5.70 -39.05
N GLU A 105 -10.94 -5.43 -38.09
CA GLU A 105 -11.33 -5.42 -36.68
C GLU A 105 -11.89 -4.06 -36.21
N THR A 106 -11.60 -2.98 -36.96
CA THR A 106 -12.10 -1.62 -36.59
C THR A 106 -13.21 -1.09 -37.52
N GLY A 107 -13.44 -1.76 -38.64
CA GLY A 107 -14.27 -1.20 -39.70
C GLY A 107 -13.57 -0.09 -40.49
N ARG A 108 -12.58 0.55 -39.88
CA ARG A 108 -11.94 1.73 -40.48
C ARG A 108 -11.02 1.34 -41.63
N ASP A 109 -11.09 2.12 -42.69
CA ASP A 109 -10.28 1.87 -43.85
C ASP A 109 -9.10 2.85 -43.90
N ASP A 110 -8.27 2.82 -42.87
CA ASP A 110 -7.08 3.68 -42.83
C ASP A 110 -5.85 2.90 -43.21
N ARG A 111 -4.83 3.63 -43.66
CA ARG A 111 -3.58 3.01 -44.07
C ARG A 111 -2.42 3.42 -43.16
N TYR A 112 -1.58 2.43 -42.79
CA TYR A 112 -0.47 2.66 -41.88
C TYR A 112 0.83 2.33 -42.55
N ASN A 113 1.83 3.18 -42.35
CA ASN A 113 3.21 2.84 -42.66
C ASN A 113 3.86 2.10 -41.54
N ALA A 114 4.77 1.19 -41.90
CA ALA A 114 5.47 0.36 -40.93
C ALA A 114 6.95 0.71 -40.88
N ILE A 115 7.44 0.93 -39.67
CA ILE A 115 8.88 1.00 -39.41
C ILE A 115 9.23 -0.05 -38.37
N PHE A 116 10.23 -0.87 -38.67
CA PHE A 116 10.52 -2.05 -37.86
C PHE A 116 11.63 -1.76 -36.87
N ALA A 117 11.71 -2.54 -35.80
CA ALA A 117 12.80 -2.38 -34.84
C ALA A 117 13.08 -3.68 -34.08
N ASN A 118 13.82 -3.59 -32.97
CA ASN A 118 14.34 -4.76 -32.30
C ASN A 118 13.77 -5.01 -30.87
N SER A 119 12.99 -4.07 -30.36
CA SER A 119 12.33 -4.26 -29.09
C SER A 119 11.18 -3.32 -28.97
N GLY A 120 10.37 -3.53 -27.94
CA GLY A 120 9.20 -2.70 -27.71
C GLY A 120 9.58 -1.26 -27.46
N ALA A 121 10.63 -1.08 -26.67
CA ALA A 121 11.09 0.24 -26.33
C ALA A 121 11.56 0.97 -27.57
N GLU A 122 12.27 0.26 -28.46
CA GLU A 122 12.73 0.85 -29.70
C GLU A 122 11.55 1.30 -30.57
N ALA A 123 10.49 0.50 -30.58
CA ALA A 123 9.34 0.81 -31.41
C ALA A 123 8.62 2.02 -30.83
N ASN A 124 8.37 2.00 -29.52
CA ASN A 124 7.80 3.16 -28.86
C ASN A 124 8.63 4.40 -29.06
N GLU A 125 9.94 4.26 -29.13
CA GLU A 125 10.82 5.42 -29.28
C GLU A 125 10.84 5.96 -30.73
N ILE A 126 10.63 5.09 -31.69
CA ILE A 126 10.36 5.51 -33.04
C ILE A 126 9.12 6.38 -33.07
N CYS A 127 8.12 5.98 -32.29
CA CYS A 127 6.87 6.75 -32.18
C CYS A 127 7.15 8.10 -31.52
N MET A 128 7.90 8.08 -30.43
CA MET A 128 8.29 9.33 -29.72
C MET A 128 8.97 10.28 -30.68
N LYS A 129 9.85 9.76 -31.51
CA LYS A 129 10.62 10.56 -32.43
C LYS A 129 9.73 11.13 -33.53
N HIS A 130 8.80 10.34 -34.02
CA HIS A 130 7.94 10.81 -35.08
C HIS A 130 6.94 11.82 -34.57
N ALA A 131 6.51 11.64 -33.33
CA ALA A 131 5.66 12.64 -32.64
C ALA A 131 6.34 13.98 -32.63
N GLU A 132 7.63 13.96 -32.36
CA GLU A 132 8.39 15.19 -32.20
C GLU A 132 8.70 15.80 -33.55
N LEU A 133 8.75 14.99 -34.61
CA LEU A 133 8.81 15.55 -35.97
C LEU A 133 7.55 16.35 -36.29
N GLU A 134 6.39 15.81 -35.87
CA GLU A 134 5.10 16.49 -36.13
C GLU A 134 5.00 17.82 -35.37
N ARG A 135 5.48 17.83 -34.13
CA ARG A 135 5.45 19.06 -33.32
C ARG A 135 6.37 20.16 -33.90
N GLN A 136 7.57 19.77 -34.34
CA GLN A 136 8.48 20.69 -35.02
C GLN A 136 7.86 21.29 -36.28
N GLU A 137 7.04 20.50 -36.98
CA GLU A 137 6.28 21.02 -38.13
C GLU A 137 5.22 22.03 -37.72
N ARG A 138 4.50 21.73 -36.64
CA ARG A 138 3.53 22.70 -36.09
C ARG A 138 4.26 23.94 -35.60
N ILE A 139 5.35 23.74 -34.91
CA ILE A 139 6.12 24.83 -34.35
C ILE A 139 6.62 25.77 -35.44
N THR A 140 7.21 25.21 -36.49
CA THR A 140 7.70 26.03 -37.60
C THR A 140 6.61 26.89 -38.15
N ALA A 141 5.43 26.31 -38.29
CA ALA A 141 4.29 27.01 -38.91
C ALA A 141 3.84 28.20 -38.05
N LEU A 142 3.73 27.98 -36.74
CA LEU A 142 3.27 29.03 -35.83
C LEU A 142 4.26 30.19 -35.79
N PHE A 143 5.54 29.87 -35.73
CA PHE A 143 6.58 30.88 -35.73
C PHE A 143 6.66 31.63 -37.04
N ALA A 144 6.30 30.97 -38.13
CA ALA A 144 6.17 31.66 -39.41
C ALA A 144 5.04 32.70 -39.38
N GLU A 145 3.89 32.34 -38.80
CA GLU A 145 2.76 33.29 -38.68
C GLU A 145 3.13 34.46 -37.79
N ILE A 146 3.77 34.15 -36.68
CA ILE A 146 4.15 35.14 -35.70
C ILE A 146 5.07 36.20 -36.32
N ASP A 147 6.06 35.74 -37.09
CA ASP A 147 6.90 36.65 -37.88
C ASP A 147 6.07 37.64 -38.68
N ALA A 148 5.08 37.13 -39.44
CA ALA A 148 4.26 37.99 -40.32
C ALA A 148 3.34 38.92 -39.54
N GLU A 149 2.77 38.42 -38.43
CA GLU A 149 2.00 39.26 -37.47
C GLU A 149 2.87 40.41 -36.96
N LEU A 150 4.16 40.13 -36.71
CA LEU A 150 5.08 41.14 -36.20
C LEU A 150 5.41 42.18 -37.27
N ASP A 151 5.86 41.70 -38.43
CA ASP A 151 6.16 42.61 -39.57
C ASP A 151 4.97 43.56 -39.84
N THR A 152 3.77 43.01 -39.81
CA THR A 152 2.54 43.79 -40.04
C THR A 152 2.32 44.84 -38.93
N ALA A 153 2.44 44.42 -37.68
CA ALA A 153 2.20 45.31 -36.55
C ALA A 153 3.27 46.40 -36.48
N ARG A 154 4.46 46.11 -37.01
CA ARG A 154 5.56 47.08 -37.03
C ARG A 154 5.35 48.17 -38.10
N GLU A 155 4.76 47.78 -39.23
CA GLU A 155 4.51 48.70 -40.34
C GLU A 155 3.31 49.58 -40.06
N ALA A 156 2.37 49.05 -39.29
CA ALA A 156 1.27 49.85 -38.78
C ALA A 156 1.76 50.85 -37.76
N LEU A 157 2.65 50.39 -36.88
CA LEU A 157 3.09 51.22 -35.76
C LEU A 157 4.06 52.32 -36.21
N THR A 158 4.89 52.03 -37.21
CA THR A 158 5.86 53.02 -37.73
C THR A 158 5.22 53.95 -38.75
N THR A 159 4.54 53.38 -39.74
CA THR A 159 3.96 54.19 -40.83
C THR A 159 2.90 55.17 -40.31
N GLY A 160 2.16 54.75 -39.28
CA GLY A 160 1.26 55.68 -38.58
C GLY A 160 0.10 55.00 -37.89
N THR A 161 -0.64 54.18 -38.65
CA THR A 161 -2.07 53.94 -38.39
C THR A 161 -2.36 53.59 -36.93
N ALA A 162 -1.55 52.70 -36.36
CA ALA A 162 -1.86 52.13 -35.05
C ALA A 162 -0.95 52.68 -33.95
N THR A 163 -1.42 52.58 -32.71
CA THR A 163 -0.59 52.83 -31.54
C THR A 163 -0.55 51.60 -30.65
N LEU A 164 0.63 51.32 -30.11
CA LEU A 164 0.80 50.21 -29.16
C LEU A 164 0.03 50.51 -27.89
N ASP A 165 -0.88 49.62 -27.51
CA ASP A 165 -1.55 49.71 -26.20
C ASP A 165 -0.65 49.18 -25.09
N THR A 166 -0.36 50.05 -24.12
CA THR A 166 0.77 49.88 -23.23
C THR A 166 0.41 48.98 -22.04
N ALA A 167 -0.89 48.78 -21.82
CA ALA A 167 -1.37 47.91 -20.73
C ALA A 167 -1.02 46.44 -20.98
N SER A 168 -0.66 46.12 -22.21
CA SER A 168 -0.30 44.75 -22.58
C SER A 168 1.16 44.43 -22.24
N LEU A 169 1.91 45.44 -21.82
CA LEU A 169 3.37 45.35 -21.78
C LEU A 169 3.90 44.58 -20.56
N PRO A 170 3.07 44.42 -19.51
CA PRO A 170 3.45 43.46 -18.46
C PRO A 170 3.87 42.08 -19.02
N LEU A 171 3.32 41.68 -20.16
CA LEU A 171 3.68 40.37 -20.77
C LEU A 171 5.17 40.31 -21.21
N VAL A 172 5.71 41.45 -21.63
CA VAL A 172 7.15 41.61 -21.77
C VAL A 172 7.68 42.63 -20.75
N ASP A 178 8.34 50.94 -26.72
CA ASP A 178 8.96 51.25 -28.02
C ASP A 178 9.14 49.98 -28.86
N VAL A 179 8.98 50.12 -30.18
CA VAL A 179 8.72 48.98 -31.05
C VAL A 179 9.83 47.93 -30.95
N ASP A 180 11.00 48.26 -31.50
CA ASP A 180 12.05 47.26 -31.73
C ASP A 180 12.40 46.51 -30.46
N GLY A 181 12.43 47.24 -29.33
CA GLY A 181 12.72 46.64 -28.03
C GLY A 181 11.68 45.63 -27.60
N VAL A 182 10.42 45.90 -27.92
CA VAL A 182 9.32 44.99 -27.58
C VAL A 182 9.36 43.76 -28.51
N ILE A 183 9.67 43.99 -29.77
CA ILE A 183 9.84 42.92 -30.76
C ILE A 183 10.93 41.94 -30.32
N ALA A 184 12.12 42.47 -30.01
CA ALA A 184 13.28 41.62 -29.67
C ALA A 184 13.05 40.87 -28.36
N ASP A 185 12.28 41.46 -27.45
CA ASP A 185 11.94 40.79 -26.17
C ASP A 185 10.99 39.62 -26.40
N ILE A 186 10.06 39.79 -27.33
CA ILE A 186 9.16 38.72 -27.74
C ILE A 186 9.95 37.56 -28.39
N HIS A 187 10.86 37.88 -29.31
CA HIS A 187 11.73 36.85 -29.91
C HIS A 187 12.60 36.14 -28.89
N ARG A 188 13.11 36.89 -27.91
CA ARG A 188 13.86 36.30 -26.81
C ARG A 188 12.98 35.35 -25.99
N HIS A 189 11.79 35.80 -25.66
CA HIS A 189 10.83 34.98 -24.93
C HIS A 189 10.51 33.71 -25.72
N ASN A 190 10.15 33.87 -26.99
CA ASN A 190 9.67 32.76 -27.79
C ASN A 190 10.77 31.70 -28.00
N ASP A 191 12.01 32.14 -28.22
CA ASP A 191 13.14 31.21 -28.51
C ASP A 191 13.47 30.35 -27.28
N GLU A 192 13.38 30.96 -26.10
CA GLU A 192 13.49 30.20 -24.87
C GLU A 192 12.43 29.11 -24.82
N ARG A 193 11.19 29.48 -25.14
CA ARG A 193 10.06 28.57 -25.06
C ARG A 193 10.18 27.42 -26.13
N ARG A 194 10.68 27.78 -27.31
CA ARG A 194 10.86 26.84 -28.39
C ARG A 194 11.81 25.73 -28.03
N ALA A 195 12.82 26.02 -27.23
CA ALA A 195 13.87 25.05 -26.95
C ALA A 195 13.56 24.19 -25.73
N GLU A 196 12.56 24.55 -24.93
CA GLU A 196 12.13 23.70 -23.78
C GLU A 196 11.75 22.32 -24.27
N ARG A 197 12.09 21.32 -23.50
CA ARG A 197 11.74 19.98 -23.83
C ARG A 197 10.23 19.84 -23.88
N PRO A 198 9.71 18.95 -24.75
CA PRO A 198 8.29 18.66 -24.76
C PRO A 198 7.90 17.80 -23.61
N LEU A 199 6.60 17.65 -23.44
CA LEU A 199 6.05 16.74 -22.48
C LEU A 199 5.42 15.50 -23.21
N PHE A 200 5.46 14.36 -22.56
CA PHE A 200 4.61 13.24 -22.96
C PHE A 200 3.55 12.94 -21.90
N LEU A 201 2.37 12.51 -22.35
CA LEU A 201 1.33 12.12 -21.45
C LEU A 201 1.22 10.60 -21.41
N THR A 202 1.09 10.05 -20.21
CA THR A 202 0.88 8.62 -20.04
C THR A 202 -0.14 8.39 -18.94
N LEU A 203 -0.42 7.14 -18.64
CA LEU A 203 -1.29 6.81 -17.50
C LEU A 203 -0.45 6.40 -16.29
N ASP A 204 -1.05 6.49 -15.10
CA ASP A 204 -0.42 5.97 -13.90
C ASP A 204 -0.23 4.44 -14.05
N GLY A 205 0.95 3.96 -13.66
CA GLY A 205 1.28 2.54 -13.79
C GLY A 205 1.77 2.18 -15.18
N SER A 206 1.90 3.18 -16.06
CA SER A 206 2.32 2.94 -17.41
C SER A 206 3.66 2.25 -17.42
N PHE A 207 3.82 1.30 -18.36
CA PHE A 207 5.07 0.60 -18.60
C PHE A 207 5.27 0.58 -20.12
N HIS A 208 6.20 1.41 -20.61
CA HIS A 208 6.42 1.58 -22.08
C HIS A 208 7.86 1.27 -22.50
N GLY A 209 8.67 0.83 -21.54
CA GLY A 209 10.07 0.46 -21.82
C GLY A 209 11.01 1.19 -20.89
N LYS A 210 12.28 0.76 -20.91
CA LYS A 210 13.22 1.12 -19.86
C LYS A 210 14.51 1.75 -20.42
N LEU A 211 14.48 2.17 -21.67
CA LEU A 211 15.61 2.91 -22.26
C LEU A 211 15.57 4.38 -21.83
N VAL A 212 16.59 5.14 -22.23
CA VAL A 212 16.75 6.53 -21.77
C VAL A 212 15.48 7.38 -22.00
N GLY A 213 14.88 7.22 -23.18
CA GLY A 213 13.66 7.95 -23.54
C GLY A 213 12.44 7.30 -22.94
N SER A 214 12.30 6.01 -23.19
CA SER A 214 11.11 5.27 -22.79
C SER A 214 10.94 5.17 -21.26
N ILE A 215 12.05 5.10 -20.51
CA ILE A 215 11.95 4.97 -19.03
C ILE A 215 11.16 6.11 -18.39
N GLN A 216 11.24 7.30 -18.98
CA GLN A 216 10.49 8.47 -18.43
C GLN A 216 8.97 8.25 -18.58
N LEU A 217 8.58 7.40 -19.54
CA LEU A 217 7.16 7.06 -19.77
C LEU A 217 6.72 5.94 -18.81
N THR A 218 7.67 5.42 -18.03
CA THR A 218 7.40 4.30 -17.14
C THR A 218 7.32 4.80 -15.68
N GLN A 219 6.18 4.60 -15.08
CA GLN A 219 5.91 5.17 -13.78
C GLN A 219 6.83 4.62 -12.69
N ASN A 220 7.01 3.29 -12.66
CA ASN A 220 7.74 2.65 -11.53
C ASN A 220 8.87 3.56 -11.02
N GLU A 221 8.79 3.95 -9.75
CA GLU A 221 9.59 5.09 -9.22
C GLU A 221 11.10 4.80 -9.14
N PRO A 222 11.49 3.67 -8.54
CA PRO A 222 12.92 3.37 -8.44
C PRO A 222 13.57 3.05 -9.80
N TRP A 223 12.76 2.65 -10.78
CA TRP A 223 13.27 2.43 -12.15
C TRP A 223 13.54 3.76 -12.89
N ARG A 224 12.74 4.78 -12.60
CA ARG A 224 12.67 5.98 -13.44
C ARG A 224 13.39 7.18 -12.80
N THR A 225 13.10 7.44 -11.52
CA THR A 225 13.51 8.72 -10.86
C THR A 225 15.02 9.02 -10.94
N PRO A 226 15.87 7.97 -10.87
CA PRO A 226 17.33 8.23 -10.94
C PRO A 226 17.76 8.85 -12.28
N PHE A 227 16.89 8.76 -13.28
CA PHE A 227 17.23 9.13 -14.64
C PHE A 227 16.44 10.37 -15.11
N THR A 228 15.67 10.96 -14.19
CA THR A 228 14.87 12.17 -14.47
C THR A 228 15.60 13.25 -15.30
N ALA A 229 16.85 13.53 -14.94
CA ALA A 229 17.59 14.64 -15.55
C ALA A 229 17.92 14.41 -17.06
N LEU A 230 17.81 13.15 -17.53
CA LEU A 230 18.33 12.78 -18.84
C LEU A 230 17.41 13.23 -19.99
N SER A 231 16.09 13.07 -19.80
CA SER A 231 15.16 13.04 -20.93
C SER A 231 13.77 13.67 -20.59
N SER A 232 13.01 14.02 -21.62
CA SER A 232 11.73 14.65 -21.42
C SER A 232 10.84 13.81 -20.54
N PRO A 233 10.08 14.45 -19.67
CA PRO A 233 9.24 13.73 -18.74
C PRO A 233 7.87 13.44 -19.29
N ALA A 234 7.16 12.57 -18.59
CA ALA A 234 5.76 12.31 -18.84
C ALA A 234 4.95 12.84 -17.71
N ARG A 235 3.71 13.20 -17.98
CA ARG A 235 2.77 13.37 -16.91
C ARG A 235 1.88 12.18 -16.81
N PHE A 236 1.72 11.69 -15.60
CA PHE A 236 1.11 10.43 -15.39
C PHE A 236 -0.32 10.62 -14.96
N LEU A 237 -1.23 10.45 -15.89
CA LEU A 237 -2.63 10.78 -15.66
C LEU A 237 -3.27 9.68 -14.80
N PRO A 238 -4.14 10.08 -13.86
CA PRO A 238 -4.88 9.12 -13.04
C PRO A 238 -6.01 8.46 -13.81
N ALA A 239 -5.82 7.19 -14.17
CA ALA A 239 -6.72 6.49 -15.09
C ALA A 239 -8.05 6.19 -14.45
N ASP A 240 -8.07 6.04 -13.13
CA ASP A 240 -9.30 5.70 -12.41
C ASP A 240 -10.21 6.92 -12.19
N GLU A 241 -9.61 8.11 -12.17
CA GLU A 241 -10.35 9.36 -11.96
C GLU A 241 -10.16 10.33 -13.14
N PRO A 242 -10.73 9.99 -14.29
CA PRO A 242 -10.43 10.72 -15.54
C PRO A 242 -11.01 12.14 -15.59
N GLU A 243 -12.13 12.36 -14.92
CA GLU A 243 -12.67 13.73 -14.80
C GLU A 243 -11.58 14.73 -14.30
N LEU A 244 -10.52 14.21 -13.67
CA LEU A 244 -9.38 15.05 -13.17
C LEU A 244 -8.33 15.39 -14.25
N ILE A 245 -8.34 14.67 -15.37
CA ILE A 245 -7.24 14.71 -16.31
C ILE A 245 -7.19 16.04 -17.09
N GLY A 246 -8.38 16.60 -17.37
CA GLY A 246 -8.48 17.86 -18.11
C GLY A 246 -7.74 18.99 -17.46
N LYS A 247 -7.90 19.14 -16.16
CA LYS A 247 -7.26 20.23 -15.41
C LYS A 247 -5.74 20.04 -15.37
N ILE A 248 -5.29 18.81 -15.23
CA ILE A 248 -3.86 18.55 -15.15
C ILE A 248 -3.16 18.92 -16.45
N VAL A 249 -3.82 18.66 -17.58
CA VAL A 249 -3.27 19.02 -18.88
C VAL A 249 -3.39 20.51 -19.14
N GLU A 250 -4.47 21.10 -18.68
CA GLU A 250 -4.63 22.56 -18.74
C GLU A 250 -3.52 23.27 -17.97
N ASP A 251 -3.15 22.75 -16.81
CA ASP A 251 -1.99 23.29 -16.06
C ASP A 251 -0.74 23.40 -16.92
N GLU A 252 -0.64 22.54 -17.92
CA GLU A 252 0.59 22.41 -18.65
C GLU A 252 0.64 23.28 -19.88
N ARG A 253 -0.44 23.97 -20.17
CA ARG A 253 -0.43 24.94 -21.26
C ARG A 253 0.74 25.86 -21.13
N ARG A 254 1.39 26.14 -22.24
CA ARG A 254 2.37 27.21 -22.34
C ARG A 254 2.07 28.00 -23.59
N SER A 255 2.29 29.30 -23.53
CA SER A 255 2.03 30.15 -24.66
C SER A 255 3.29 30.88 -25.12
N VAL A 256 3.24 31.37 -26.35
CA VAL A 256 4.25 32.29 -26.89
C VAL A 256 3.59 33.65 -27.12
N LEU A 257 4.38 34.61 -27.55
CA LEU A 257 3.91 35.96 -27.67
C LEU A 257 3.89 36.38 -29.11
N THR A 258 2.92 37.22 -29.47
CA THR A 258 2.93 37.91 -30.73
C THR A 258 2.36 39.32 -30.61
N LEU A 259 2.40 40.07 -31.71
CA LEU A 259 1.71 41.37 -31.80
C LEU A 259 0.47 41.27 -32.71
N SER A 260 -0.65 41.76 -32.22
CA SER A 260 -1.92 41.57 -32.87
C SER A 260 -2.52 42.92 -33.22
N LEU A 261 -2.81 43.12 -34.50
CA LEU A 261 -3.31 44.39 -35.00
C LEU A 261 -4.83 44.40 -35.00
N ASP A 262 -5.41 45.48 -34.52
CA ASP A 262 -6.84 45.72 -34.64
C ASP A 262 -7.08 47.20 -35.04
N LYS A 263 -6.98 47.49 -36.34
CA LYS A 263 -7.19 48.85 -36.90
C LYS A 263 -6.14 49.87 -36.39
N ASP A 264 -6.21 50.18 -35.09
CA ASP A 264 -5.53 51.33 -34.52
C ASP A 264 -4.84 50.95 -33.21
N THR A 265 -5.38 49.96 -32.53
CA THR A 265 -4.74 49.38 -31.35
C THR A 265 -3.86 48.18 -31.77
N VAL A 266 -2.58 48.24 -31.43
CA VAL A 266 -1.72 47.05 -31.43
C VAL A 266 -1.52 46.56 -29.99
N ARG A 267 -1.72 45.25 -29.78
CA ARG A 267 -1.62 44.63 -28.45
C ARG A 267 -0.61 43.46 -28.49
N VAL A 268 0.18 43.32 -27.43
CA VAL A 268 0.92 42.09 -27.17
C VAL A 268 -0.04 41.08 -26.59
N VAL A 269 -0.01 39.85 -27.12
CA VAL A 269 -0.94 38.82 -26.69
C VAL A 269 -0.27 37.46 -26.68
N GLU A 270 -0.84 36.55 -25.90
CA GLU A 270 -0.38 35.18 -25.83
C GLU A 270 -1.01 34.36 -26.96
N ARG A 271 -0.29 33.35 -27.45
CA ARG A 271 -0.82 32.37 -28.39
C ARG A 271 -0.36 30.99 -27.97
N ASP A 272 -1.20 29.97 -28.16
CA ASP A 272 -0.94 28.65 -27.61
C ASP A 272 0.30 28.04 -28.27
N PHE A 273 1.10 27.34 -27.47
CA PHE A 273 2.30 26.69 -27.93
C PHE A 273 2.13 25.19 -27.72
N PRO A 274 2.46 24.37 -28.72
CA PRO A 274 2.39 22.90 -28.56
C PRO A 274 3.50 22.35 -27.69
N VAL A 275 3.19 22.06 -26.44
CA VAL A 275 4.16 21.42 -25.53
C VAL A 275 4.09 19.91 -25.58
N VAL A 276 2.91 19.37 -25.85
CA VAL A 276 2.69 17.95 -25.72
C VAL A 276 2.98 17.28 -27.05
N ALA A 277 3.93 16.34 -27.04
CA ALA A 277 4.39 15.66 -28.28
C ALA A 277 3.55 14.41 -28.61
N ALA A 278 3.07 13.72 -27.57
CA ALA A 278 2.23 12.55 -27.76
C ALA A 278 1.57 12.12 -26.46
N ILE A 279 0.49 11.35 -26.63
CA ILE A 279 -0.18 10.64 -25.55
C ILE A 279 0.03 9.12 -25.75
N PHE A 280 0.46 8.40 -24.70
CA PHE A 280 0.68 6.92 -24.77
C PHE A 280 -0.35 6.19 -23.93
N VAL A 281 -0.91 5.09 -24.48
CA VAL A 281 -1.84 4.23 -23.70
C VAL A 281 -1.62 2.75 -24.01
N GLU A 282 -1.68 1.94 -22.95
CA GLU A 282 -1.78 0.48 -23.10
C GLU A 282 -3.22 0.06 -22.98
N PRO A 283 -3.73 -0.70 -23.97
CA PRO A 283 -5.12 -1.17 -23.89
C PRO A 283 -5.39 -2.00 -22.66
N VAL A 284 -4.39 -2.74 -22.22
CA VAL A 284 -4.45 -3.42 -20.94
C VAL A 284 -3.14 -3.16 -20.26
N ARG A 285 -3.22 -2.67 -19.03
CA ARG A 285 -2.11 -1.89 -18.46
C ARG A 285 -1.25 -2.76 -17.52
N GLY A 286 -0.12 -3.26 -18.04
CA GLY A 286 0.68 -4.27 -17.36
C GLY A 286 1.25 -3.82 -16.04
N GLY A 287 1.84 -2.62 -16.02
CA GLY A 287 2.41 -2.07 -14.79
C GLY A 287 1.35 -1.69 -13.75
N SER A 288 0.06 -1.79 -14.10
CA SER A 288 -1.03 -1.51 -13.15
C SER A 288 -1.74 -2.77 -12.67
N GLY A 289 -1.27 -3.94 -13.12
CA GLY A 289 -1.89 -5.21 -12.74
C GLY A 289 -2.99 -5.66 -13.69
N MET A 290 -2.79 -5.42 -14.99
CA MET A 290 -3.68 -5.95 -16.07
C MET A 290 -5.05 -5.27 -16.16
N LYS A 291 -5.13 -4.03 -15.75
CA LYS A 291 -6.38 -3.30 -15.83
C LYS A 291 -6.63 -2.85 -17.27
N THR A 292 -7.81 -3.13 -17.78
CA THR A 292 -8.18 -2.70 -19.11
C THR A 292 -8.69 -1.25 -19.05
N VAL A 293 -8.39 -0.49 -20.10
CA VAL A 293 -8.83 0.87 -20.23
C VAL A 293 -10.34 0.92 -20.35
N THR A 294 -10.97 1.68 -19.46
CA THR A 294 -12.42 1.81 -19.42
C THR A 294 -12.87 2.68 -20.59
N PRO A 295 -14.12 2.49 -21.03
CA PRO A 295 -14.68 3.37 -22.06
C PRO A 295 -14.58 4.87 -21.72
N GLU A 296 -14.90 5.23 -20.48
CA GLU A 296 -14.75 6.60 -20.03
C GLU A 296 -13.32 7.13 -20.27
N LEU A 297 -12.33 6.34 -19.87
CA LEU A 297 -10.94 6.77 -20.02
C LEU A 297 -10.55 6.92 -21.51
N ALA A 298 -11.00 5.98 -22.34
CA ALA A 298 -10.72 6.02 -23.76
C ALA A 298 -11.25 7.29 -24.35
N GLU A 299 -12.42 7.69 -23.93
CA GLU A 299 -13.05 8.86 -24.49
C GLU A 299 -12.35 10.13 -24.04
N GLU A 300 -11.77 10.11 -22.86
CA GLU A 300 -10.96 11.24 -22.41
C GLU A 300 -9.63 11.35 -23.20
N LEU A 301 -9.04 10.21 -23.56
CA LEU A 301 -7.83 10.21 -24.34
C LEU A 301 -8.09 10.71 -25.77
N HIS A 302 -9.22 10.31 -26.33
CA HIS A 302 -9.67 10.82 -27.60
C HIS A 302 -9.85 12.33 -27.58
N ARG A 303 -10.49 12.84 -26.53
CA ARG A 303 -10.70 14.25 -26.41
C ARG A 303 -9.38 14.96 -26.35
N LEU A 304 -8.44 14.38 -25.61
CA LEU A 304 -7.13 14.99 -25.43
C LEU A 304 -6.39 15.07 -26.76
N ARG A 305 -6.40 13.95 -27.50
CA ARG A 305 -5.77 13.87 -28.80
C ARG A 305 -6.40 14.85 -29.80
N ASP A 306 -7.73 14.89 -29.84
CA ASP A 306 -8.43 15.89 -30.70
C ASP A 306 -8.07 17.32 -30.28
N THR A 307 -7.98 17.54 -28.98
CA THR A 307 -7.80 18.90 -28.45
C THR A 307 -6.40 19.45 -28.71
N LEU A 308 -5.38 18.64 -28.39
CA LEU A 308 -3.99 19.10 -28.43
C LEU A 308 -3.39 18.98 -29.83
N GLY A 309 -3.95 18.09 -30.63
CA GLY A 309 -3.50 17.88 -32.01
C GLY A 309 -2.21 17.06 -32.13
N CYS A 310 -1.83 16.41 -31.04
CA CYS A 310 -0.76 15.42 -31.05
C CYS A 310 -1.32 14.02 -31.25
N PRO A 311 -0.45 13.04 -31.58
CA PRO A 311 -0.87 11.67 -31.80
C PRO A 311 -1.16 10.91 -30.50
N LEU A 312 -2.22 10.11 -30.54
CA LEU A 312 -2.44 9.02 -29.58
C LEU A 312 -1.68 7.76 -30.01
N VAL A 313 -0.65 7.41 -29.25
CA VAL A 313 0.15 6.20 -29.48
C VAL A 313 -0.38 5.03 -28.64
N VAL A 314 -0.89 4.02 -29.32
CA VAL A 314 -1.43 2.83 -28.67
C VAL A 314 -0.38 1.74 -28.59
N ASP A 315 0.04 1.41 -27.36
CA ASP A 315 1.15 0.46 -27.13
C ASP A 315 0.56 -0.93 -26.96
N GLU A 316 0.69 -1.77 -28.01
CA GLU A 316 0.18 -3.14 -27.98
C GLU A 316 1.33 -4.15 -27.99
N VAL A 317 2.48 -3.74 -27.46
CA VAL A 317 3.56 -4.68 -27.22
C VAL A 317 3.05 -5.97 -26.53
N GLN A 318 2.26 -5.82 -25.45
CA GLN A 318 1.72 -6.98 -24.72
C GLN A 318 0.38 -7.45 -25.25
N THR A 319 -0.56 -6.50 -25.43
CA THR A 319 -1.98 -6.80 -25.74
C THR A 319 -2.21 -7.37 -27.17
N GLY A 320 -1.23 -7.22 -28.03
CA GLY A 320 -1.40 -7.60 -29.43
C GLY A 320 -1.02 -9.07 -29.75
N ILE A 321 -1.11 -9.39 -31.04
CA ILE A 321 -1.05 -10.73 -31.52
C ILE A 321 -1.92 -11.65 -30.69
N GLY A 322 -3.16 -11.25 -30.47
CA GLY A 322 -4.25 -12.19 -30.22
C GLY A 322 -4.54 -12.35 -28.75
N ARG A 323 -3.62 -11.89 -27.92
CA ARG A 323 -3.66 -12.15 -26.50
C ARG A 323 -5.01 -11.82 -25.87
N THR A 324 -5.68 -10.78 -26.35
CA THR A 324 -6.92 -10.32 -25.72
C THR A 324 -8.16 -10.98 -26.33
N GLY A 325 -7.97 -11.79 -27.36
CA GLY A 325 -9.10 -12.45 -28.07
C GLY A 325 -9.41 -11.75 -29.38
N ALA A 326 -8.62 -10.71 -29.68
CA ALA A 326 -8.48 -10.19 -31.04
C ALA A 326 -7.01 -9.85 -31.32
N PHE A 327 -6.68 -9.60 -32.56
CA PHE A 327 -5.32 -9.23 -32.87
C PHE A 327 -4.95 -7.99 -32.12
N PHE A 328 -5.73 -6.94 -32.29
CA PHE A 328 -5.48 -5.70 -31.62
C PHE A 328 -6.41 -5.56 -30.42
N GLY A 329 -5.83 -5.31 -29.25
CA GLY A 329 -6.61 -5.04 -28.05
C GLY A 329 -7.36 -3.72 -28.12
N SER A 330 -6.72 -2.72 -28.72
CA SER A 330 -7.34 -1.42 -28.96
C SER A 330 -8.68 -1.53 -29.75
N ALA A 331 -8.72 -2.40 -30.75
CA ALA A 331 -9.93 -2.63 -31.50
C ALA A 331 -11.01 -3.24 -30.64
N LEU A 332 -10.61 -4.13 -29.76
CA LEU A 332 -11.54 -4.74 -28.82
C LEU A 332 -12.14 -3.69 -27.91
N LEU A 333 -11.30 -2.77 -27.43
CA LEU A 333 -11.68 -1.86 -26.33
C LEU A 333 -12.04 -0.47 -26.85
N GLY A 334 -12.08 -0.32 -28.17
CA GLY A 334 -12.55 0.92 -28.78
C GLY A 334 -11.58 2.08 -28.63
N ILE A 335 -10.28 1.81 -28.66
CA ILE A 335 -9.28 2.87 -28.65
C ILE A 335 -8.75 3.17 -30.05
N ARG A 336 -8.91 4.41 -30.48
CA ARG A 336 -8.60 4.80 -31.85
C ARG A 336 -7.33 5.65 -31.84
N GLY A 337 -6.20 4.99 -31.95
CA GLY A 337 -4.91 5.66 -31.91
C GLY A 337 -4.52 6.12 -33.28
N ASP A 338 -3.46 6.92 -33.34
CA ASP A 338 -2.90 7.37 -34.59
C ASP A 338 -1.63 6.56 -34.93
N TYR A 339 -0.80 6.24 -33.91
CA TYR A 339 0.30 5.27 -34.08
C TYR A 339 0.02 4.01 -33.26
N TYR A 340 0.51 2.88 -33.74
CA TYR A 340 0.44 1.61 -32.99
C TYR A 340 1.82 0.95 -32.90
N THR A 341 2.12 0.27 -31.79
CA THR A 341 3.38 -0.47 -31.69
C THR A 341 3.12 -1.87 -31.28
N LEU A 342 3.84 -2.79 -31.89
CA LEU A 342 3.78 -4.23 -31.56
C LEU A 342 5.22 -4.81 -31.29
N ALA A 343 5.30 -5.84 -30.48
CA ALA A 343 6.54 -6.58 -30.28
C ALA A 343 6.25 -8.03 -29.76
N LYS A 344 7.05 -8.45 -28.79
CA LYS A 344 6.85 -9.71 -28.06
C LYS A 344 6.54 -10.98 -28.93
N ALA A 345 5.25 -11.24 -29.16
CA ALA A 345 4.82 -12.52 -29.74
C ALA A 345 5.13 -12.59 -31.22
N ILE A 346 5.56 -11.48 -31.80
CA ILE A 346 5.80 -11.40 -33.23
C ILE A 346 7.12 -12.05 -33.61
N GLY A 347 8.01 -12.18 -32.63
CA GLY A 347 9.24 -12.96 -32.80
C GLY A 347 9.04 -14.45 -32.60
N GLY A 348 7.80 -14.87 -32.35
CA GLY A 348 7.44 -16.31 -32.39
C GLY A 348 7.99 -17.09 -31.21
N GLY A 349 8.50 -16.38 -30.21
CA GLY A 349 9.07 -17.00 -29.04
C GLY A 349 10.56 -17.30 -29.15
N ILE A 350 11.17 -16.93 -30.29
CA ILE A 350 12.53 -17.33 -30.57
C ILE A 350 13.47 -16.19 -31.11
N VAL A 351 12.90 -15.21 -31.80
CA VAL A 351 13.70 -14.06 -32.27
C VAL A 351 13.13 -12.74 -31.78
N LYS A 352 13.79 -11.65 -32.15
CA LYS A 352 13.48 -10.31 -31.60
C LYS A 352 13.08 -9.36 -32.71
N ASN A 353 11.86 -8.85 -32.63
CA ASN A 353 11.31 -7.99 -33.66
C ASN A 353 10.27 -7.03 -33.05
N SER A 354 10.06 -5.88 -33.68
CA SER A 354 8.97 -4.99 -33.27
C SER A 354 8.63 -4.08 -34.38
N VAL A 355 7.54 -3.33 -34.22
CA VAL A 355 7.08 -2.48 -35.32
C VAL A 355 6.26 -1.28 -34.85
N ALA A 356 6.47 -0.16 -35.53
CA ALA A 356 5.66 1.02 -35.30
C ALA A 356 4.78 1.24 -36.51
N LEU A 357 3.46 1.27 -36.30
CA LEU A 357 2.52 1.58 -37.41
C LEU A 357 2.10 2.98 -37.26
N ILE A 358 2.36 3.78 -38.28
CA ILE A 358 2.09 5.22 -38.21
C ILE A 358 1.16 5.59 -39.35
N ARG A 359 0.09 6.34 -39.04
CA ARG A 359 -0.95 6.59 -40.02
C ARG A 359 -0.38 7.39 -41.19
N GLN A 360 -0.76 7.00 -42.40
CA GLN A 360 -0.12 7.52 -43.61
C GLN A 360 -0.49 8.96 -43.88
N ASP A 361 -1.69 9.36 -43.50
CA ASP A 361 -2.06 10.80 -43.59
C ASP A 361 -1.27 11.72 -42.59
N ARG A 362 -0.63 11.13 -41.59
CA ARG A 362 0.25 11.92 -40.65
C ARG A 362 1.75 11.65 -40.87
N PHE A 363 2.10 10.66 -41.68
CA PHE A 363 3.45 10.13 -41.68
C PHE A 363 4.37 11.02 -42.51
N LEU A 364 5.52 11.32 -41.97
CA LEU A 364 6.41 12.31 -42.55
C LEU A 364 7.58 11.61 -43.22
N PRO A 365 7.77 11.84 -44.51
CA PRO A 365 8.59 10.93 -45.29
C PRO A 365 10.05 10.91 -44.85
N ALA A 366 10.56 12.04 -44.37
CA ALA A 366 11.92 12.11 -43.84
C ALA A 366 12.23 10.93 -42.91
N MET A 367 11.26 10.55 -42.09
CA MET A 367 11.46 9.50 -41.09
C MET A 367 12.01 8.21 -41.71
N GLU A 368 11.57 7.90 -42.93
CA GLU A 368 11.97 6.64 -43.60
C GLU A 368 13.45 6.59 -43.91
N VAL A 369 14.10 7.76 -43.94
CA VAL A 369 15.52 7.83 -44.30
C VAL A 369 16.41 8.47 -43.25
N ILE A 370 15.84 9.13 -42.24
CA ILE A 370 16.66 9.64 -41.15
C ILE A 370 16.68 8.72 -39.94
N HIS A 371 15.69 7.84 -39.83
CA HIS A 371 15.77 6.76 -38.85
C HIS A 371 16.18 5.44 -39.50
N SER A 372 16.92 4.62 -38.76
CA SER A 372 17.44 3.36 -39.24
C SER A 372 18.11 2.61 -38.06
N SER A 373 18.43 1.34 -38.27
CA SER A 373 19.00 0.50 -37.21
C SER A 373 19.70 -0.67 -37.91
N THR A 374 20.79 -1.19 -37.32
CA THR A 374 21.57 -2.26 -37.96
C THR A 374 20.75 -3.54 -38.10
N PHE A 375 20.12 -3.98 -37.01
CA PHE A 375 19.47 -5.28 -36.93
C PHE A 375 18.00 -5.23 -37.41
N ALA A 376 17.46 -4.02 -37.52
CA ALA A 376 16.03 -3.87 -37.77
C ALA A 376 15.69 -4.29 -39.17
N LYS A 377 14.60 -5.04 -39.30
CA LYS A 377 14.12 -5.44 -40.62
C LYS A 377 14.94 -6.63 -41.20
N ASP A 378 15.73 -7.28 -40.36
CA ASP A 378 16.46 -8.46 -40.77
C ASP A 378 15.52 -9.51 -41.40
N GLY A 379 16.06 -10.25 -42.36
CA GLY A 379 15.30 -11.22 -43.12
C GLY A 379 14.74 -12.36 -42.29
N LEU A 380 15.46 -12.75 -41.25
CA LEU A 380 15.10 -13.94 -40.49
C LEU A 380 13.87 -13.69 -39.62
N SER A 381 13.89 -12.58 -38.87
CA SER A 381 12.74 -12.24 -38.03
C SER A 381 11.59 -11.77 -38.89
N ALA A 382 11.90 -11.21 -40.05
CA ALA A 382 10.87 -10.90 -41.04
C ALA A 382 10.12 -12.17 -41.44
N SER A 383 10.87 -13.22 -41.79
CA SER A 383 10.29 -14.47 -42.26
C SER A 383 9.46 -15.09 -41.16
N ILE A 384 9.97 -15.03 -39.95
CA ILE A 384 9.27 -15.60 -38.78
C ILE A 384 8.01 -14.80 -38.43
N ALA A 385 8.08 -13.47 -38.59
CA ALA A 385 6.88 -12.61 -38.48
C ALA A 385 5.74 -13.05 -39.41
N LEU A 386 6.05 -13.26 -40.69
CA LEU A 386 5.01 -13.75 -41.65
C LEU A 386 4.41 -15.04 -41.22
N LYS A 387 5.22 -15.93 -40.68
CA LYS A 387 4.72 -17.23 -40.22
C LYS A 387 3.74 -17.04 -39.05
N VAL A 388 4.14 -16.23 -38.06
CA VAL A 388 3.27 -15.97 -36.90
C VAL A 388 1.92 -15.41 -37.34
N LEU A 389 1.94 -14.48 -38.29
CA LEU A 389 0.71 -13.84 -38.77
C LEU A 389 -0.14 -14.82 -39.57
N GLU A 390 0.53 -15.73 -40.25
CA GLU A 390 -0.15 -16.81 -40.89
C GLU A 390 -0.86 -17.67 -39.84
N MET A 391 -0.18 -17.96 -38.74
CA MET A 391 -0.71 -18.89 -37.76
C MET A 391 -1.88 -18.28 -37.02
N VAL A 392 -1.75 -17.02 -36.67
CA VAL A 392 -2.74 -16.38 -35.83
C VAL A 392 -4.02 -16.09 -36.65
N GLU A 393 -3.87 -16.00 -37.97
CA GLU A 393 -4.98 -15.71 -38.89
C GLU A 393 -5.66 -16.97 -39.43
N ALA A 394 -5.02 -18.12 -39.24
CA ALA A 394 -5.43 -19.36 -39.93
C ALA A 394 -6.87 -19.81 -39.57
N ASP A 395 -7.51 -20.48 -40.53
CA ASP A 395 -8.80 -21.18 -40.30
C ASP A 395 -9.88 -20.21 -39.86
N GLY A 396 -10.01 -19.12 -40.61
CA GLY A 396 -11.11 -18.20 -40.44
C GLY A 396 -10.99 -17.45 -39.14
N GLY A 397 -9.75 -17.25 -38.69
CA GLY A 397 -9.50 -16.55 -37.44
C GLY A 397 -10.08 -17.27 -36.24
N ARG A 398 -9.84 -18.57 -36.16
CA ARG A 398 -10.34 -19.35 -35.06
C ARG A 398 -9.34 -19.41 -33.91
N VAL A 399 -8.11 -18.98 -34.15
CA VAL A 399 -7.15 -18.86 -33.07
C VAL A 399 -7.64 -17.86 -32.02
N TYR A 400 -8.22 -16.76 -32.46
CA TYR A 400 -8.79 -15.78 -31.55
C TYR A 400 -9.94 -16.40 -30.71
N GLN A 401 -10.73 -17.25 -31.33
CA GLN A 401 -11.87 -17.87 -30.66
C GLN A 401 -11.40 -18.80 -29.55
N ARG A 402 -10.38 -19.60 -29.85
CA ARG A 402 -9.66 -20.34 -28.84
C ARG A 402 -9.21 -19.45 -27.66
N VAL A 403 -8.50 -18.36 -27.96
CA VAL A 403 -8.02 -17.45 -26.89
C VAL A 403 -9.17 -16.98 -25.98
N ARG A 404 -10.27 -16.58 -26.62
CA ARG A 404 -11.45 -16.16 -25.87
C ARG A 404 -11.90 -17.24 -24.90
N GLU A 405 -12.07 -18.47 -25.41
CA GLU A 405 -12.68 -19.55 -24.61
C GLU A 405 -11.73 -20.11 -23.54
N ARG A 406 -10.43 -20.19 -23.85
CA ARG A 406 -9.41 -20.46 -22.84
C ARG A 406 -9.31 -19.34 -21.79
N GLY A 407 -9.39 -18.10 -22.26
CA GLY A 407 -9.40 -16.95 -21.38
C GLY A 407 -10.57 -16.96 -20.43
N GLN A 408 -11.77 -17.25 -20.96
CA GLN A 408 -12.99 -17.35 -20.13
C GLN A 408 -12.77 -18.39 -19.06
N ARG A 409 -12.37 -19.58 -19.48
CA ARG A 409 -12.17 -20.69 -18.56
C ARG A 409 -11.20 -20.30 -17.41
N LEU A 410 -10.06 -19.67 -17.75
CA LEU A 410 -9.02 -19.35 -16.77
C LEU A 410 -9.48 -18.23 -15.86
N GLU A 411 -10.21 -17.27 -16.41
CA GLU A 411 -10.73 -16.18 -15.61
C GLU A 411 -11.77 -16.65 -14.60
N ALA A 412 -12.62 -17.61 -15.01
CA ALA A 412 -13.66 -18.16 -14.13
C ALA A 412 -13.05 -18.92 -12.98
N MET A 413 -12.01 -19.67 -13.25
CA MET A 413 -11.25 -20.32 -12.20
C MET A 413 -10.71 -19.30 -11.23
N LEU A 414 -10.05 -18.26 -11.77
CA LEU A 414 -9.46 -17.22 -10.93
C LEU A 414 -10.55 -16.53 -10.11
N GLU A 415 -11.64 -16.16 -10.77
CA GLU A 415 -12.82 -15.55 -10.10
C GLU A 415 -13.40 -16.47 -9.01
N SER A 416 -13.39 -17.78 -9.28
CA SER A 416 -13.87 -18.76 -8.32
C SER A 416 -12.92 -18.85 -7.11
N VAL A 417 -11.62 -18.72 -7.38
CA VAL A 417 -10.63 -18.72 -6.30
C VAL A 417 -10.76 -17.44 -5.45
N ARG A 418 -11.02 -16.33 -6.12
CA ARG A 418 -11.24 -15.07 -5.42
C ARG A 418 -12.41 -15.16 -4.47
N ALA A 419 -13.49 -15.78 -4.94
CA ALA A 419 -14.76 -15.77 -4.20
C ALA A 419 -14.64 -16.49 -2.87
N ASP A 420 -13.76 -17.50 -2.82
CA ASP A 420 -13.50 -18.22 -1.57
C ASP A 420 -12.28 -17.67 -0.79
N HIS A 421 -11.54 -16.73 -1.39
CA HIS A 421 -10.35 -16.18 -0.74
C HIS A 421 -10.29 -14.67 -0.84
N SER A 422 -11.43 -14.03 -0.65
CA SER A 422 -11.55 -12.57 -0.80
C SER A 422 -10.83 -11.81 0.32
N ASP A 423 -10.47 -12.50 1.40
CA ASP A 423 -9.70 -11.90 2.48
C ASP A 423 -8.29 -11.54 2.07
N VAL A 424 -7.74 -12.26 1.10
CA VAL A 424 -6.36 -11.95 0.61
C VAL A 424 -6.29 -11.57 -0.88
N VAL A 425 -7.43 -11.65 -1.57
CA VAL A 425 -7.51 -11.31 -2.99
C VAL A 425 -8.63 -10.31 -3.21
N SER A 426 -8.29 -9.12 -3.74
CA SER A 426 -9.27 -8.04 -3.93
C SER A 426 -9.99 -8.15 -5.29
N ALA A 427 -9.25 -8.42 -6.34
CA ALA A 427 -9.82 -8.34 -7.70
C ALA A 427 -9.19 -9.34 -8.68
N VAL A 428 -9.94 -9.66 -9.72
CA VAL A 428 -9.40 -10.18 -10.94
C VAL A 428 -9.46 -9.11 -12.02
N TRP A 429 -8.33 -8.92 -12.72
CA TRP A 429 -8.20 -7.92 -13.75
C TRP A 429 -7.75 -8.55 -15.06
N GLY A 430 -8.14 -7.93 -16.16
CA GLY A 430 -7.59 -8.27 -17.47
C GLY A 430 -8.64 -8.79 -18.40
N THR A 431 -8.22 -9.27 -19.57
CA THR A 431 -9.15 -9.85 -20.52
C THR A 431 -8.40 -10.82 -21.38
N GLY A 432 -9.14 -11.67 -22.09
CA GLY A 432 -8.54 -12.72 -22.88
C GLY A 432 -7.62 -13.60 -22.04
N LEU A 433 -6.44 -13.91 -22.59
CA LEU A 433 -5.43 -14.60 -21.80
C LEU A 433 -4.40 -13.63 -21.19
N MET A 434 -4.86 -12.47 -20.76
CA MET A 434 -3.99 -11.51 -20.06
C MET A 434 -4.60 -11.10 -18.72
N LEU A 435 -4.39 -11.91 -17.70
CA LEU A 435 -5.12 -11.83 -16.49
C LEU A 435 -4.19 -11.68 -15.29
N ALA A 436 -4.72 -11.19 -14.18
CA ALA A 436 -3.98 -11.10 -12.94
C ALA A 436 -4.92 -11.13 -11.75
N LEU A 437 -4.44 -11.67 -10.62
CA LEU A 437 -5.08 -11.45 -9.32
C LEU A 437 -4.43 -10.31 -8.60
N GLU A 438 -5.23 -9.43 -8.02
CA GLU A 438 -4.68 -8.40 -7.11
C GLU A 438 -4.64 -8.93 -5.69
N LEU A 439 -3.48 -8.82 -5.05
CA LEU A 439 -3.31 -9.22 -3.65
C LEU A 439 -3.67 -8.07 -2.70
N ARG A 440 -4.33 -8.38 -1.61
CA ARG A 440 -4.54 -7.39 -0.57
C ARG A 440 -3.22 -7.11 0.13
N ASP A 441 -3.07 -5.90 0.63
CA ASP A 441 -1.86 -5.48 1.30
C ASP A 441 -1.60 -6.36 2.50
N GLN A 442 -0.35 -6.69 2.74
CA GLN A 442 0.03 -7.45 3.93
C GLN A 442 1.21 -6.75 4.67
N SER A 443 1.38 -5.45 4.44
CA SER A 443 2.40 -4.69 5.18
C SER A 443 2.04 -4.59 6.66
N ASN A 444 0.78 -4.92 6.99
CA ASN A 444 0.31 -4.88 8.37
C ASN A 444 0.16 -6.27 8.98
N ALA A 445 0.89 -7.24 8.44
CA ALA A 445 0.55 -8.64 8.62
C ALA A 445 1.07 -9.16 9.94
N THR A 446 0.44 -10.21 10.44
CA THR A 446 0.76 -10.77 11.74
C THR A 446 2.13 -11.41 11.75
N SER A 447 2.35 -12.31 10.81
CA SER A 447 3.64 -12.93 10.63
C SER A 447 4.72 -11.88 10.44
N GLN A 448 5.70 -11.88 11.33
CA GLN A 448 6.94 -11.12 11.15
C GLN A 448 7.44 -11.22 9.69
N ALA A 449 7.75 -12.42 9.26
CA ALA A 449 8.59 -12.61 8.08
C ALA A 449 7.84 -12.18 6.83
N ILE A 450 6.53 -12.37 6.84
CA ILE A 450 5.69 -11.91 5.74
C ILE A 450 5.62 -10.39 5.73
N ARG A 451 5.39 -9.81 6.90
CA ARG A 451 5.26 -8.36 7.03
C ARG A 451 6.49 -7.66 6.45
N GLU A 452 7.66 -8.20 6.73
CA GLU A 452 8.89 -7.58 6.34
C GLU A 452 9.08 -7.62 4.80
N LYS A 453 8.78 -8.75 4.19
CA LYS A 453 8.79 -8.85 2.73
C LYS A 453 7.74 -7.95 2.06
N ALA A 454 6.52 -7.93 2.61
CA ALA A 454 5.47 -7.08 2.05
C ALA A 454 5.88 -5.61 2.13
N ALA A 455 6.56 -5.25 3.21
CA ALA A 455 7.01 -3.87 3.39
C ALA A 455 8.11 -3.50 2.39
N HIS A 456 8.92 -4.49 2.00
CA HIS A 456 9.95 -4.26 1.00
C HIS A 456 9.39 -4.28 -0.45
N GLY A 457 8.09 -4.57 -0.60
CA GLY A 457 7.48 -4.72 -1.95
C GLY A 457 7.73 -6.09 -2.59
N PHE A 458 8.08 -7.08 -1.78
CA PHE A 458 8.49 -8.40 -2.29
C PHE A 458 7.43 -9.52 -2.11
N LEU A 459 6.25 -9.18 -1.58
CA LEU A 459 5.21 -10.18 -1.28
C LEU A 459 4.96 -11.11 -2.45
N GLY A 460 4.65 -10.53 -3.61
CA GLY A 460 4.26 -11.31 -4.79
C GLY A 460 5.31 -12.33 -5.22
N TYR A 461 6.59 -11.97 -5.00
CA TYR A 461 7.69 -12.82 -5.37
C TYR A 461 7.81 -13.99 -4.44
N VAL A 462 7.53 -13.75 -3.18
CA VAL A 462 7.55 -14.79 -2.16
C VAL A 462 6.47 -15.82 -2.44
N LEU A 463 5.27 -15.34 -2.70
CA LEU A 463 4.16 -16.21 -3.03
C LEU A 463 4.47 -17.03 -4.31
N ALA A 464 5.12 -16.37 -5.27
CA ALA A 464 5.53 -17.05 -6.49
C ALA A 464 6.47 -18.20 -6.18
N GLY A 465 7.37 -17.99 -5.20
CA GLY A 465 8.30 -19.04 -4.78
C GLY A 465 7.60 -20.21 -4.13
N PHE A 466 6.55 -19.94 -3.38
CA PHE A 466 5.71 -20.99 -2.85
C PHE A 466 5.11 -21.84 -3.97
N LEU A 467 4.58 -21.16 -4.98
CA LEU A 467 3.92 -21.85 -6.06
C LEU A 467 4.92 -22.71 -6.85
N LEU A 468 6.16 -22.24 -6.95
CA LEU A 468 7.21 -22.98 -7.65
C LEU A 468 7.55 -24.24 -6.89
N ARG A 469 7.92 -24.10 -5.62
CA ARG A 469 8.50 -25.23 -4.88
C ARG A 469 7.46 -26.23 -4.39
N GLU A 470 6.23 -25.79 -4.19
CA GLU A 470 5.20 -26.68 -3.61
C GLU A 470 4.20 -27.20 -4.64
N HIS A 471 4.14 -26.59 -5.81
CA HIS A 471 3.18 -26.99 -6.82
C HIS A 471 3.75 -27.04 -8.23
N HIS A 472 5.03 -26.71 -8.36
CA HIS A 472 5.69 -26.73 -9.65
C HIS A 472 4.93 -25.90 -10.68
N ILE A 473 4.59 -24.69 -10.28
CA ILE A 473 3.98 -23.74 -11.18
C ILE A 473 4.76 -22.45 -11.15
N ARG A 474 5.05 -21.93 -12.34
CA ARG A 474 5.79 -20.67 -12.52
C ARG A 474 4.80 -19.55 -12.73
N VAL A 475 4.66 -18.72 -11.70
CA VAL A 475 3.96 -17.45 -11.82
C VAL A 475 4.96 -16.32 -11.51
N LEU A 476 4.77 -15.14 -12.12
CA LEU A 476 5.54 -13.95 -11.73
C LEU A 476 4.65 -12.81 -11.42
N PRO A 477 5.04 -11.97 -10.49
CA PRO A 477 4.20 -10.85 -10.13
C PRO A 477 4.22 -9.74 -11.16
N ALA A 478 3.22 -8.89 -11.10
CA ALA A 478 3.21 -7.65 -11.86
C ALA A 478 2.87 -6.51 -10.92
N GLY A 479 2.96 -5.31 -11.44
CA GLY A 479 2.58 -4.14 -10.71
C GLY A 479 3.70 -3.66 -9.82
N PRO A 480 3.54 -2.46 -9.25
CA PRO A 480 4.64 -1.62 -8.73
C PRO A 480 5.33 -2.17 -7.46
N ARG A 481 4.58 -2.91 -6.62
CA ARG A 481 5.18 -3.49 -5.40
C ARG A 481 4.93 -4.98 -5.37
N SER A 482 5.01 -5.61 -6.56
CA SER A 482 4.65 -7.01 -6.73
C SER A 482 3.31 -7.31 -6.10
N GLY A 483 2.39 -6.36 -6.19
CA GLY A 483 1.09 -6.52 -5.62
C GLY A 483 0.10 -7.29 -6.47
N PHE A 484 0.53 -7.73 -7.64
CA PHE A 484 -0.33 -8.52 -8.51
C PHE A 484 0.37 -9.82 -8.91
N LEU A 485 -0.42 -10.85 -9.18
CA LEU A 485 0.09 -12.09 -9.74
C LEU A 485 -0.42 -12.26 -11.15
N ARG A 486 0.50 -12.42 -12.08
CA ARG A 486 0.17 -12.46 -13.49
C ARG A 486 -0.15 -13.90 -13.94
N PHE A 487 -1.15 -14.03 -14.80
CA PHE A 487 -1.44 -15.30 -15.49
C PHE A 487 -1.62 -15.05 -16.96
N SER A 488 -0.60 -15.35 -17.76
CA SER A 488 -0.65 -15.13 -19.22
C SER A 488 0.02 -16.28 -20.01
N PRO A 489 -0.60 -17.47 -20.02
CA PRO A 489 -0.07 -18.67 -20.67
C PRO A 489 -0.42 -18.74 -22.15
N SER A 490 -0.01 -19.79 -22.83
CA SER A 490 -0.30 -19.97 -24.24
C SER A 490 -1.76 -20.33 -24.40
N LEU A 491 -2.23 -20.26 -25.64
CA LEU A 491 -3.60 -20.66 -25.98
C LEU A 491 -3.83 -22.19 -25.83
N TYR A 492 -2.75 -22.95 -25.68
CA TYR A 492 -2.85 -24.40 -25.57
C TYR A 492 -2.99 -24.87 -24.16
N ILE A 493 -3.01 -23.95 -23.21
CA ILE A 493 -3.18 -24.32 -21.82
C ILE A 493 -4.40 -25.25 -21.69
N THR A 494 -4.23 -26.35 -20.95
CA THR A 494 -5.27 -27.39 -20.84
C THR A 494 -6.11 -27.23 -19.59
N ASP A 495 -7.29 -27.84 -19.60
CA ASP A 495 -8.17 -27.84 -18.43
C ASP A 495 -7.47 -28.44 -17.21
N GLU A 496 -6.69 -29.47 -17.43
CA GLU A 496 -5.98 -30.15 -16.35
C GLU A 496 -4.96 -29.20 -15.70
N GLU A 497 -4.26 -28.44 -16.53
CA GLU A 497 -3.29 -27.45 -16.07
C GLU A 497 -3.96 -26.30 -15.31
N ILE A 498 -5.11 -25.87 -15.80
CA ILE A 498 -5.90 -24.86 -15.12
C ILE A 498 -6.41 -25.38 -13.76
N ASP A 499 -6.85 -26.64 -13.71
CA ASP A 499 -7.24 -27.30 -12.43
C ASP A 499 -6.07 -27.38 -11.46
N ARG A 500 -4.88 -27.71 -11.98
CA ARG A 500 -3.69 -27.81 -11.13
C ARG A 500 -3.29 -26.44 -10.56
N THR A 501 -3.59 -25.38 -11.30
CA THR A 501 -3.34 -24.04 -10.88
C THR A 501 -4.35 -23.57 -9.82
N GLU A 502 -5.63 -23.93 -10.00
CA GLU A 502 -6.65 -23.71 -8.96
C GLU A 502 -6.27 -24.36 -7.63
N THR A 503 -5.88 -25.64 -7.67
CA THR A 503 -5.42 -26.35 -6.46
C THR A 503 -4.27 -25.61 -5.80
N ALA A 504 -3.29 -25.19 -6.62
CA ALA A 504 -2.10 -24.49 -6.14
C ALA A 504 -2.46 -23.14 -5.48
N LEU A 505 -3.39 -22.42 -6.07
CA LEU A 505 -3.75 -21.11 -5.59
C LEU A 505 -4.53 -21.19 -4.26
N ARG A 506 -5.51 -22.10 -4.20
CA ARG A 506 -6.25 -22.33 -2.96
C ARG A 506 -5.28 -22.66 -1.84
N SER A 507 -4.32 -23.54 -2.12
CA SER A 507 -3.26 -23.86 -1.17
C SER A 507 -2.52 -22.58 -0.72
N LEU A 508 -2.09 -21.78 -1.69
CA LEU A 508 -1.30 -20.58 -1.40
C LEU A 508 -2.04 -19.62 -0.51
N PHE A 509 -3.29 -19.32 -0.88
CA PHE A 509 -4.07 -18.30 -0.19
C PHE A 509 -4.70 -18.82 1.09
N THR A 510 -4.68 -20.15 1.29
CA THR A 510 -5.05 -20.74 2.60
C THR A 510 -3.89 -20.63 3.60
N ALA A 511 -2.67 -20.85 3.12
CA ALA A 511 -1.47 -20.58 3.92
C ALA A 511 -1.33 -19.09 4.26
N LEU A 512 -1.70 -18.22 3.33
CA LEU A 512 -1.57 -16.78 3.57
C LEU A 512 -2.63 -16.29 4.57
N ARG A 513 -3.86 -16.78 4.43
CA ARG A 513 -4.88 -16.64 5.48
C ARG A 513 -4.37 -17.07 6.85
N ASP A 514 -3.68 -18.21 6.90
CA ASP A 514 -3.14 -18.74 8.16
C ASP A 514 -1.95 -17.95 8.67
N GLN A 515 -1.49 -17.00 7.87
CA GLN A 515 -0.25 -16.28 8.15
C GLN A 515 0.90 -17.24 8.47
N ASP A 516 1.10 -18.21 7.60
CA ASP A 516 2.11 -19.25 7.82
C ASP A 516 3.45 -18.82 7.21
N GLY A 517 4.23 -18.06 7.97
CA GLY A 517 5.45 -17.44 7.46
C GLY A 517 6.61 -18.42 7.34
N ASP A 518 6.65 -19.40 8.24
CA ASP A 518 7.59 -20.51 8.15
C ASP A 518 7.55 -21.09 6.75
N ARG A 519 6.34 -21.26 6.24
CA ARG A 519 6.12 -22.05 5.05
C ARG A 519 6.22 -21.18 3.81
N LEU A 520 5.87 -19.90 3.93
CA LEU A 520 5.85 -19.00 2.80
C LEU A 520 7.21 -18.35 2.54
N VAL A 521 7.89 -17.93 3.61
CA VAL A 521 9.18 -17.25 3.49
C VAL A 521 10.30 -18.19 3.90
N LEU A 522 11.32 -18.30 3.06
CA LEU A 522 12.44 -19.17 3.33
C LEU A 522 13.38 -18.59 4.40
N GLY B 6 1.26 3.03 -58.82
CA GLY B 6 0.23 3.89 -58.16
C GLY B 6 -0.59 3.19 -57.08
N GLU B 7 -0.22 1.96 -56.75
CA GLU B 7 -1.06 1.08 -55.91
C GLU B 7 -0.71 1.24 -54.45
N PRO B 8 -1.59 0.80 -53.54
CA PRO B 8 -1.30 0.88 -52.12
C PRO B 8 0.09 0.36 -51.76
N VAL B 9 0.75 1.05 -50.86
CA VAL B 9 2.08 0.67 -50.42
C VAL B 9 2.15 0.87 -48.91
N TYR B 10 2.70 -0.11 -48.21
CA TYR B 10 2.54 -0.18 -46.76
C TYR B 10 3.87 -0.08 -46.01
N ALA B 11 4.99 -0.06 -46.73
CA ALA B 11 6.28 0.34 -46.17
C ALA B 11 7.28 0.65 -47.29
N ASP B 12 8.27 1.49 -46.96
CA ASP B 12 9.51 1.54 -47.74
C ASP B 12 9.38 2.30 -49.07
N ALA B 13 8.24 2.93 -49.30
CA ALA B 13 8.01 3.58 -50.60
C ALA B 13 9.09 4.62 -50.90
N VAL B 14 9.30 5.52 -49.97
CA VAL B 14 10.30 6.58 -50.14
C VAL B 14 11.70 5.99 -50.21
N LEU B 15 12.01 5.11 -49.27
CA LEU B 15 13.31 4.45 -49.24
C LEU B 15 13.58 3.74 -50.57
N ASN B 16 12.58 3.00 -51.09
CA ASN B 16 12.75 2.28 -52.35
C ASN B 16 12.87 3.21 -53.55
N GLY B 17 12.05 4.28 -53.58
CA GLY B 17 12.19 5.28 -54.63
C GLY B 17 13.64 5.74 -54.72
N TRP B 18 14.19 6.10 -53.60
CA TRP B 18 15.52 6.65 -53.53
C TRP B 18 16.59 5.60 -53.91
N LEU B 19 16.51 4.42 -53.35
CA LEU B 19 17.44 3.34 -53.71
C LEU B 19 17.48 3.11 -55.23
N THR B 20 16.31 3.12 -55.85
CA THR B 20 16.21 2.91 -57.25
C THR B 20 16.98 4.00 -58.03
N SER B 21 16.82 5.26 -57.66
CA SER B 21 17.44 6.33 -58.43
C SER B 21 18.96 6.37 -58.23
N MET B 22 19.44 5.76 -57.14
CA MET B 22 20.88 5.61 -56.88
C MET B 22 21.48 4.43 -57.64
N GLY B 23 20.64 3.58 -58.21
CA GLY B 23 21.10 2.34 -58.88
C GLY B 23 21.19 1.16 -57.92
N LEU B 24 20.54 1.26 -56.75
CA LEU B 24 20.70 0.28 -55.70
C LEU B 24 19.39 -0.47 -55.43
N GLY B 25 18.45 -0.36 -56.34
CA GLY B 25 17.16 -1.00 -56.19
C GLY B 25 17.19 -2.45 -56.62
N VAL B 26 17.73 -3.29 -55.78
CA VAL B 26 17.80 -4.71 -56.07
C VAL B 26 17.30 -5.51 -54.86
N GLU B 27 16.76 -6.72 -55.09
CA GLU B 27 16.39 -7.62 -53.99
C GLU B 27 17.33 -8.77 -53.95
N TYR B 28 17.95 -8.99 -52.80
CA TYR B 28 18.78 -10.16 -52.60
C TYR B 28 17.94 -11.31 -52.05
N VAL B 29 18.09 -12.53 -52.61
CA VAL B 29 17.22 -13.63 -52.27
C VAL B 29 17.92 -14.70 -51.46
N ARG B 30 19.25 -14.67 -51.47
CA ARG B 30 20.01 -15.67 -50.77
C ARG B 30 21.39 -15.11 -50.49
N ALA B 31 22.03 -15.62 -49.46
CA ALA B 31 23.40 -15.18 -49.11
C ALA B 31 24.20 -16.32 -48.52
N GLU B 32 25.47 -16.40 -48.91
CA GLU B 32 26.41 -17.26 -48.23
C GLU B 32 27.81 -16.70 -48.35
N GLY B 33 28.58 -16.78 -47.28
CA GLY B 33 29.93 -16.28 -47.31
C GLY B 33 29.97 -14.79 -47.50
N ASN B 34 30.73 -14.34 -48.50
CA ASN B 34 30.83 -12.93 -48.87
C ASN B 34 29.96 -12.63 -50.08
N THR B 35 29.05 -13.52 -50.39
CA THR B 35 28.26 -13.41 -51.59
C THR B 35 26.80 -13.28 -51.24
N VAL B 36 26.15 -12.27 -51.83
CA VAL B 36 24.69 -12.20 -51.86
C VAL B 36 24.19 -12.37 -53.29
N TYR B 37 23.00 -12.95 -53.45
CA TYR B 37 22.46 -13.30 -54.79
C TYR B 37 21.17 -12.56 -55.06
N TYR B 38 21.07 -11.97 -56.24
CA TYR B 38 19.77 -11.48 -56.74
C TYR B 38 19.33 -12.24 -57.99
N LEU B 39 18.07 -12.10 -58.36
CA LEU B 39 17.54 -12.74 -59.58
C LEU B 39 17.52 -11.77 -60.76
N ASP B 40 18.10 -12.20 -61.89
CA ASP B 40 18.07 -11.41 -63.12
C ASP B 40 16.73 -11.57 -63.86
N ASP B 41 16.59 -10.87 -64.99
CA ASP B 41 15.35 -10.88 -65.78
C ASP B 41 14.87 -12.31 -66.06
N GLU B 42 15.82 -13.21 -66.27
CA GLU B 42 15.54 -14.55 -66.76
C GLU B 42 15.31 -15.53 -65.59
N GLY B 43 15.69 -15.11 -64.39
CA GLY B 43 15.33 -15.82 -63.17
C GLY B 43 16.45 -16.63 -62.54
N ARG B 44 17.68 -16.42 -62.99
CA ARG B 44 18.84 -17.06 -62.34
C ARG B 44 19.51 -16.19 -61.27
N GLU B 45 20.18 -16.86 -60.34
CA GLU B 45 20.88 -16.22 -59.29
C GLU B 45 22.20 -15.62 -59.80
N VAL B 46 22.33 -14.30 -59.69
CA VAL B 46 23.59 -13.62 -59.96
C VAL B 46 24.34 -13.39 -58.65
N PRO B 47 25.60 -13.84 -58.57
CA PRO B 47 26.37 -13.61 -57.37
C PRO B 47 26.95 -12.17 -57.30
N VAL B 48 26.76 -11.53 -56.14
CA VAL B 48 27.33 -10.20 -55.86
C VAL B 48 28.24 -10.26 -54.64
N LEU B 49 29.45 -9.73 -54.77
CA LEU B 49 30.40 -9.68 -53.66
C LEU B 49 30.01 -8.56 -52.67
N ASP B 50 29.87 -8.93 -51.39
CA ASP B 50 29.37 -8.01 -50.38
C ASP B 50 30.53 -7.41 -49.56
N HIS B 51 30.80 -6.13 -49.76
CA HIS B 51 31.79 -5.41 -48.97
C HIS B 51 31.14 -4.60 -47.80
N ALA B 52 29.82 -4.56 -47.76
CA ALA B 52 29.12 -3.89 -46.66
C ALA B 52 28.89 -4.84 -45.47
N CYS B 53 28.32 -6.00 -45.73
CA CYS B 53 28.29 -7.10 -44.74
C CYS B 53 27.65 -6.65 -43.42
N GLY B 54 26.42 -6.17 -43.49
CA GLY B 54 25.73 -5.72 -42.30
C GLY B 54 26.46 -4.57 -41.59
N PHE B 55 27.04 -3.67 -42.37
CA PHE B 55 27.88 -2.58 -41.82
C PHE B 55 28.87 -3.09 -40.80
N GLY B 56 29.47 -4.24 -41.10
CA GLY B 56 30.54 -4.75 -40.28
C GLY B 56 30.09 -5.80 -39.29
N SER B 57 28.87 -6.31 -39.47
CA SER B 57 28.35 -7.39 -38.59
C SER B 57 28.89 -8.81 -38.94
N LEU B 58 29.47 -8.97 -40.12
CA LEU B 58 29.69 -10.34 -40.66
C LEU B 58 31.15 -10.65 -40.80
N ILE B 59 31.85 -10.67 -39.67
CA ILE B 59 33.27 -10.99 -39.66
C ILE B 59 33.47 -12.41 -40.19
N PHE B 60 32.48 -13.26 -39.95
CA PHE B 60 32.50 -14.65 -40.42
C PHE B 60 31.63 -14.91 -41.70
N GLY B 61 31.11 -13.85 -42.30
CA GLY B 61 30.32 -13.95 -43.52
C GLY B 61 28.83 -14.15 -43.26
N HIS B 62 28.05 -14.20 -44.35
CA HIS B 62 26.62 -14.50 -44.26
C HIS B 62 26.45 -15.96 -43.94
N ASN B 63 25.67 -16.27 -42.90
CA ASN B 63 25.16 -17.61 -42.73
C ASN B 63 26.28 -18.64 -42.74
N HIS B 64 27.22 -18.45 -41.83
CA HIS B 64 28.31 -19.34 -41.69
C HIS B 64 27.77 -20.68 -41.20
N PRO B 65 28.17 -21.76 -41.87
CA PRO B 65 27.67 -23.10 -41.56
C PRO B 65 27.76 -23.47 -40.07
N GLU B 66 28.92 -23.20 -39.46
CA GLU B 66 29.08 -23.44 -38.03
C GLU B 66 28.07 -22.70 -37.18
N ILE B 67 27.76 -21.48 -37.55
CA ILE B 67 26.76 -20.71 -36.81
C ILE B 67 25.36 -21.19 -37.08
N ILE B 68 25.09 -21.52 -38.34
CA ILE B 68 23.78 -22.05 -38.73
C ILE B 68 23.49 -23.36 -37.98
N ALA B 69 24.46 -24.25 -37.97
CA ALA B 69 24.31 -25.54 -37.40
C ALA B 69 24.08 -25.42 -35.91
N HIS B 70 24.89 -24.62 -35.24
CA HIS B 70 24.73 -24.40 -33.80
C HIS B 70 23.35 -23.85 -33.46
N ALA B 71 22.84 -22.97 -34.31
CA ALA B 71 21.55 -22.38 -34.08
C ALA B 71 20.46 -23.41 -34.18
N LYS B 72 20.49 -24.20 -35.25
CA LYS B 72 19.50 -25.27 -35.43
C LYS B 72 19.56 -26.28 -34.32
N ALA B 73 20.76 -26.60 -33.84
CA ALA B 73 20.90 -27.48 -32.68
C ALA B 73 20.24 -26.88 -31.45
N ALA B 74 20.52 -25.61 -31.17
CA ALA B 74 19.92 -24.93 -30.04
C ALA B 74 18.38 -24.99 -30.15
N LEU B 75 17.86 -24.78 -31.35
CA LEU B 75 16.42 -24.85 -31.55
C LEU B 75 15.87 -26.24 -31.31
N ASP B 76 16.58 -27.26 -31.79
CA ASP B 76 16.17 -28.63 -31.60
C ASP B 76 16.24 -29.08 -30.15
N ALA B 77 17.15 -28.51 -29.38
CA ALA B 77 17.30 -28.91 -27.98
C ALA B 77 16.19 -28.34 -27.04
N GLY B 78 15.33 -27.45 -27.55
CA GLY B 78 14.29 -26.84 -26.72
C GLY B 78 14.88 -25.81 -25.78
N THR B 79 15.86 -25.08 -26.27
CA THR B 79 16.46 -24.02 -25.53
C THR B 79 15.38 -23.10 -24.94
N VAL B 80 15.56 -22.72 -23.68
CA VAL B 80 14.67 -21.76 -23.04
C VAL B 80 15.06 -20.34 -23.50
N VAL B 81 14.25 -19.77 -24.35
CA VAL B 81 14.52 -18.43 -24.85
C VAL B 81 14.00 -17.41 -23.87
N HIS B 82 12.79 -17.62 -23.39
CA HIS B 82 12.16 -16.70 -22.46
C HIS B 82 12.09 -17.30 -21.06
N ALA B 83 13.07 -16.93 -20.24
CA ALA B 83 13.21 -17.45 -18.87
C ALA B 83 13.49 -16.30 -17.93
N GLN B 84 12.73 -15.23 -18.07
CA GLN B 84 12.96 -14.04 -17.29
C GLN B 84 12.81 -14.32 -15.82
N LEU B 85 13.65 -13.64 -15.02
CA LEU B 85 13.67 -13.78 -13.58
C LEU B 85 13.81 -15.23 -13.17
N SER B 86 14.76 -15.90 -13.80
CA SER B 86 15.27 -17.15 -13.30
C SER B 86 16.79 -17.18 -13.48
N ARG B 87 17.42 -18.29 -13.13
CA ARG B 87 18.87 -18.37 -13.13
C ARG B 87 19.36 -18.70 -14.54
N GLN B 88 20.11 -17.76 -15.14
CA GLN B 88 20.62 -17.92 -16.52
C GLN B 88 22.15 -17.86 -16.58
N PRO B 89 22.82 -18.95 -16.22
CA PRO B 89 24.30 -19.02 -16.08
C PRO B 89 25.06 -18.55 -17.31
N ARG B 90 24.44 -18.62 -18.47
CA ARG B 90 25.15 -18.33 -19.69
C ARG B 90 25.60 -16.89 -19.77
N ALA B 91 24.89 -16.00 -19.09
CA ALA B 91 25.25 -14.59 -19.09
C ALA B 91 26.56 -14.37 -18.32
N ASN B 92 26.64 -14.97 -17.15
CA ASN B 92 27.91 -15.00 -16.39
C ASN B 92 29.07 -15.65 -17.17
N GLN B 93 28.75 -16.67 -17.94
CA GLN B 93 29.74 -17.38 -18.75
C GLN B 93 30.31 -16.50 -19.91
N ILE B 94 29.44 -15.88 -20.67
CA ILE B 94 29.85 -14.96 -21.72
C ILE B 94 30.74 -13.85 -21.14
N SER B 95 30.38 -13.35 -19.96
CA SER B 95 31.12 -12.24 -19.33
C SER B 95 32.48 -12.69 -18.81
N ARG B 96 32.54 -13.87 -18.24
CA ARG B 96 33.83 -14.47 -17.90
C ARG B 96 34.80 -14.46 -19.10
N ILE B 97 34.33 -14.85 -20.25
CA ILE B 97 35.18 -14.96 -21.42
C ILE B 97 35.68 -13.57 -21.86
N LEU B 98 34.77 -12.62 -21.98
CA LEU B 98 35.15 -11.27 -22.45
C LEU B 98 36.13 -10.61 -21.49
N ASN B 99 35.86 -10.76 -20.19
CA ASN B 99 36.83 -10.45 -19.11
C ASN B 99 38.22 -11.02 -19.31
N ASP B 100 38.33 -12.33 -19.58
CA ASP B 100 39.61 -12.96 -19.77
C ASP B 100 40.32 -12.40 -21.00
N ILE B 101 39.55 -12.20 -22.06
CA ILE B 101 40.07 -11.63 -23.30
C ILE B 101 40.60 -10.22 -23.07
N MET B 102 39.87 -9.44 -22.29
CA MET B 102 40.27 -8.06 -22.05
C MET B 102 41.58 -8.00 -21.25
N ARG B 103 41.68 -8.83 -20.23
CA ARG B 103 42.89 -8.92 -19.44
C ARG B 103 44.08 -9.32 -20.31
N ARG B 104 43.85 -10.26 -21.24
CA ARG B 104 44.92 -10.77 -22.08
C ARG B 104 45.43 -9.68 -22.99
N GLU B 105 44.54 -8.90 -23.54
CA GLU B 105 44.88 -7.93 -24.57
C GLU B 105 45.33 -6.56 -23.99
N THR B 106 44.98 -6.28 -22.73
CA THR B 106 45.37 -5.00 -22.09
C THR B 106 46.47 -5.12 -21.02
N GLY B 107 46.78 -6.34 -20.61
CA GLY B 107 47.61 -6.55 -19.45
C GLY B 107 46.85 -6.30 -18.16
N ARG B 108 45.80 -5.50 -18.20
CA ARG B 108 45.11 -5.07 -16.97
C ARG B 108 44.27 -6.18 -16.37
N ASP B 109 44.34 -6.31 -15.05
CA ASP B 109 43.60 -7.33 -14.37
C ASP B 109 42.38 -6.71 -13.69
N ASP B 110 41.51 -6.13 -14.49
CA ASP B 110 40.27 -5.57 -13.99
C ASP B 110 39.10 -6.51 -14.26
N ARG B 111 38.04 -6.35 -13.48
CA ARG B 111 36.86 -7.16 -13.63
C ARG B 111 35.66 -6.31 -14.08
N TYR B 112 34.88 -6.84 -15.02
CA TYR B 112 33.71 -6.14 -15.57
C TYR B 112 32.44 -6.92 -15.30
N ASN B 113 31.39 -6.21 -14.91
CA ASN B 113 30.05 -6.77 -14.94
C ASN B 113 29.40 -6.60 -16.28
N ALA B 114 28.55 -7.56 -16.65
CA ALA B 114 27.88 -7.57 -17.93
C ALA B 114 26.38 -7.36 -17.77
N ILE B 115 25.84 -6.43 -18.55
CA ILE B 115 24.41 -6.30 -18.75
C ILE B 115 24.10 -6.41 -20.22
N PHE B 116 23.14 -7.26 -20.58
CA PHE B 116 22.90 -7.60 -21.97
C PHE B 116 21.75 -6.77 -22.54
N ALA B 117 21.69 -6.65 -23.86
CA ALA B 117 20.57 -5.96 -24.50
C ALA B 117 20.37 -6.43 -25.95
N ASN B 118 19.60 -5.67 -26.73
CA ASN B 118 19.14 -6.14 -28.04
C ASN B 118 19.73 -5.37 -29.24
N SER B 119 20.45 -4.29 -28.98
CA SER B 119 21.09 -3.55 -30.03
C SER B 119 22.19 -2.68 -29.45
N GLY B 120 22.99 -2.08 -30.34
CA GLY B 120 24.09 -1.25 -29.94
C GLY B 120 23.63 -0.03 -29.20
N ALA B 121 22.55 0.57 -29.67
CA ALA B 121 22.00 1.71 -29.04
C ALA B 121 21.51 1.41 -27.64
N GLU B 122 20.85 0.26 -27.49
CA GLU B 122 20.36 -0.16 -26.15
C GLU B 122 21.55 -0.34 -25.19
N ALA B 123 22.65 -0.87 -25.69
CA ALA B 123 23.81 -1.11 -24.85
C ALA B 123 24.46 0.23 -24.44
N ASN B 124 24.67 1.10 -25.41
CA ASN B 124 25.16 2.42 -25.14
C ASN B 124 24.26 3.18 -24.18
N GLU B 125 22.97 2.93 -24.24
CA GLU B 125 22.03 3.61 -23.35
C GLU B 125 22.00 3.04 -21.93
N ILE B 126 22.29 1.78 -21.79
CA ILE B 126 22.56 1.20 -20.49
C ILE B 126 23.76 1.90 -19.85
N CYS B 127 24.77 2.20 -20.69
CA CYS B 127 25.96 2.90 -20.22
C CYS B 127 25.60 4.32 -19.82
N MET B 128 24.82 4.99 -20.66
CA MET B 128 24.35 6.35 -20.36
C MET B 128 23.66 6.39 -19.00
N LYS B 129 22.81 5.38 -18.76
CA LYS B 129 22.02 5.31 -17.56
C LYS B 129 22.87 5.05 -16.34
N HIS B 130 23.85 4.18 -16.48
CA HIS B 130 24.71 3.88 -15.38
C HIS B 130 25.64 5.04 -15.07
N ALA B 131 26.08 5.76 -16.11
CA ALA B 131 26.87 7.00 -15.93
C ALA B 131 26.12 7.97 -15.05
N GLU B 132 24.83 8.06 -15.29
CA GLU B 132 24.00 9.04 -14.60
C GLU B 132 23.69 8.56 -13.19
N LEU B 133 23.68 7.25 -12.95
CA LEU B 133 23.60 6.75 -11.56
C LEU B 133 24.83 7.19 -10.76
N GLU B 134 26.00 7.14 -11.40
CA GLU B 134 27.28 7.54 -10.74
C GLU B 134 27.29 9.01 -10.41
N ARG B 135 26.80 9.83 -11.33
CA ARG B 135 26.78 11.29 -11.12
C ARG B 135 25.82 11.68 -9.97
N GLN B 136 24.65 11.05 -9.92
CA GLN B 136 23.72 11.21 -8.82
C GLN B 136 24.33 10.82 -7.47
N GLU B 137 25.18 9.80 -7.46
CA GLU B 137 25.92 9.44 -6.25
C GLU B 137 26.92 10.54 -5.86
N ARG B 138 27.65 11.07 -6.85
CA ARG B 138 28.60 12.16 -6.59
C ARG B 138 27.84 13.37 -6.12
N ILE B 139 26.74 13.66 -6.79
CA ILE B 139 25.92 14.79 -6.47
C ILE B 139 25.40 14.71 -5.02
N THR B 140 24.84 13.57 -4.65
CA THR B 140 24.35 13.37 -3.28
C THR B 140 25.44 13.64 -2.26
N ALA B 141 26.64 13.15 -2.54
CA ALA B 141 27.78 13.29 -1.62
C ALA B 141 28.20 14.74 -1.43
N LEU B 142 28.31 15.49 -2.53
CA LEU B 142 28.71 16.89 -2.49
C LEU B 142 27.68 17.73 -1.74
N PHE B 143 26.41 17.50 -2.01
CA PHE B 143 25.33 18.21 -1.32
C PHE B 143 25.26 17.83 0.15
N ALA B 144 25.65 16.62 0.48
CA ALA B 144 25.80 16.24 1.88
C ALA B 144 26.88 17.05 2.58
N GLU B 145 28.03 17.22 1.91
CA GLU B 145 29.14 18.03 2.49
C GLU B 145 28.71 19.48 2.63
N ILE B 146 28.05 19.99 1.60
CA ILE B 146 27.64 21.38 1.57
C ILE B 146 26.69 21.68 2.74
N ASP B 147 25.72 20.79 2.97
CA ASP B 147 24.87 20.88 4.16
C ASP B 147 25.70 21.06 5.43
N ALA B 148 26.70 20.21 5.64
CA ALA B 148 27.51 20.26 6.87
C ALA B 148 28.40 21.49 6.95
N GLU B 149 28.96 21.91 5.79
CA GLU B 149 29.67 23.21 5.69
C GLU B 149 28.74 24.38 6.10
N LEU B 150 27.47 24.30 5.70
CA LEU B 150 26.50 25.34 6.02
C LEU B 150 26.14 25.35 7.51
N ASP B 151 25.73 24.18 8.04
CA ASP B 151 25.41 24.06 9.49
C ASP B 151 26.57 24.60 10.33
N THR B 152 27.80 24.26 9.95
CA THR B 152 29.02 24.70 10.66
C THR B 152 29.18 26.23 10.57
N ALA B 153 29.05 26.77 9.38
CA ALA B 153 29.24 28.21 9.17
C ALA B 153 28.14 29.03 9.86
N ARG B 154 26.96 28.41 10.04
CA ARG B 154 25.83 29.07 10.70
C ARG B 154 26.02 29.12 12.23
N GLU B 155 26.65 28.07 12.77
CA GLU B 155 26.88 27.97 14.21
C GLU B 155 28.06 28.83 14.63
N ALA B 156 29.01 29.02 13.73
CA ALA B 156 30.08 29.98 13.92
C ALA B 156 29.53 31.40 13.86
N LEU B 157 28.65 31.65 12.90
CA LEU B 157 28.16 33.00 12.66
C LEU B 157 27.18 33.45 13.73
N THR B 158 26.38 32.52 14.26
CA THR B 158 25.40 32.84 15.30
C THR B 158 26.05 32.82 16.68
N THR B 159 26.82 31.77 16.97
CA THR B 159 27.59 31.63 18.24
C THR B 159 28.93 32.39 18.23
N GLY B 160 28.95 33.64 17.78
CA GLY B 160 30.10 34.48 18.02
C GLY B 160 31.16 34.39 16.92
N THR B 161 31.90 33.27 16.86
CA THR B 161 33.34 33.31 16.47
C THR B 161 33.59 34.07 15.17
N ALA B 162 32.79 33.80 14.14
CA ALA B 162 33.08 34.31 12.79
C ALA B 162 32.13 35.43 12.37
N THR B 163 32.57 36.22 11.41
CA THR B 163 31.71 37.18 10.73
C THR B 163 31.68 36.89 9.23
N LEU B 164 30.51 37.02 8.63
CA LEU B 164 30.36 36.88 7.19
C LEU B 164 31.09 38.02 6.49
N ASP B 165 32.03 37.67 5.61
CA ASP B 165 32.67 38.67 4.75
C ASP B 165 31.78 39.01 3.57
N THR B 166 31.44 40.30 3.46
CA THR B 166 30.30 40.75 2.68
C THR B 166 30.68 40.94 1.20
N ALA B 167 31.99 40.99 0.92
CA ALA B 167 32.49 41.12 -0.45
C ALA B 167 32.20 39.87 -1.31
N SER B 168 31.86 38.76 -0.64
CA SER B 168 31.56 37.52 -1.32
C SER B 168 30.10 37.47 -1.80
N LEU B 169 29.31 38.45 -1.41
CA LEU B 169 27.86 38.35 -1.53
C LEU B 169 27.34 38.62 -2.97
N PRO B 170 28.17 39.25 -3.83
CA PRO B 170 27.82 39.26 -5.24
C PRO B 170 27.44 37.87 -5.81
N LEU B 171 28.01 36.81 -5.23
CA LEU B 171 27.70 35.43 -5.70
C LEU B 171 26.22 35.03 -5.43
N VAL B 172 25.65 35.56 -4.35
CA VAL B 172 24.19 35.52 -4.15
C VAL B 172 23.59 36.93 -4.20
N ASP B 178 22.83 38.83 5.85
CA ASP B 178 22.20 38.16 6.99
C ASP B 178 22.05 36.66 6.73
N VAL B 179 22.21 35.86 7.78
CA VAL B 179 22.53 34.45 7.64
C VAL B 179 21.44 33.73 6.83
N ASP B 180 20.27 33.57 7.45
CA ASP B 180 19.25 32.65 6.92
C ASP B 180 18.90 32.97 5.48
N GLY B 181 18.84 34.25 5.15
CA GLY B 181 18.54 34.69 3.79
C GLY B 181 19.62 34.26 2.78
N VAL B 182 20.87 34.28 3.22
CA VAL B 182 21.98 33.90 2.34
C VAL B 182 22.00 32.37 2.17
N ILE B 183 21.69 31.66 3.27
CA ILE B 183 21.59 30.20 3.25
C ILE B 183 20.53 29.74 2.25
N ALA B 184 19.33 30.31 2.37
CA ALA B 184 18.19 29.88 1.53
C ALA B 184 18.43 30.23 0.06
N ASP B 185 19.16 31.32 -0.20
CA ASP B 185 19.49 31.73 -1.57
C ASP B 185 20.47 30.75 -2.20
N ILE B 186 21.41 30.26 -1.39
CA ILE B 186 22.35 29.25 -1.82
C ILE B 186 21.62 27.93 -2.15
N HIS B 187 20.73 27.50 -1.27
CA HIS B 187 19.88 26.32 -1.55
C HIS B 187 19.01 26.46 -2.80
N ARG B 188 18.47 27.65 -3.00
CA ARG B 188 17.71 27.95 -4.22
C ARG B 188 18.62 27.86 -5.46
N HIS B 189 19.79 28.46 -5.37
CA HIS B 189 20.76 28.40 -6.47
C HIS B 189 21.15 26.93 -6.77
N ASN B 190 21.53 26.21 -5.73
CA ASN B 190 22.05 24.87 -5.88
C ASN B 190 21.01 23.91 -6.46
N ASP B 191 19.74 24.05 -6.02
CA ASP B 191 18.65 23.13 -6.49
C ASP B 191 18.34 23.35 -7.99
N GLU B 192 18.38 24.61 -8.42
CA GLU B 192 18.30 24.90 -9.86
C GLU B 192 19.40 24.15 -10.63
N ARG B 193 20.61 24.24 -10.12
CA ARG B 193 21.77 23.66 -10.78
C ARG B 193 21.70 22.11 -10.76
N ARG B 194 21.19 21.55 -9.67
CA ARG B 194 21.05 20.12 -9.53
C ARG B 194 20.11 19.50 -10.57
N ALA B 195 19.09 20.24 -10.99
CA ALA B 195 18.06 19.69 -11.88
C ALA B 195 18.35 19.92 -13.38
N GLU B 196 19.37 20.70 -13.69
CA GLU B 196 19.82 20.86 -15.09
C GLU B 196 20.22 19.52 -15.66
N ARG B 197 19.92 19.28 -16.92
CA ARG B 197 20.32 18.06 -17.57
C ARG B 197 21.81 18.00 -17.61
N PRO B 198 22.37 16.79 -17.55
CA PRO B 198 23.81 16.63 -17.71
C PRO B 198 24.22 16.78 -19.15
N LEU B 199 25.52 16.85 -19.36
CA LEU B 199 26.06 16.84 -20.68
C LEU B 199 26.77 15.48 -20.97
N PHE B 200 26.78 15.07 -22.23
CA PHE B 200 27.68 14.02 -22.67
C PHE B 200 28.73 14.56 -23.61
N LEU B 201 29.94 14.02 -23.54
CA LEU B 201 30.99 14.39 -24.46
C LEU B 201 31.19 13.29 -25.52
N THR B 202 31.32 13.69 -26.76
CA THR B 202 31.59 12.74 -27.85
C THR B 202 32.60 13.39 -28.78
N LEU B 203 32.95 12.67 -29.84
CA LEU B 203 33.79 13.22 -30.90
C LEU B 203 32.95 13.69 -32.09
N ASP B 204 33.51 14.60 -32.88
CA ASP B 204 32.89 14.96 -34.15
C ASP B 204 32.79 13.73 -35.08
N GLY B 205 31.63 13.57 -35.72
CA GLY B 205 31.38 12.40 -36.59
C GLY B 205 30.95 11.16 -35.81
N SER B 206 30.76 11.32 -34.50
CA SER B 206 30.39 10.20 -33.64
C SER B 206 29.09 9.59 -34.12
N PHE B 207 29.02 8.26 -34.07
CA PHE B 207 27.81 7.51 -34.38
C PHE B 207 27.65 6.47 -33.28
N HIS B 208 26.69 6.70 -32.38
CA HIS B 208 26.49 5.84 -31.18
C HIS B 208 25.08 5.24 -31.10
N GLY B 209 24.27 5.48 -32.14
CA GLY B 209 22.93 4.94 -32.20
C GLY B 209 21.92 6.05 -32.42
N LYS B 210 20.67 5.65 -32.72
CA LYS B 210 19.69 6.55 -33.27
C LYS B 210 18.38 6.57 -32.47
N LEU B 211 18.41 6.03 -31.27
CA LEU B 211 17.25 6.13 -30.36
C LEU B 211 17.21 7.51 -29.68
N VAL B 212 16.15 7.75 -28.90
CA VAL B 212 15.91 9.08 -28.30
C VAL B 212 17.14 9.61 -27.54
N GLY B 213 17.78 8.74 -26.76
CA GLY B 213 18.96 9.13 -25.98
C GLY B 213 20.19 9.13 -26.83
N SER B 214 20.42 8.01 -27.51
CA SER B 214 21.63 7.80 -28.27
C SER B 214 21.77 8.75 -29.47
N ILE B 215 20.64 9.14 -30.10
CA ILE B 215 20.73 10.03 -31.28
C ILE B 215 21.44 11.34 -30.97
N GLN B 216 21.31 11.83 -29.72
CA GLN B 216 21.96 13.11 -29.34
C GLN B 216 23.50 12.94 -29.35
N LEU B 217 23.96 11.70 -29.20
CA LEU B 217 25.39 11.38 -29.25
C LEU B 217 25.87 11.20 -30.70
N THR B 218 24.95 11.28 -31.64
CA THR B 218 25.26 11.07 -33.04
C THR B 218 25.26 12.42 -33.76
N GLN B 219 26.40 12.77 -34.35
CA GLN B 219 26.60 14.07 -34.93
C GLN B 219 25.68 14.32 -36.11
N ASN B 220 25.58 13.36 -37.05
CA ASN B 220 24.85 13.58 -38.31
C ASN B 220 23.65 14.53 -38.11
N GLU B 221 23.67 15.67 -38.79
CA GLU B 221 22.81 16.82 -38.41
C GLU B 221 21.31 16.56 -38.70
N PRO B 222 20.97 16.08 -39.91
CA PRO B 222 19.55 15.85 -40.21
C PRO B 222 18.95 14.67 -39.43
N TRP B 223 19.81 13.75 -38.96
CA TRP B 223 19.36 12.64 -38.11
C TRP B 223 19.04 13.12 -36.66
N ARG B 224 19.77 14.13 -36.18
CA ARG B 224 19.81 14.47 -34.73
C ARG B 224 19.00 15.75 -34.42
N THR B 225 19.25 16.81 -35.17
CA THR B 225 18.74 18.17 -34.82
C THR B 225 17.22 18.24 -34.60
N PRO B 226 16.43 17.46 -35.38
CA PRO B 226 14.95 17.51 -35.15
C PRO B 226 14.54 17.05 -33.76
N PHE B 227 15.44 16.36 -33.07
CA PHE B 227 15.12 15.69 -31.83
C PHE B 227 15.83 16.35 -30.62
N THR B 228 16.55 17.44 -30.90
CA THR B 228 17.27 18.22 -29.86
C THR B 228 16.49 18.42 -28.55
N ALA B 229 15.22 18.76 -28.64
CA ALA B 229 14.43 19.13 -27.46
C ALA B 229 14.18 17.95 -26.51
N LEU B 230 14.38 16.72 -26.99
CA LEU B 230 13.93 15.52 -26.27
C LEU B 230 14.88 15.14 -25.11
N SER B 231 16.20 15.26 -25.35
CA SER B 231 17.21 14.55 -24.51
C SER B 231 18.49 15.37 -24.29
N SER B 232 19.25 15.00 -23.25
CA SER B 232 20.49 15.68 -22.96
C SER B 232 21.39 15.69 -24.18
N PRO B 233 22.07 16.81 -24.41
CA PRO B 233 22.94 16.94 -25.55
C PRO B 233 24.35 16.44 -25.31
N ALA B 234 25.09 16.31 -26.40
CA ALA B 234 26.49 16.01 -26.36
C ALA B 234 27.23 17.22 -26.82
N ARG B 235 28.45 17.36 -26.36
CA ARG B 235 29.37 18.26 -27.02
C ARG B 235 30.32 17.48 -27.87
N PHE B 236 30.48 17.94 -29.10
CA PHE B 236 31.14 17.18 -30.08
C PHE B 236 32.56 17.69 -30.24
N LEU B 237 33.51 17.00 -29.63
CA LEU B 237 34.88 17.48 -29.58
C LEU B 237 35.55 17.28 -30.92
N PRO B 238 36.36 18.25 -31.33
CA PRO B 238 37.13 18.14 -32.57
C PRO B 238 38.32 17.19 -32.42
N ALA B 239 38.21 16.00 -33.02
CA ALA B 239 39.18 14.93 -32.80
C ALA B 239 40.52 15.21 -33.45
N ASP B 240 40.51 15.99 -34.52
CA ASP B 240 41.75 16.30 -35.27
C ASP B 240 42.59 17.41 -34.60
N GLU B 241 41.92 18.26 -33.82
CA GLU B 241 42.59 19.38 -33.14
C GLU B 241 42.36 19.29 -31.62
N PRO B 242 43.00 18.31 -30.96
CA PRO B 242 42.68 17.99 -29.57
C PRO B 242 43.18 19.04 -28.57
N GLU B 243 44.25 19.72 -28.90
CA GLU B 243 44.72 20.85 -28.08
C GLU B 243 43.57 21.86 -27.79
N LEU B 244 42.51 21.83 -28.62
CA LEU B 244 41.32 22.71 -28.44
C LEU B 244 40.28 22.17 -27.43
N ILE B 245 40.38 20.90 -27.08
CA ILE B 245 39.31 20.22 -26.35
C ILE B 245 39.21 20.69 -24.88
N GLY B 246 40.36 20.98 -24.28
CA GLY B 246 40.43 21.42 -22.89
C GLY B 246 39.60 22.66 -22.62
N LYS B 247 39.73 23.66 -23.48
CA LYS B 247 39.01 24.93 -23.33
C LYS B 247 37.50 24.74 -23.50
N ILE B 248 37.11 23.89 -24.44
CA ILE B 248 35.68 23.67 -24.70
C ILE B 248 35.00 23.02 -23.50
N VAL B 249 35.71 22.11 -22.82
CA VAL B 249 35.19 21.45 -21.62
C VAL B 249 35.23 22.36 -20.44
N GLU B 250 36.27 23.18 -20.37
CA GLU B 250 36.37 24.21 -19.34
C GLU B 250 35.19 25.18 -19.43
N ASP B 251 34.81 25.57 -20.64
CA ASP B 251 33.61 26.42 -20.83
C ASP B 251 32.40 25.86 -20.14
N GLU B 252 32.35 24.55 -20.01
CA GLU B 252 31.15 23.89 -19.57
C GLU B 252 31.11 23.66 -18.06
N ARG B 253 32.19 24.01 -17.38
CA ARG B 253 32.19 23.94 -15.92
C ARG B 253 31.00 24.67 -15.39
N ARG B 254 30.39 24.08 -14.38
CA ARG B 254 29.38 24.77 -13.58
C ARG B 254 29.70 24.53 -12.13
N SER B 255 29.45 25.52 -11.29
CA SER B 255 29.73 25.36 -9.87
C SER B 255 28.45 25.53 -9.05
N VAL B 256 28.51 25.05 -7.80
CA VAL B 256 27.48 25.33 -6.80
C VAL B 256 28.08 26.19 -5.69
N LEU B 257 27.26 26.58 -4.75
CA LEU B 257 27.69 27.51 -3.72
C LEU B 257 27.73 26.81 -2.38
N THR B 258 28.68 27.22 -1.53
CA THR B 258 28.66 26.85 -0.13
C THR B 258 29.18 27.98 0.74
N LEU B 259 29.13 27.76 2.06
CA LEU B 259 29.78 28.65 3.01
C LEU B 259 31.04 28.00 3.60
N SER B 260 32.14 28.74 3.59
CA SER B 260 33.44 28.20 3.95
C SER B 260 34.00 28.93 5.13
N LEU B 261 34.29 28.19 6.19
CA LEU B 261 34.76 28.79 7.44
C LEU B 261 36.28 28.84 7.46
N ASP B 262 36.81 29.98 7.84
CA ASP B 262 38.23 30.12 8.11
C ASP B 262 38.45 30.94 9.41
N LYS B 263 38.37 30.25 10.56
CA LYS B 263 38.56 30.87 11.90
C LYS B 263 37.47 31.92 12.22
N ASP B 264 37.49 33.02 11.49
CA ASP B 264 36.76 34.22 11.87
C ASP B 264 36.04 34.80 10.65
N THR B 265 36.59 34.56 9.48
CA THR B 265 35.97 34.94 8.24
C THR B 265 35.13 33.76 7.72
N VAL B 266 33.84 34.01 7.51
CA VAL B 266 33.01 33.13 6.68
C VAL B 266 32.80 33.77 5.30
N ARG B 267 33.04 32.97 4.25
CA ARG B 267 32.94 33.44 2.86
C ARG B 267 31.97 32.53 2.07
N VAL B 268 31.17 33.13 1.20
CA VAL B 268 30.48 32.39 0.15
C VAL B 268 31.46 32.09 -0.96
N VAL B 269 31.48 30.84 -1.41
CA VAL B 269 32.43 30.42 -2.42
C VAL B 269 31.82 29.41 -3.37
N GLU B 270 32.41 29.31 -4.55
CA GLU B 270 32.00 28.33 -5.54
C GLU B 270 32.68 26.97 -5.27
N ARG B 271 32.00 25.90 -5.63
CA ARG B 271 32.58 24.54 -5.60
C ARG B 271 32.15 23.82 -6.86
N ASP B 272 33.02 22.98 -7.40
CA ASP B 272 32.78 22.37 -8.73
C ASP B 272 31.57 21.44 -8.67
N PHE B 273 30.78 21.46 -9.72
CA PHE B 273 29.59 20.63 -9.83
C PHE B 273 29.79 19.69 -11.01
N PRO B 274 29.47 18.40 -10.85
CA PRO B 274 29.60 17.44 -11.97
C PRO B 274 28.50 17.58 -13.00
N VAL B 275 28.80 18.25 -14.10
CA VAL B 275 27.82 18.36 -15.19
C VAL B 275 27.97 17.21 -16.19
N VAL B 276 29.17 16.67 -16.33
CA VAL B 276 29.45 15.74 -17.39
C VAL B 276 29.22 14.35 -16.89
N ALA B 277 28.32 13.60 -17.54
CA ALA B 277 27.91 12.24 -17.10
C ALA B 277 28.81 11.15 -17.68
N ALA B 278 29.30 11.36 -18.89
CA ALA B 278 30.21 10.42 -19.51
C ALA B 278 30.87 11.03 -20.73
N ILE B 279 31.99 10.42 -21.11
CA ILE B 279 32.68 10.65 -22.38
C ILE B 279 32.54 9.36 -23.26
N PHE B 280 32.10 9.51 -24.52
CA PHE B 280 31.97 8.35 -25.46
C PHE B 280 33.02 8.42 -26.57
N VAL B 281 33.65 7.28 -26.90
CA VAL B 281 34.60 7.21 -28.02
C VAL B 281 34.46 5.91 -28.79
N GLU B 282 34.57 6.01 -30.12
CA GLU B 282 34.74 4.83 -31.00
C GLU B 282 36.21 4.70 -31.34
N PRO B 283 36.78 3.51 -31.10
CA PRO B 283 38.18 3.29 -31.44
C PRO B 283 38.49 3.52 -32.91
N VAL B 284 37.52 3.20 -33.75
CA VAL B 284 37.58 3.55 -35.17
C VAL B 284 36.25 4.13 -35.53
N ARG B 285 36.26 5.31 -36.13
CA ARG B 285 35.12 6.19 -36.05
C ARG B 285 34.29 6.12 -37.34
N GLY B 286 33.22 5.32 -37.30
CA GLY B 286 32.44 4.98 -38.51
C GLY B 286 31.81 6.18 -39.19
N GLY B 287 31.16 7.03 -38.42
CA GLY B 287 30.52 8.24 -38.98
C GLY B 287 31.53 9.28 -39.49
N SER B 288 32.82 9.04 -39.27
CA SER B 288 33.85 9.95 -39.76
C SER B 288 34.62 9.37 -40.95
N GLY B 289 34.23 8.17 -41.40
CA GLY B 289 34.91 7.53 -42.52
C GLY B 289 36.06 6.62 -42.10
N MET B 290 35.88 5.92 -40.98
CA MET B 290 36.83 4.86 -40.51
C MET B 290 38.16 5.39 -39.97
N LYS B 291 38.15 6.60 -39.41
CA LYS B 291 39.35 7.16 -38.83
C LYS B 291 39.62 6.55 -37.46
N THR B 292 40.85 6.07 -37.25
CA THR B 292 41.22 5.53 -35.96
C THR B 292 41.65 6.65 -35.01
N VAL B 293 41.34 6.49 -33.73
CA VAL B 293 41.72 7.43 -32.71
C VAL B 293 43.23 7.48 -32.56
N THR B 294 43.79 8.67 -32.70
CA THR B 294 45.26 8.86 -32.58
C THR B 294 45.68 8.75 -31.12
N PRO B 295 46.95 8.39 -30.86
CA PRO B 295 47.47 8.36 -29.50
C PRO B 295 47.27 9.69 -28.76
N GLU B 296 47.55 10.81 -29.44
CA GLU B 296 47.33 12.13 -28.84
C GLU B 296 45.88 12.30 -28.39
N LEU B 297 44.93 11.93 -29.22
CA LEU B 297 43.51 12.08 -28.86
C LEU B 297 43.14 11.19 -27.66
N ALA B 298 43.66 9.96 -27.66
CA ALA B 298 43.41 9.02 -26.60
C ALA B 298 43.87 9.61 -25.28
N GLU B 299 45.02 10.24 -25.30
CA GLU B 299 45.59 10.76 -24.09
C GLU B 299 44.85 11.97 -23.59
N GLU B 300 44.24 12.71 -24.51
CA GLU B 300 43.35 13.79 -24.09
C GLU B 300 42.04 13.27 -23.44
N LEU B 301 41.52 12.14 -23.94
CA LEU B 301 40.32 11.53 -23.40
C LEU B 301 40.57 10.95 -22.01
N HIS B 302 41.72 10.34 -21.85
CA HIS B 302 42.19 9.91 -20.54
C HIS B 302 42.30 11.07 -19.53
N ARG B 303 42.91 12.17 -19.95
CA ARG B 303 43.06 13.33 -19.08
C ARG B 303 41.69 13.84 -18.67
N LEU B 304 40.76 13.86 -19.63
CA LEU B 304 39.42 14.34 -19.39
C LEU B 304 38.72 13.46 -18.37
N ARG B 305 38.79 12.14 -18.58
CA ARG B 305 38.17 11.15 -17.67
C ARG B 305 38.76 11.24 -16.27
N ASP B 306 40.10 11.31 -16.17
CA ASP B 306 40.79 11.52 -14.87
C ASP B 306 40.33 12.82 -14.22
N THR B 307 40.19 13.86 -15.03
CA THR B 307 39.93 15.18 -14.52
C THR B 307 38.51 15.32 -13.99
N LEU B 308 37.52 14.89 -14.79
CA LEU B 308 36.10 15.14 -14.49
C LEU B 308 35.54 14.08 -13.56
N GLY B 309 36.18 12.91 -13.56
CA GLY B 309 35.76 11.81 -12.68
C GLY B 309 34.51 11.09 -13.17
N CYS B 310 34.14 11.32 -14.42
CA CYS B 310 33.11 10.53 -15.09
C CYS B 310 33.74 9.40 -15.88
N PRO B 311 32.92 8.42 -16.33
CA PRO B 311 33.44 7.27 -17.05
C PRO B 311 33.75 7.59 -18.51
N LEU B 312 34.85 7.02 -18.99
CA LEU B 312 35.10 6.88 -20.43
C LEU B 312 34.43 5.61 -20.96
N VAL B 313 33.39 5.81 -21.78
CA VAL B 313 32.66 4.72 -22.44
C VAL B 313 33.22 4.43 -23.83
N VAL B 314 33.80 3.25 -23.99
CA VAL B 314 34.37 2.85 -25.27
C VAL B 314 33.36 2.04 -26.06
N ASP B 315 32.95 2.60 -27.19
CA ASP B 315 31.90 1.98 -28.04
C ASP B 315 32.56 1.08 -29.09
N GLU B 316 32.50 -0.23 -28.88
CA GLU B 316 33.08 -1.21 -29.81
C GLU B 316 32.00 -2.03 -30.53
N VAL B 317 30.82 -1.44 -30.68
CA VAL B 317 29.78 -2.04 -31.51
C VAL B 317 30.34 -2.52 -32.89
N GLN B 318 31.09 -1.63 -33.57
CA GLN B 318 31.69 -1.98 -34.85
C GLN B 318 33.07 -2.60 -34.72
N THR B 319 33.94 -1.95 -33.93
CA THR B 319 35.39 -2.30 -33.87
C THR B 319 35.68 -3.63 -33.18
N GLY B 320 34.71 -4.17 -32.46
CA GLY B 320 34.93 -5.38 -31.69
C GLY B 320 34.63 -6.69 -32.43
N ILE B 321 34.77 -7.78 -31.69
CA ILE B 321 34.81 -9.09 -32.20
C ILE B 321 35.72 -9.17 -33.44
N GLY B 322 36.93 -8.65 -33.29
CA GLY B 322 38.06 -9.12 -34.08
C GLY B 322 38.33 -8.25 -35.30
N ARG B 323 37.38 -7.42 -35.64
CA ARG B 323 37.39 -6.66 -36.86
C ARG B 323 38.73 -5.92 -37.10
N THR B 324 39.34 -5.43 -36.03
CA THR B 324 40.52 -4.60 -36.16
C THR B 324 41.79 -5.40 -36.12
N GLY B 325 41.67 -6.70 -35.87
CA GLY B 325 42.85 -7.57 -35.74
C GLY B 325 43.15 -7.90 -34.28
N ALA B 326 42.30 -7.39 -33.39
CA ALA B 326 42.17 -7.91 -32.03
C ALA B 326 40.70 -7.93 -31.65
N PHE B 327 40.37 -8.61 -30.55
CA PHE B 327 39.00 -8.61 -30.10
C PHE B 327 38.56 -7.21 -29.84
N PHE B 328 39.28 -6.52 -29.00
CA PHE B 328 38.95 -5.17 -28.68
C PHE B 328 39.85 -4.19 -29.47
N GLY B 329 39.22 -3.27 -30.19
CA GLY B 329 39.95 -2.22 -30.88
C GLY B 329 40.62 -1.25 -29.94
N SER B 330 39.95 -0.95 -28.84
CA SER B 330 40.51 -0.12 -27.78
C SER B 330 41.87 -0.64 -27.24
N ALA B 331 41.98 -1.96 -27.07
CA ALA B 331 43.22 -2.55 -26.63
C ALA B 331 44.31 -2.36 -27.65
N LEU B 332 43.94 -2.45 -28.92
CA LEU B 332 44.91 -2.25 -30.01
C LEU B 332 45.43 -0.82 -29.99
N LEU B 333 44.54 0.14 -29.75
CA LEU B 333 44.85 1.56 -29.96
C LEU B 333 45.16 2.26 -28.64
N GLY B 334 45.21 1.50 -27.55
CA GLY B 334 45.60 2.03 -26.25
C GLY B 334 44.57 2.94 -25.60
N ILE B 335 43.28 2.63 -25.79
CA ILE B 335 42.21 3.37 -25.09
C ILE B 335 41.70 2.62 -23.87
N ARG B 336 41.80 3.26 -22.71
CA ARG B 336 41.50 2.63 -21.46
C ARG B 336 40.21 3.16 -20.92
N GLY B 337 39.13 2.53 -21.30
CA GLY B 337 37.80 2.97 -20.89
C GLY B 337 37.42 2.37 -19.56
N ASP B 338 36.32 2.86 -19.01
CA ASP B 338 35.76 2.32 -17.81
C ASP B 338 34.55 1.43 -18.12
N TYR B 339 33.71 1.83 -19.11
CA TYR B 339 32.65 0.93 -19.64
C TYR B 339 32.99 0.56 -21.09
N TYR B 340 32.55 -0.61 -21.50
CA TYR B 340 32.65 -1.04 -22.90
C TYR B 340 31.29 -1.55 -23.43
N THR B 341 31.02 -1.35 -24.72
CA THR B 341 29.82 -1.90 -25.34
C THR B 341 30.15 -2.66 -26.60
N LEU B 342 29.50 -3.81 -26.77
CA LEU B 342 29.63 -4.64 -27.97
C LEU B 342 28.24 -4.98 -28.60
N ALA B 343 28.21 -5.20 -29.89
CA ALA B 343 27.00 -5.67 -30.55
C ALA B 343 27.34 -6.36 -31.91
N LYS B 344 26.57 -6.06 -32.92
CA LYS B 344 26.82 -6.52 -34.30
C LYS B 344 27.20 -8.01 -34.48
N ALA B 345 28.49 -8.28 -34.47
CA ALA B 345 29.00 -9.60 -34.88
C ALA B 345 28.73 -10.65 -33.82
N ILE B 346 28.24 -10.23 -32.66
CA ILE B 346 28.04 -11.16 -31.53
C ILE B 346 26.76 -11.96 -31.72
N GLY B 347 25.84 -11.43 -32.56
CA GLY B 347 24.67 -12.21 -33.00
C GLY B 347 24.96 -13.19 -34.16
N GLY B 348 26.22 -13.28 -34.59
CA GLY B 348 26.67 -14.34 -35.48
C GLY B 348 26.15 -14.17 -36.90
N GLY B 349 25.60 -13.01 -37.18
CA GLY B 349 25.01 -12.74 -38.48
C GLY B 349 23.54 -13.14 -38.60
N ILE B 350 22.95 -13.68 -37.55
CA ILE B 350 21.60 -14.26 -37.64
C ILE B 350 20.61 -13.82 -36.53
N VAL B 351 21.13 -13.49 -35.35
CA VAL B 351 20.29 -13.00 -34.25
C VAL B 351 20.80 -11.65 -33.70
N LYS B 352 20.08 -11.12 -32.72
CA LYS B 352 20.28 -9.73 -32.23
C LYS B 352 20.64 -9.73 -30.77
N ASN B 353 21.81 -9.21 -30.47
CA ASN B 353 22.34 -9.22 -29.10
C ASN B 353 23.32 -8.04 -28.88
N SER B 354 23.49 -7.62 -27.64
CA SER B 354 24.53 -6.63 -27.32
C SER B 354 24.84 -6.67 -25.86
N VAL B 355 25.89 -5.97 -25.46
CA VAL B 355 26.33 -6.05 -24.05
C VAL B 355 27.07 -4.78 -23.57
N ALA B 356 26.83 -4.43 -22.33
CA ALA B 356 27.55 -3.35 -21.70
C ALA B 356 28.45 -3.94 -20.62
N LEU B 357 29.75 -3.69 -20.72
CA LEU B 357 30.69 -4.12 -19.69
C LEU B 357 31.01 -2.96 -18.85
N ILE B 358 30.73 -3.06 -17.57
CA ILE B 358 30.94 -1.95 -16.67
C ILE B 358 31.89 -2.38 -15.55
N ARG B 359 32.89 -1.56 -15.26
CA ARG B 359 33.94 -1.97 -14.31
C ARG B 359 33.36 -2.18 -12.92
N GLN B 360 33.78 -3.26 -12.26
CA GLN B 360 33.12 -3.73 -11.03
C GLN B 360 33.40 -2.81 -9.85
N ASP B 361 34.57 -2.19 -9.83
CA ASP B 361 34.85 -1.18 -8.80
C ASP B 361 34.00 0.12 -8.96
N ARG B 362 33.38 0.32 -10.12
CA ARG B 362 32.45 1.46 -10.33
C ARG B 362 30.97 1.04 -10.37
N PHE B 363 30.70 -0.26 -10.44
CA PHE B 363 29.37 -0.73 -10.83
C PHE B 363 28.42 -0.69 -9.67
N LEU B 364 27.23 -0.19 -9.88
CA LEU B 364 26.30 0.10 -8.79
C LEU B 364 25.19 -0.95 -8.79
N PRO B 365 25.03 -1.66 -7.67
CA PRO B 365 24.28 -2.91 -7.72
C PRO B 365 22.80 -2.71 -8.09
N ALA B 366 22.23 -1.58 -7.68
CA ALA B 366 20.86 -1.24 -8.08
C ALA B 366 20.59 -1.50 -9.56
N MET B 367 21.55 -1.19 -10.41
CA MET B 367 21.38 -1.30 -11.86
C MET B 367 20.93 -2.71 -12.28
N GLU B 368 21.43 -3.72 -11.59
CA GLU B 368 21.13 -5.13 -11.93
C GLU B 368 19.65 -5.45 -11.76
N VAL B 369 18.94 -4.64 -10.99
CA VAL B 369 17.53 -4.92 -10.72
C VAL B 369 16.57 -3.81 -11.09
N ILE B 370 17.08 -2.61 -11.38
CA ILE B 370 16.22 -1.53 -11.87
C ILE B 370 16.25 -1.37 -13.37
N HIS B 371 17.26 -1.94 -14.01
CA HIS B 371 17.23 -2.11 -15.46
C HIS B 371 16.89 -3.56 -15.88
N SER B 372 16.18 -3.69 -17.00
CA SER B 372 15.75 -4.98 -17.52
C SER B 372 15.11 -4.76 -18.91
N SER B 373 14.84 -5.85 -19.63
CA SER B 373 14.28 -5.80 -20.98
C SER B 373 13.65 -7.18 -21.27
N THR B 374 12.59 -7.24 -22.09
CA THR B 374 11.87 -8.52 -22.33
C THR B 374 12.77 -9.54 -23.06
N PHE B 375 13.39 -9.09 -24.15
CA PHE B 375 14.12 -9.93 -25.05
C PHE B 375 15.60 -10.12 -24.63
N ALA B 376 16.08 -9.28 -23.73
CA ALA B 376 17.51 -9.24 -23.43
C ALA B 376 17.90 -10.46 -22.65
N LYS B 377 19.02 -11.04 -23.00
CA LYS B 377 19.55 -12.19 -22.26
C LYS B 377 18.81 -13.52 -22.66
N ASP B 378 18.03 -13.48 -23.74
CA ASP B 378 17.37 -14.68 -24.24
C ASP B 378 18.38 -15.82 -24.45
N GLY B 379 17.92 -17.04 -24.22
CA GLY B 379 18.78 -18.21 -24.29
C GLY B 379 19.40 -18.45 -25.65
N LEU B 380 18.70 -18.09 -26.72
CA LEU B 380 19.09 -18.44 -28.04
C LEU B 380 20.27 -17.59 -28.51
N SER B 381 20.16 -16.28 -28.34
CA SER B 381 21.24 -15.40 -28.69
C SER B 381 22.39 -15.52 -27.69
N ALA B 382 22.08 -15.90 -26.47
CA ALA B 382 23.12 -16.28 -25.50
C ALA B 382 23.96 -17.43 -26.03
N SER B 383 23.29 -18.49 -26.49
CA SER B 383 23.96 -19.69 -26.95
C SER B 383 24.83 -19.35 -28.16
N ILE B 384 24.28 -18.56 -29.05
CA ILE B 384 24.98 -18.17 -30.27
C ILE B 384 26.17 -17.25 -29.97
N ALA B 385 26.01 -16.38 -28.96
CA ALA B 385 27.15 -15.59 -28.43
C ALA B 385 28.36 -16.45 -28.00
N LEU B 386 28.10 -17.49 -27.21
CA LEU B 386 29.18 -18.42 -26.79
C LEU B 386 29.85 -19.04 -27.97
N LYS B 387 29.08 -19.38 -29.00
CA LYS B 387 29.66 -20.01 -30.19
C LYS B 387 30.60 -19.04 -30.91
N VAL B 388 30.14 -17.83 -31.11
CA VAL B 388 30.93 -16.81 -31.79
C VAL B 388 32.27 -16.59 -31.06
N LEU B 389 32.20 -16.52 -29.73
CA LEU B 389 33.40 -16.30 -28.92
C LEU B 389 34.33 -17.50 -28.98
N GLU B 390 33.73 -18.68 -29.09
CA GLU B 390 34.49 -19.85 -29.29
C GLU B 390 35.23 -19.73 -30.61
N MET B 391 34.55 -19.24 -31.64
CA MET B 391 35.10 -19.27 -32.98
C MET B 391 36.22 -18.25 -33.11
N VAL B 392 36.01 -17.09 -32.56
CA VAL B 392 36.95 -16.02 -32.73
C VAL B 392 38.24 -16.25 -31.87
N GLU B 393 38.11 -17.06 -30.83
CA GLU B 393 39.23 -17.38 -29.92
C GLU B 393 39.98 -18.62 -30.34
N ALA B 394 39.42 -19.40 -31.25
CA ALA B 394 39.91 -20.77 -31.53
C ALA B 394 41.35 -20.77 -32.06
N ASP B 395 42.05 -21.87 -31.77
CA ASP B 395 43.37 -22.17 -32.37
C ASP B 395 44.38 -21.09 -32.03
N GLY B 396 44.46 -20.77 -30.74
CA GLY B 396 45.50 -19.90 -30.23
C GLY B 396 45.32 -18.48 -30.71
N GLY B 397 44.07 -18.11 -30.96
CA GLY B 397 43.75 -16.78 -31.43
C GLY B 397 44.35 -16.50 -32.80
N ARG B 398 44.17 -17.42 -33.72
CA ARG B 398 44.70 -17.24 -35.05
C ARG B 398 43.70 -16.56 -35.96
N VAL B 399 42.44 -16.49 -35.54
CA VAL B 399 41.45 -15.77 -36.31
C VAL B 399 41.87 -14.33 -36.42
N TYR B 400 42.42 -13.77 -35.34
CA TYR B 400 42.88 -12.38 -35.34
C TYR B 400 44.01 -12.21 -36.35
N GLN B 401 44.88 -13.21 -36.44
CA GLN B 401 46.03 -13.15 -37.34
C GLN B 401 45.58 -13.14 -38.80
N ARG B 402 44.63 -14.00 -39.13
CA ARG B 402 43.92 -13.95 -40.39
C ARG B 402 43.38 -12.54 -40.70
N VAL B 403 42.62 -11.97 -39.77
CA VAL B 403 42.05 -10.61 -39.99
C VAL B 403 43.16 -9.57 -40.32
N ARG B 404 44.26 -9.62 -39.56
CA ARG B 404 45.38 -8.73 -39.80
C ARG B 404 45.86 -8.87 -41.24
N GLU B 405 46.12 -10.11 -41.67
CA GLU B 405 46.75 -10.36 -42.96
C GLU B 405 45.81 -10.12 -44.14
N ARG B 406 44.54 -10.47 -43.99
CA ARG B 406 43.52 -10.09 -44.98
C ARG B 406 43.35 -8.57 -45.03
N GLY B 407 43.37 -7.95 -43.85
CA GLY B 407 43.28 -6.50 -43.74
C GLY B 407 44.43 -5.81 -44.45
N GLN B 408 45.65 -6.29 -44.21
CA GLN B 408 46.85 -5.75 -44.88
C GLN B 408 46.67 -5.83 -46.38
N ARG B 409 46.35 -7.02 -46.85
CA ARG B 409 46.19 -7.25 -48.28
C ARG B 409 45.18 -6.25 -48.89
N LEU B 410 44.02 -6.08 -48.24
CA LEU B 410 42.94 -5.26 -48.80
C LEU B 410 43.29 -3.78 -48.71
N GLU B 411 43.98 -3.40 -47.65
CA GLU B 411 44.41 -2.02 -47.51
C GLU B 411 45.49 -1.65 -48.58
N ALA B 412 46.39 -2.58 -48.88
CA ALA B 412 47.44 -2.35 -49.88
C ALA B 412 46.85 -2.18 -51.26
N MET B 413 45.84 -3.00 -51.58
CA MET B 413 45.10 -2.83 -52.82
C MET B 413 44.47 -1.46 -52.87
N LEU B 414 43.79 -1.09 -51.79
CA LEU B 414 43.13 0.21 -51.74
C LEU B 414 44.14 1.35 -51.88
N GLU B 415 45.24 1.25 -51.12
CA GLU B 415 46.35 2.22 -51.19
C GLU B 415 46.96 2.28 -52.60
N SER B 416 47.03 1.14 -53.26
CA SER B 416 47.53 1.07 -54.63
C SER B 416 46.57 1.74 -55.61
N VAL B 417 45.27 1.58 -55.36
CA VAL B 417 44.26 2.24 -56.17
C VAL B 417 44.30 3.75 -55.95
N ARG B 418 44.50 4.17 -54.70
CA ARG B 418 44.64 5.58 -54.39
C ARG B 418 45.79 6.21 -55.13
N ALA B 419 46.91 5.51 -55.16
CA ALA B 419 48.16 6.08 -55.68
C ALA B 419 48.06 6.43 -57.17
N ASP B 420 47.24 5.65 -57.90
CA ASP B 420 46.98 5.93 -59.32
C ASP B 420 45.71 6.78 -59.55
N HIS B 421 44.94 7.04 -58.50
CA HIS B 421 43.71 7.81 -58.65
C HIS B 421 43.57 8.89 -57.57
N SER B 422 44.66 9.56 -57.26
CA SER B 422 44.69 10.56 -56.17
C SER B 422 43.90 11.83 -56.53
N ASP B 423 43.56 11.99 -57.80
CA ASP B 423 42.73 13.12 -58.21
C ASP B 423 41.30 13.01 -57.70
N VAL B 424 40.82 11.80 -57.46
CA VAL B 424 39.46 11.63 -56.92
C VAL B 424 39.39 10.93 -55.55
N VAL B 425 40.55 10.46 -55.06
CA VAL B 425 40.64 9.77 -53.78
C VAL B 425 41.70 10.44 -52.92
N SER B 426 41.29 10.95 -51.74
CA SER B 426 42.21 11.69 -50.86
C SER B 426 42.97 10.77 -49.90
N ALA B 427 42.27 9.81 -49.32
CA ALA B 427 42.86 9.02 -48.25
C ALA B 427 42.32 7.57 -48.19
N VAL B 428 43.13 6.70 -47.60
CA VAL B 428 42.66 5.45 -47.05
C VAL B 428 42.68 5.55 -45.56
N TRP B 429 41.56 5.15 -44.93
CA TRP B 429 41.40 5.22 -43.47
C TRP B 429 41.02 3.85 -42.92
N GLY B 430 41.39 3.60 -41.67
CA GLY B 430 40.90 2.45 -40.94
C GLY B 430 42.02 1.50 -40.56
N THR B 431 41.65 0.36 -40.02
CA THR B 431 42.62 -0.65 -39.68
C THR B 431 41.96 -2.00 -39.69
N GLY B 432 42.76 -3.04 -39.71
CA GLY B 432 42.22 -4.39 -39.84
C GLY B 432 41.31 -4.52 -41.05
N LEU B 433 40.17 -5.17 -40.87
CA LEU B 433 39.18 -5.25 -41.95
C LEU B 433 38.08 -4.21 -41.76
N MET B 434 38.46 -3.03 -41.31
CA MET B 434 37.52 -1.91 -41.21
C MET B 434 38.09 -0.69 -41.93
N LEU B 435 37.90 -0.64 -43.24
CA LEU B 435 38.61 0.29 -44.09
C LEU B 435 37.63 1.12 -44.90
N ALA B 436 38.11 2.26 -45.40
CA ALA B 436 37.33 3.10 -46.28
C ALA B 436 38.26 3.94 -47.17
N LEU B 437 37.79 4.25 -48.40
CA LEU B 437 38.38 5.32 -49.21
C LEU B 437 37.64 6.61 -49.00
N GLU B 438 38.36 7.71 -48.82
CA GLU B 438 37.75 9.03 -48.83
C GLU B 438 37.71 9.58 -50.26
N LEU B 439 36.52 10.00 -50.69
CA LEU B 439 36.33 10.61 -52.02
C LEU B 439 36.60 12.11 -51.94
N ARG B 440 37.26 12.65 -52.93
CA ARG B 440 37.37 14.10 -53.04
C ARG B 440 36.01 14.70 -53.40
N ASP B 441 35.80 15.93 -52.94
CA ASP B 441 34.54 16.62 -53.18
C ASP B 441 34.29 16.78 -54.66
N GLN B 442 33.04 16.61 -55.06
CA GLN B 442 32.65 16.71 -56.46
C GLN B 442 31.51 17.70 -56.62
N SER B 443 31.27 18.53 -55.62
CA SER B 443 30.21 19.52 -55.70
C SER B 443 30.54 20.56 -56.74
N ASN B 444 31.81 20.59 -57.16
CA ASN B 444 32.28 21.54 -58.16
C ASN B 444 32.49 20.90 -59.53
N ALA B 445 31.81 19.79 -59.77
CA ALA B 445 32.19 18.88 -60.83
C ALA B 445 31.68 19.37 -62.14
N THR B 446 32.35 18.96 -63.22
CA THR B 446 32.03 19.41 -64.56
C THR B 446 30.69 18.87 -65.01
N SER B 447 30.54 17.56 -64.92
CA SER B 447 29.29 16.91 -65.25
C SER B 447 28.16 17.49 -64.42
N GLN B 448 27.16 18.04 -65.11
CA GLN B 448 25.90 18.40 -64.51
C GLN B 448 25.43 17.31 -63.50
N ALA B 449 25.20 16.10 -64.00
CA ALA B 449 24.40 15.13 -63.26
C ALA B 449 25.15 14.66 -62.03
N ILE B 450 26.46 14.61 -62.11
CA ILE B 450 27.30 14.27 -60.98
C ILE B 450 27.27 15.40 -59.96
N ARG B 451 27.45 16.63 -60.44
CA ARG B 451 27.49 17.80 -59.57
C ARG B 451 26.23 17.87 -58.72
N GLU B 452 25.09 17.58 -59.31
CA GLU B 452 23.83 17.70 -58.62
C GLU B 452 23.69 16.62 -57.50
N LYS B 453 24.07 15.39 -57.81
CA LYS B 453 24.09 14.34 -56.78
C LYS B 453 25.12 14.63 -55.66
N ALA B 454 26.31 15.10 -56.02
CA ALA B 454 27.32 15.43 -55.01
C ALA B 454 26.82 16.53 -54.10
N ALA B 455 26.08 17.47 -54.66
CA ALA B 455 25.54 18.59 -53.91
C ALA B 455 24.46 18.13 -52.94
N HIS B 456 23.72 17.09 -53.33
CA HIS B 456 22.69 16.51 -52.46
C HIS B 456 23.29 15.59 -51.37
N GLY B 457 24.59 15.37 -51.41
CA GLY B 457 25.25 14.41 -50.49
C GLY B 457 25.09 12.93 -50.93
N PHE B 458 24.79 12.71 -52.21
CA PHE B 458 24.47 11.36 -52.71
C PHE B 458 25.59 10.71 -53.56
N LEU B 459 26.74 11.40 -53.70
CA LEU B 459 27.82 10.92 -54.57
C LEU B 459 28.16 9.45 -54.31
N GLY B 460 28.47 9.14 -53.05
CA GLY B 460 28.93 7.80 -52.67
C GLY B 460 27.95 6.69 -53.06
N TYR B 461 26.66 7.01 -53.01
CA TYR B 461 25.61 6.06 -53.33
C TYR B 461 25.53 5.81 -54.83
N VAL B 462 25.77 6.85 -55.60
CA VAL B 462 25.79 6.75 -57.05
C VAL B 462 26.94 5.88 -57.51
N LEU B 463 28.11 6.13 -56.97
CA LEU B 463 29.28 5.33 -57.27
C LEU B 463 29.06 3.86 -56.87
N ALA B 464 28.39 3.66 -55.73
CA ALA B 464 28.05 2.33 -55.29
C ALA B 464 27.18 1.63 -56.32
N GLY B 465 26.25 2.36 -56.94
CA GLY B 465 25.37 1.78 -57.95
C GLY B 465 26.13 1.36 -59.19
N PHE B 466 27.15 2.13 -59.54
CA PHE B 466 28.03 1.77 -60.63
C PHE B 466 28.69 0.45 -60.33
N LEU B 467 29.19 0.31 -59.12
CA LEU B 467 29.90 -0.87 -58.74
C LEU B 467 28.99 -2.10 -58.76
N LEU B 468 27.72 -1.90 -58.40
CA LEU B 468 26.75 -2.98 -58.42
C LEU B 468 26.47 -3.45 -59.84
N ARG B 469 26.06 -2.52 -60.70
CA ARG B 469 25.53 -2.89 -62.02
C ARG B 469 26.61 -3.25 -63.04
N GLU B 470 27.82 -2.71 -62.86
CA GLU B 470 28.89 -2.91 -63.86
C GLU B 470 29.95 -3.92 -63.41
N HIS B 471 29.97 -4.25 -62.12
CA HIS B 471 30.99 -5.16 -61.61
C HIS B 471 30.45 -6.17 -60.60
N HIS B 472 29.14 -6.09 -60.33
CA HIS B 472 28.51 -7.02 -59.39
C HIS B 472 29.25 -7.03 -58.05
N ILE B 473 29.53 -5.84 -57.53
CA ILE B 473 30.09 -5.69 -56.21
C ILE B 473 29.22 -4.76 -55.38
N ARG B 474 28.91 -5.18 -54.15
CA ARG B 474 28.10 -4.39 -53.20
C ARG B 474 29.04 -3.63 -52.26
N VAL B 475 29.13 -2.31 -52.48
CA VAL B 475 29.77 -1.40 -51.53
C VAL B 475 28.70 -0.42 -51.04
N LEU B 476 28.83 0.06 -49.79
CA LEU B 476 27.98 1.16 -49.32
C LEU B 476 28.80 2.27 -48.76
N PRO B 477 28.32 3.49 -48.90
CA PRO B 477 29.09 4.63 -48.40
C PRO B 477 29.05 4.76 -46.88
N ALA B 478 29.99 5.50 -46.33
CA ALA B 478 29.93 5.92 -44.93
C ALA B 478 30.17 7.40 -44.85
N GLY B 479 30.03 7.95 -43.66
CA GLY B 479 30.31 9.34 -43.43
C GLY B 479 29.15 10.21 -43.80
N PRO B 480 29.22 11.49 -43.41
CA PRO B 480 28.06 12.39 -43.30
C PRO B 480 27.36 12.78 -44.64
N ARG B 481 28.12 12.85 -45.74
CA ARG B 481 27.53 13.18 -47.04
C ARG B 481 27.87 12.09 -48.06
N SER B 482 27.86 10.84 -47.59
CA SER B 482 28.31 9.69 -48.37
C SER B 482 29.67 9.97 -49.02
N GLY B 483 30.52 10.68 -48.30
CA GLY B 483 31.83 11.06 -48.81
C GLY B 483 32.89 9.98 -48.66
N PHE B 484 32.51 8.84 -48.10
CA PHE B 484 33.44 7.72 -47.97
C PHE B 484 32.82 6.45 -48.55
N LEU B 485 33.69 5.55 -49.01
CA LEU B 485 33.27 4.20 -49.42
C LEU B 485 33.81 3.18 -48.47
N ARG B 486 32.92 2.40 -47.89
CA ARG B 486 33.28 1.45 -46.86
C ARG B 486 33.70 0.10 -47.48
N PHE B 487 34.73 -0.51 -46.91
CA PHE B 487 35.11 -1.90 -47.24
C PHE B 487 35.30 -2.68 -45.98
N SER B 488 34.30 -3.50 -45.61
CA SER B 488 34.38 -4.29 -44.38
C SER B 488 33.77 -5.70 -44.57
N PRO B 489 34.45 -6.57 -45.37
CA PRO B 489 34.03 -7.92 -45.67
C PRO B 489 34.42 -8.90 -44.58
N SER B 490 34.08 -10.18 -44.78
CA SER B 490 34.43 -11.22 -43.83
C SER B 490 35.93 -11.51 -43.91
N LEU B 491 36.42 -12.23 -42.91
CA LEU B 491 37.81 -12.67 -42.87
C LEU B 491 38.12 -13.71 -44.01
N TYR B 492 37.09 -14.25 -44.65
CA TYR B 492 37.26 -15.26 -45.71
C TYR B 492 37.40 -14.65 -47.07
N ILE B 493 37.36 -13.33 -47.15
CA ILE B 493 37.56 -12.68 -48.46
C ILE B 493 38.82 -13.19 -49.15
N THR B 494 38.70 -13.52 -50.44
CA THR B 494 39.79 -14.16 -51.18
C THR B 494 40.59 -13.15 -51.98
N ASP B 495 41.81 -13.53 -52.33
CA ASP B 495 42.65 -12.71 -53.20
C ASP B 495 41.94 -12.40 -54.55
N GLU B 496 41.25 -13.38 -55.08
CA GLU B 496 40.55 -13.23 -56.35
C GLU B 496 39.45 -12.15 -56.23
N GLU B 497 38.72 -12.18 -55.12
CA GLU B 497 37.69 -11.20 -54.85
C GLU B 497 38.27 -9.80 -54.64
N ILE B 498 39.41 -9.73 -53.96
CA ILE B 498 40.10 -8.47 -53.78
C ILE B 498 40.58 -7.90 -55.12
N ASP B 499 41.12 -8.79 -55.99
CA ASP B 499 41.51 -8.41 -57.37
C ASP B 499 40.33 -7.91 -58.18
N ARG B 500 39.18 -8.57 -58.03
CA ARG B 500 37.98 -8.17 -58.77
C ARG B 500 37.50 -6.82 -58.30
N THR B 501 37.75 -6.50 -57.02
CA THR B 501 37.40 -5.22 -56.45
C THR B 501 38.35 -4.12 -56.90
N GLU B 502 39.65 -4.42 -56.96
CA GLU B 502 40.63 -3.49 -57.58
C GLU B 502 40.25 -3.12 -59.02
N THR B 503 39.94 -4.13 -59.83
CA THR B 503 39.52 -3.88 -61.22
C THR B 503 38.31 -2.97 -61.24
N ALA B 504 37.33 -3.27 -60.38
CA ALA B 504 36.08 -2.50 -60.30
C ALA B 504 36.34 -1.06 -59.89
N LEU B 505 37.25 -0.85 -58.95
CA LEU B 505 37.52 0.50 -58.44
C LEU B 505 38.29 1.37 -59.47
N ARG B 506 39.31 0.80 -60.08
CA ARG B 506 40.03 1.50 -61.14
C ARG B 506 39.06 1.93 -62.23
N SER B 507 38.17 1.02 -62.63
CA SER B 507 37.11 1.35 -63.60
C SER B 507 36.27 2.55 -63.09
N LEU B 508 35.82 2.47 -61.85
CA LEU B 508 34.95 3.50 -61.28
C LEU B 508 35.63 4.87 -61.30
N PHE B 509 36.85 4.93 -60.78
CA PHE B 509 37.55 6.19 -60.61
C PHE B 509 38.19 6.69 -61.89
N THR B 510 38.25 5.84 -62.91
CA THR B 510 38.61 6.30 -64.28
C THR B 510 37.42 6.97 -64.96
N ALA B 511 36.23 6.40 -64.80
CA ALA B 511 35.01 7.05 -65.25
C ALA B 511 34.76 8.39 -64.51
N LEU B 512 35.10 8.44 -63.22
CA LEU B 512 34.87 9.65 -62.44
C LEU B 512 35.88 10.75 -62.86
N ARG B 513 37.14 10.37 -63.05
CA ARG B 513 38.13 11.24 -63.70
C ARG B 513 37.60 11.79 -65.02
N ASP B 514 36.99 10.93 -65.83
CA ASP B 514 36.45 11.34 -67.14
C ASP B 514 35.20 12.19 -67.02
N GLN B 515 34.70 12.34 -65.79
CA GLN B 515 33.41 12.99 -65.55
C GLN B 515 32.32 12.44 -66.45
N ASP B 516 32.19 11.11 -66.46
CA ASP B 516 31.25 10.44 -67.33
C ASP B 516 29.90 10.26 -66.65
N GLY B 517 29.06 11.29 -66.72
CA GLY B 517 27.82 11.35 -65.95
C GLY B 517 26.72 10.47 -66.53
N ASP B 518 26.71 10.36 -67.84
CA ASP B 518 25.82 9.42 -68.52
C ASP B 518 25.94 8.04 -67.90
N ARG B 519 27.17 7.63 -67.62
CA ARG B 519 27.47 6.26 -67.25
C ARG B 519 27.35 6.06 -65.73
N LEU B 520 27.62 7.11 -64.96
CA LEU B 520 27.63 7.01 -63.51
C LEU B 520 26.23 7.24 -62.93
N VAL B 521 25.52 8.23 -63.46
CA VAL B 521 24.19 8.57 -62.95
C VAL B 521 23.13 8.05 -63.89
N LEU B 522 22.17 7.30 -63.33
CA LEU B 522 21.11 6.65 -64.14
C LEU B 522 20.12 7.68 -64.68
N GLY C 6 16.78 7.18 31.77
CA GLY C 6 17.39 6.52 32.97
C GLY C 6 16.38 6.07 34.02
N GLU C 7 15.46 6.96 34.39
CA GLU C 7 14.80 6.88 35.70
C GLU C 7 13.45 6.16 35.61
N PRO C 8 12.93 5.70 36.75
CA PRO C 8 11.66 5.00 36.75
C PRO C 8 10.60 5.71 35.93
N VAL C 9 9.81 4.94 35.22
CA VAL C 9 8.74 5.46 34.41
C VAL C 9 7.51 4.55 34.61
N TYR C 10 6.34 5.17 34.82
CA TYR C 10 5.17 4.44 35.32
C TYR C 10 4.00 4.42 34.33
N ALA C 11 4.12 5.15 33.23
CA ALA C 11 3.21 5.02 32.09
C ALA C 11 3.80 5.67 30.85
N ASP C 12 3.34 5.20 29.68
CA ASP C 12 3.47 5.96 28.44
C ASP C 12 4.91 5.97 27.87
N ALA C 13 5.81 5.20 28.43
CA ALA C 13 7.21 5.25 27.98
C ALA C 13 7.33 4.93 26.48
N VAL C 14 6.75 3.82 26.07
CA VAL C 14 6.80 3.40 24.67
C VAL C 14 6.04 4.41 23.79
N LEU C 15 4.83 4.74 24.21
CA LEU C 15 4.02 5.71 23.47
C LEU C 15 4.77 7.02 23.29
N ASN C 16 5.40 7.51 24.35
CA ASN C 16 6.14 8.78 24.28
C ASN C 16 7.40 8.68 23.42
N GLY C 17 8.15 7.58 23.55
CA GLY C 17 9.29 7.33 22.68
C GLY C 17 8.86 7.51 21.23
N TRP C 18 7.78 6.85 20.87
CA TRP C 18 7.33 6.85 19.51
C TRP C 18 6.83 8.24 19.06
N LEU C 19 6.00 8.88 19.86
CA LEU C 19 5.55 10.23 19.54
C LEU C 19 6.73 11.16 19.27
N THR C 20 7.77 11.05 20.10
CA THR C 20 8.94 11.89 19.94
C THR C 20 9.62 11.68 18.56
N SER C 21 9.79 10.44 18.15
CA SER C 21 10.50 10.17 16.91
C SER C 21 9.67 10.55 15.66
N MET C 22 8.35 10.67 15.84
CA MET C 22 7.47 11.17 14.76
C MET C 22 7.47 12.70 14.68
N GLY C 23 8.02 13.35 15.70
CA GLY C 23 7.97 14.83 15.79
C GLY C 23 6.74 15.34 16.53
N LEU C 24 6.08 14.47 17.29
CA LEU C 24 4.80 14.78 17.91
C LEU C 24 4.88 14.79 19.44
N GLY C 25 6.11 14.80 19.96
CA GLY C 25 6.34 14.79 21.37
C GLY C 25 6.22 16.18 21.97
N VAL C 26 4.99 16.63 22.18
CA VAL C 26 4.76 17.94 22.77
C VAL C 26 3.68 17.81 23.88
N GLU C 27 3.72 18.69 24.88
CA GLU C 27 2.69 18.75 25.89
C GLU C 27 1.86 20.01 25.70
N TYR C 28 0.56 19.84 25.58
CA TYR C 28 -0.34 20.96 25.52
C TYR C 28 -0.81 21.32 26.92
N VAL C 29 -0.78 22.62 27.28
CA VAL C 29 -1.05 23.05 28.67
C VAL C 29 -2.39 23.75 28.81
N ARG C 30 -2.95 24.20 27.71
CA ARG C 30 -4.19 24.92 27.73
C ARG C 30 -4.84 24.79 26.36
N ALA C 31 -6.16 24.91 26.33
CA ALA C 31 -6.90 24.84 25.05
C ALA C 31 -8.16 25.75 25.10
N GLU C 32 -8.40 26.46 24.01
CA GLU C 32 -9.69 27.09 23.80
C GLU C 32 -9.97 27.20 22.32
N GLY C 33 -11.22 27.00 21.96
CA GLY C 33 -11.62 27.12 20.58
C GLY C 33 -10.98 26.03 19.76
N ASN C 34 -10.35 26.44 18.66
CA ASN C 34 -9.63 25.52 17.80
C ASN C 34 -8.13 25.58 18.09
N THR C 35 -7.76 26.14 19.23
CA THR C 35 -6.36 26.36 19.55
C THR C 35 -6.00 25.56 20.78
N VAL C 36 -4.89 24.82 20.68
CA VAL C 36 -4.21 24.27 21.84
C VAL C 36 -2.85 24.95 22.01
N TYR C 37 -2.38 25.08 23.27
CA TYR C 37 -1.14 25.83 23.57
C TYR C 37 -0.09 24.91 24.18
N TYR C 38 1.13 24.98 23.69
CA TYR C 38 2.29 24.39 24.40
C TYR C 38 3.29 25.45 24.85
N LEU C 39 4.20 25.07 25.73
CA LEU C 39 5.24 25.99 26.20
C LEU C 39 6.54 25.79 25.43
N ASP C 40 7.10 26.89 24.92
CA ASP C 40 8.40 26.86 24.24
C ASP C 40 9.57 26.86 25.23
N ASP C 41 10.80 26.83 24.70
CA ASP C 41 12.03 26.77 25.51
C ASP C 41 12.02 27.84 26.60
N GLU C 42 11.48 29.01 26.25
CA GLU C 42 11.59 30.20 27.09
C GLU C 42 10.41 30.30 28.06
N GLY C 43 9.35 29.52 27.82
CA GLY C 43 8.28 29.34 28.79
C GLY C 43 6.98 30.09 28.45
N ARG C 44 6.87 30.59 27.23
CA ARG C 44 5.61 31.24 26.79
C ARG C 44 4.72 30.32 25.95
N GLU C 45 3.43 30.64 25.93
CA GLU C 45 2.44 29.83 25.26
C GLU C 45 2.50 30.05 23.77
N VAL C 46 2.76 28.98 23.01
CA VAL C 46 2.63 29.00 21.56
C VAL C 46 1.27 28.43 21.13
N PRO C 47 0.50 29.20 20.36
CA PRO C 47 -0.76 28.69 19.87
C PRO C 47 -0.61 27.70 18.68
N VAL C 48 -1.31 26.54 18.79
CA VAL C 48 -1.36 25.55 17.71
C VAL C 48 -2.81 25.33 17.27
N LEU C 49 -3.04 25.38 15.95
CA LEU C 49 -4.37 25.13 15.40
C LEU C 49 -4.67 23.61 15.38
N ASP C 50 -5.81 23.22 15.98
CA ASP C 50 -6.13 21.81 16.18
C ASP C 50 -7.12 21.34 15.12
N HIS C 51 -6.65 20.52 14.19
CA HIS C 51 -7.52 19.90 13.19
C HIS C 51 -7.97 18.47 13.59
N ALA C 52 -7.41 17.95 14.67
CA ALA C 52 -7.81 16.63 15.17
C ALA C 52 -9.03 16.73 16.14
N CYS C 53 -8.92 17.58 17.13
CA CYS C 53 -10.08 17.94 17.95
C CYS C 53 -10.76 16.73 18.58
N GLY C 54 -10.00 15.94 19.33
CA GLY C 54 -10.54 14.75 19.95
C GLY C 54 -11.09 13.72 18.93
N PHE C 55 -10.41 13.60 17.79
CA PHE C 55 -10.89 12.76 16.69
C PHE C 55 -12.35 13.02 16.37
N GLY C 56 -12.74 14.29 16.38
CA GLY C 56 -14.05 14.68 15.94
C GLY C 56 -15.03 14.84 17.08
N SER C 57 -14.51 14.90 18.31
CA SER C 57 -15.37 15.17 19.49
C SER C 57 -15.78 16.64 19.65
N LEU C 58 -15.09 17.55 18.99
CA LEU C 58 -15.16 18.99 19.39
C LEU C 58 -15.79 19.84 18.32
N ILE C 59 -17.04 19.55 18.00
CA ILE C 59 -17.78 20.31 17.01
C ILE C 59 -17.88 21.77 17.44
N PHE C 60 -17.92 22.00 18.75
CA PHE C 60 -18.00 23.35 19.33
C PHE C 60 -16.65 23.86 19.86
N GLY C 61 -15.57 23.12 19.61
CA GLY C 61 -14.23 23.52 20.03
C GLY C 61 -13.86 23.04 21.41
N HIS C 62 -12.62 23.33 21.81
CA HIS C 62 -12.17 23.04 23.15
C HIS C 62 -12.84 24.01 24.13
N ASN C 63 -13.46 23.46 25.17
CA ASN C 63 -13.80 24.26 26.35
C ASN C 63 -14.63 25.47 25.97
N HIS C 64 -15.73 25.21 25.31
CA HIS C 64 -16.62 26.23 24.89
C HIS C 64 -17.25 26.88 26.13
N PRO C 65 -17.19 28.21 26.21
CA PRO C 65 -17.63 28.95 27.37
C PRO C 65 -19.01 28.57 27.83
N GLU C 66 -19.97 28.46 26.89
CA GLU C 66 -21.33 28.02 27.25
C GLU C 66 -21.34 26.66 27.91
N ILE C 67 -20.50 25.74 27.43
CA ILE C 67 -20.47 24.40 28.00
C ILE C 67 -19.75 24.40 29.34
N ILE C 68 -18.69 25.15 29.42
CA ILE C 68 -17.95 25.29 30.69
C ILE C 68 -18.88 25.87 31.78
N ALA C 69 -19.58 26.94 31.43
CA ALA C 69 -20.40 27.67 32.38
C ALA C 69 -21.52 26.79 32.87
N HIS C 70 -22.17 26.09 31.95
CA HIS C 70 -23.24 25.16 32.32
C HIS C 70 -22.75 24.07 33.24
N ALA C 71 -21.56 23.59 32.99
CA ALA C 71 -21.01 22.53 33.79
C ALA C 71 -20.76 23.01 35.19
N LYS C 72 -20.13 24.16 35.32
CA LYS C 72 -19.87 24.72 36.65
C LYS C 72 -21.18 24.97 37.39
N ALA C 73 -22.19 25.43 36.69
CA ALA C 73 -23.52 25.64 37.30
C ALA C 73 -24.07 24.33 37.82
N ALA C 74 -24.00 23.29 36.99
CA ALA C 74 -24.49 21.97 37.40
C ALA C 74 -23.76 21.50 38.67
N LEU C 75 -22.47 21.73 38.72
CA LEU C 75 -21.68 21.35 39.89
C LEU C 75 -22.10 22.14 41.10
N ASP C 76 -22.34 23.45 40.92
CA ASP C 76 -22.74 24.30 42.03
C ASP C 76 -24.13 23.97 42.54
N ALA C 77 -25.00 23.46 41.68
CA ALA C 77 -26.38 23.14 42.10
C ALA C 77 -26.51 21.85 42.92
N GLY C 78 -25.43 21.07 43.03
CA GLY C 78 -25.50 19.80 43.79
C GLY C 78 -26.24 18.76 42.99
N THR C 79 -26.02 18.79 41.70
CA THR C 79 -26.55 17.80 40.84
C THR C 79 -26.27 16.37 41.37
N VAL C 80 -27.29 15.52 41.31
CA VAL C 80 -27.14 14.14 41.72
C VAL C 80 -26.47 13.36 40.59
N VAL C 81 -25.20 13.06 40.78
CA VAL C 81 -24.47 12.35 39.77
C VAL C 81 -24.72 10.86 39.90
N HIS C 82 -24.69 10.37 41.15
CA HIS C 82 -24.90 8.96 41.43
C HIS C 82 -26.25 8.72 42.07
N ALA C 83 -27.23 8.38 41.25
CA ALA C 83 -28.60 8.16 41.71
C ALA C 83 -29.13 6.86 41.09
N GLN C 84 -28.33 5.81 41.17
CA GLN C 84 -28.68 4.55 40.56
C GLN C 84 -29.97 3.99 41.19
N LEU C 85 -30.75 3.33 40.36
CA LEU C 85 -32.05 2.74 40.77
C LEU C 85 -32.92 3.76 41.47
N SER C 86 -33.02 4.93 40.86
CA SER C 86 -34.07 5.90 41.17
C SER C 86 -34.58 6.53 39.89
N ARG C 87 -35.52 7.45 40.01
CA ARG C 87 -36.18 8.05 38.86
C ARG C 87 -35.29 9.16 38.30
N GLN C 88 -34.81 8.99 37.06
CA GLN C 88 -33.93 9.98 36.43
C GLN C 88 -34.53 10.50 35.11
N PRO C 89 -35.48 11.42 35.20
CA PRO C 89 -36.26 11.92 34.04
C PRO C 89 -35.42 12.44 32.88
N ARG C 90 -34.20 12.84 33.15
CA ARG C 90 -33.39 13.48 32.13
C ARG C 90 -33.05 12.53 31.01
N ALA C 91 -33.01 11.22 31.31
CA ALA C 91 -32.71 10.23 30.29
C ALA C 91 -33.87 10.16 29.30
N ASN C 92 -35.08 10.12 29.82
CA ASN C 92 -36.28 10.20 28.97
C ASN C 92 -36.31 11.48 28.15
N GLN C 93 -35.88 12.57 28.75
CA GLN C 93 -35.86 13.88 28.09
C GLN C 93 -34.86 13.95 26.91
N ILE C 94 -33.64 13.51 27.15
CA ILE C 94 -32.63 13.45 26.08
C ILE C 94 -33.13 12.59 24.91
N SER C 95 -33.79 11.46 25.24
CA SER C 95 -34.28 10.51 24.20
C SER C 95 -35.45 11.10 23.43
N ARG C 96 -36.34 11.79 24.12
CA ARG C 96 -37.39 12.54 23.43
C ARG C 96 -36.82 13.46 22.36
N ILE C 97 -35.78 14.19 22.68
CA ILE C 97 -35.23 15.15 21.77
C ILE C 97 -34.64 14.44 20.57
N LEU C 98 -33.82 13.42 20.80
CA LEU C 98 -33.13 12.72 19.68
C LEU C 98 -34.14 12.06 18.75
N ASN C 99 -35.16 11.44 19.35
CA ASN C 99 -36.38 11.00 18.63
C ASN C 99 -37.02 12.08 17.73
N ASP C 100 -37.27 13.26 18.27
CA ASP C 100 -37.89 14.34 17.48
C ASP C 100 -36.98 14.79 16.33
N ILE C 101 -35.68 14.88 16.61
CA ILE C 101 -34.70 15.19 15.58
C ILE C 101 -34.67 14.13 14.48
N MET C 102 -34.74 12.86 14.86
CA MET C 102 -34.66 11.78 13.89
C MET C 102 -35.89 11.79 12.96
N ARG C 103 -37.06 11.98 13.54
CA ARG C 103 -38.29 12.09 12.76
C ARG C 103 -38.21 13.27 11.78
N ARG C 104 -37.66 14.40 12.25
CA ARG C 104 -37.58 15.59 11.41
C ARG C 104 -36.68 15.36 10.22
N GLU C 105 -35.57 14.69 10.44
CA GLU C 105 -34.53 14.56 9.42
C GLU C 105 -34.78 13.34 8.48
N THR C 106 -35.60 12.38 8.90
CA THR C 106 -35.88 11.19 8.06
C THR C 106 -37.30 11.16 7.48
N GLY C 107 -38.17 12.03 7.97
CA GLY C 107 -39.60 11.92 7.65
C GLY C 107 -40.28 10.81 8.44
N ARG C 108 -39.52 9.82 8.88
CA ARG C 108 -40.10 8.64 9.52
C ARG C 108 -40.57 8.91 10.94
N ASP C 109 -41.74 8.39 11.26
CA ASP C 109 -42.30 8.56 12.56
C ASP C 109 -42.11 7.31 13.40
N ASP C 110 -40.87 6.94 13.61
CA ASP C 110 -40.55 5.79 14.46
C ASP C 110 -40.12 6.24 15.84
N ARG C 111 -40.28 5.35 16.81
CA ARG C 111 -39.92 5.65 18.17
C ARG C 111 -38.74 4.77 18.64
N TYR C 112 -37.79 5.40 19.35
CA TYR C 112 -36.59 4.70 19.82
C TYR C 112 -36.52 4.76 21.34
N ASN C 113 -36.17 3.63 21.94
CA ASN C 113 -35.75 3.61 23.32
C ASN C 113 -34.28 3.93 23.46
N ALA C 114 -33.92 4.57 24.57
CA ALA C 114 -32.54 4.98 24.83
C ALA C 114 -31.94 4.22 26.00
N ILE C 115 -30.76 3.68 25.79
CA ILE C 115 -29.92 3.15 26.87
C ILE C 115 -28.60 3.83 26.84
N PHE C 116 -28.17 4.36 27.97
CA PHE C 116 -27.00 5.26 28.01
C PHE C 116 -25.78 4.50 28.42
N ALA C 117 -24.60 5.02 28.09
CA ALA C 117 -23.37 4.41 28.54
C ALA C 117 -22.22 5.42 28.63
N ASN C 118 -20.99 4.92 28.71
CA ASN C 118 -19.84 5.78 29.02
C ASN C 118 -18.84 5.96 27.87
N SER C 119 -19.00 5.22 26.78
CA SER C 119 -18.12 5.38 25.63
C SER C 119 -18.81 4.81 24.41
N GLY C 120 -18.22 5.05 23.24
CA GLY C 120 -18.78 4.57 21.99
C GLY C 120 -18.80 3.07 21.94
N ALA C 121 -17.74 2.46 22.43
CA ALA C 121 -17.64 1.03 22.43
C ALA C 121 -18.69 0.41 23.30
N GLU C 122 -18.92 1.00 24.47
CA GLU C 122 -19.95 0.53 25.38
C GLU C 122 -21.34 0.59 24.71
N ALA C 123 -21.58 1.65 23.96
CA ALA C 123 -22.88 1.83 23.33
C ALA C 123 -23.06 0.80 22.21
N ASN C 124 -22.05 0.68 21.35
CA ASN C 124 -22.07 -0.36 20.33
C ASN C 124 -22.23 -1.74 20.92
N GLU C 125 -21.70 -1.96 22.11
CA GLU C 125 -21.80 -3.29 22.75
C GLU C 125 -23.16 -3.55 23.39
N ILE C 126 -23.82 -2.51 23.82
CA ILE C 126 -25.21 -2.59 24.19
C ILE C 126 -26.03 -3.03 22.99
N CYS C 127 -25.68 -2.51 21.82
CA CYS C 127 -26.37 -2.89 20.59
C CYS C 127 -26.07 -4.35 20.26
N MET C 128 -24.81 -4.74 20.36
CA MET C 128 -24.42 -6.16 20.12
C MET C 128 -25.23 -7.10 21.01
N LYS C 129 -25.40 -6.72 22.26
CA LYS C 129 -26.07 -7.55 23.23
C LYS C 129 -27.55 -7.65 22.92
N HIS C 130 -28.14 -6.54 22.50
CA HIS C 130 -29.54 -6.54 22.22
C HIS C 130 -29.83 -7.30 20.94
N ALA C 131 -28.92 -7.21 19.99
CA ALA C 131 -29.01 -8.03 18.73
C ALA C 131 -29.09 -9.48 19.08
N GLU C 132 -28.29 -9.89 20.06
CA GLU C 132 -28.18 -11.28 20.43
C GLU C 132 -29.38 -11.73 21.24
N LEU C 133 -30.03 -10.81 21.94
CA LEU C 133 -31.32 -11.14 22.58
C LEU C 133 -32.39 -11.46 21.53
N GLU C 134 -32.39 -10.69 20.44
CA GLU C 134 -33.36 -10.90 19.34
C GLU C 134 -33.15 -12.25 18.67
N ARG C 135 -31.90 -12.61 18.46
CA ARG C 135 -31.56 -13.88 17.80
C ARG C 135 -31.97 -15.09 18.68
N GLN C 136 -31.71 -15.00 19.99
CA GLN C 136 -32.16 -16.02 20.94
C GLN C 136 -33.68 -16.18 20.93
N GLU C 137 -34.39 -15.08 20.73
CA GLU C 137 -35.86 -15.15 20.57
C GLU C 137 -36.25 -15.88 19.27
N ARG C 138 -35.56 -15.57 18.17
CA ARG C 138 -35.81 -16.28 16.91
C ARG C 138 -35.45 -17.73 17.03
N ILE C 139 -34.31 -17.98 17.67
CA ILE C 139 -33.84 -19.30 17.86
C ILE C 139 -34.84 -20.15 18.65
N THR C 140 -35.30 -19.63 19.77
CA THR C 140 -36.28 -20.35 20.60
C THR C 140 -37.50 -20.73 19.78
N ALA C 141 -37.97 -19.81 18.96
CA ALA C 141 -39.18 -20.02 18.16
C ALA C 141 -39.00 -21.13 17.14
N LEU C 142 -37.87 -21.13 16.44
CA LEU C 142 -37.60 -22.13 15.41
C LEU C 142 -37.48 -23.52 16.02
N PHE C 143 -36.78 -23.61 17.14
CA PHE C 143 -36.62 -24.89 17.84
C PHE C 143 -37.92 -25.38 18.43
N ALA C 144 -38.82 -24.46 18.76
CA ALA C 144 -40.18 -24.84 19.14
C ALA C 144 -40.94 -25.49 17.98
N GLU C 145 -40.83 -24.90 16.79
CA GLU C 145 -41.51 -25.47 15.59
C GLU C 145 -40.93 -26.83 15.26
N ILE C 146 -39.60 -26.92 15.32
CA ILE C 146 -38.92 -28.15 14.98
C ILE C 146 -39.38 -29.30 15.88
N ASP C 147 -39.45 -29.03 17.19
CA ASP C 147 -40.05 -29.99 18.13
C ASP C 147 -41.38 -30.53 17.63
N ALA C 148 -42.30 -29.63 17.24
CA ALA C 148 -43.66 -30.05 16.83
C ALA C 148 -43.66 -30.78 15.49
N GLU C 149 -42.81 -30.33 14.56
CA GLU C 149 -42.56 -31.06 13.30
C GLU C 149 -42.09 -32.49 13.58
N LEU C 150 -41.24 -32.64 14.59
CA LEU C 150 -40.71 -33.95 14.96
C LEU C 150 -41.80 -34.84 15.59
N ASP C 151 -42.47 -34.32 16.63
CA ASP C 151 -43.58 -35.06 17.29
C ASP C 151 -44.58 -35.56 16.25
N THR C 152 -44.92 -34.69 15.29
CA THR C 152 -45.87 -35.02 14.24
C THR C 152 -45.34 -36.13 13.34
N ALA C 153 -44.09 -35.99 12.89
CA ALA C 153 -43.49 -36.96 11.97
C ALA C 153 -43.30 -38.31 12.65
N ARG C 154 -43.15 -38.31 13.98
CA ARG C 154 -42.97 -39.54 14.76
C ARG C 154 -44.29 -40.30 14.91
N GLU C 155 -45.39 -39.56 15.04
CA GLU C 155 -46.72 -40.16 15.22
C GLU C 155 -47.27 -40.68 13.89
N ALA C 156 -46.86 -40.05 12.80
CA ALA C 156 -47.15 -40.55 11.47
C ALA C 156 -46.36 -41.81 11.21
N LEU C 157 -45.09 -41.81 11.60
CA LEU C 157 -44.18 -42.91 11.29
C LEU C 157 -44.49 -44.15 12.13
N THR C 158 -44.91 -43.94 13.38
CA THR C 158 -45.22 -45.07 14.28
C THR C 158 -46.65 -45.57 14.08
N THR C 159 -47.61 -44.65 14.10
CA THR C 159 -49.03 -45.03 14.00
C THR C 159 -49.34 -45.72 12.67
N GLY C 160 -48.66 -45.32 11.60
CA GLY C 160 -48.73 -46.05 10.34
C GLY C 160 -48.44 -45.19 9.13
N THR C 161 -49.16 -44.06 9.02
CA THR C 161 -49.49 -43.46 7.72
C THR C 161 -48.25 -43.31 6.81
N ALA C 162 -47.14 -42.81 7.37
CA ALA C 162 -46.00 -42.42 6.56
C ALA C 162 -44.83 -43.40 6.70
N THR C 163 -43.95 -43.38 5.70
CA THR C 163 -42.66 -44.06 5.79
C THR C 163 -41.52 -43.06 5.60
N LEU C 164 -40.46 -43.23 6.38
CA LEU C 164 -39.27 -42.42 6.25
C LEU C 164 -38.60 -42.70 4.91
N ASP C 165 -38.42 -41.66 4.10
CA ASP C 165 -37.62 -41.77 2.86
C ASP C 165 -36.13 -41.74 3.18
N THR C 166 -35.44 -42.82 2.79
CA THR C 166 -34.14 -43.16 3.34
C THR C 166 -33.01 -42.43 2.59
N ALA C 167 -33.33 -41.89 1.41
CA ALA C 167 -32.36 -41.12 0.62
C ALA C 167 -31.98 -39.79 1.30
N SER C 168 -32.78 -39.37 2.28
CA SER C 168 -32.53 -38.13 3.00
C SER C 168 -31.52 -38.33 4.13
N LEU C 169 -31.14 -39.57 4.40
CA LEU C 169 -30.44 -39.91 5.63
C LEU C 169 -28.94 -39.56 5.61
N PRO C 170 -28.36 -39.34 4.41
CA PRO C 170 -27.02 -38.73 4.37
C PRO C 170 -26.90 -37.47 5.25
N LEU C 171 -27.98 -36.73 5.43
CA LEU C 171 -27.96 -35.49 6.26
C LEU C 171 -27.67 -35.80 7.76
N VAL C 172 -28.13 -36.96 8.23
CA VAL C 172 -27.67 -37.52 9.51
C VAL C 172 -26.87 -38.81 9.30
N VAL C 179 -36.51 -44.63 13.75
CA VAL C 179 -37.04 -43.31 14.14
C VAL C 179 -36.18 -42.67 15.22
N ASP C 180 -36.23 -43.23 16.43
CA ASP C 180 -35.68 -42.56 17.61
C ASP C 180 -34.25 -42.17 17.41
N GLY C 181 -33.49 -43.04 16.75
CA GLY C 181 -32.08 -42.79 16.47
C GLY C 181 -31.86 -41.60 15.55
N VAL C 182 -32.76 -41.42 14.59
CA VAL C 182 -32.67 -40.31 13.66
C VAL C 182 -33.09 -39.01 14.35
N ILE C 183 -34.10 -39.10 15.20
CA ILE C 183 -34.55 -37.98 16.01
C ILE C 183 -33.41 -37.45 16.91
N ALA C 184 -32.79 -38.35 17.67
CA ALA C 184 -31.75 -37.96 18.65
C ALA C 184 -30.50 -37.39 17.94
N ASP C 185 -30.23 -37.88 16.72
CA ASP C 185 -29.10 -37.39 15.92
C ASP C 185 -29.35 -35.98 15.43
N ILE C 186 -30.61 -35.70 15.08
CA ILE C 186 -31.01 -34.36 14.70
C ILE C 186 -30.88 -33.38 15.89
N HIS C 187 -31.36 -33.78 17.06
CA HIS C 187 -31.19 -32.97 18.29
C HIS C 187 -29.72 -32.75 18.65
N ARG C 188 -28.90 -33.78 18.48
CA ARG C 188 -27.45 -33.64 18.67
C ARG C 188 -26.87 -32.63 17.68
N HIS C 189 -27.25 -32.75 16.42
CA HIS C 189 -26.79 -31.83 15.38
C HIS C 189 -27.21 -30.40 15.71
N ASN C 190 -28.49 -30.24 16.00
CA ASN C 190 -29.05 -28.92 16.20
C ASN C 190 -28.43 -28.19 17.43
N ASP C 191 -28.20 -28.95 18.53
CA ASP C 191 -27.67 -28.36 19.78
C ASP C 191 -26.23 -27.86 19.60
N GLU C 192 -25.45 -28.61 18.85
CA GLU C 192 -24.13 -28.14 18.46
C GLU C 192 -24.23 -26.80 17.71
N ARG C 193 -25.15 -26.74 16.75
CA ARG C 193 -25.33 -25.56 15.92
C ARG C 193 -25.84 -24.36 16.77
N ARG C 194 -26.72 -24.65 17.72
CA ARG C 194 -27.28 -23.62 18.56
C ARG C 194 -26.22 -22.91 19.40
N ALA C 195 -25.16 -23.62 19.79
CA ALA C 195 -24.17 -23.05 20.71
C ALA C 195 -22.99 -22.38 19.99
N GLU C 196 -22.90 -22.52 18.68
CA GLU C 196 -21.89 -21.79 17.90
C GLU C 196 -22.07 -20.32 18.10
N ARG C 197 -20.97 -19.61 18.17
CA ARG C 197 -21.02 -18.17 18.28
C ARG C 197 -21.66 -17.60 17.05
N PRO C 198 -22.36 -16.47 17.19
CA PRO C 198 -22.92 -15.79 16.04
C PRO C 198 -21.87 -15.07 15.28
N LEU C 199 -22.24 -14.57 14.12
CA LEU C 199 -21.40 -13.71 13.34
C LEU C 199 -21.93 -12.24 13.36
N PHE C 200 -21.02 -11.28 13.29
CA PHE C 200 -21.39 -9.91 12.96
C PHE C 200 -20.88 -9.50 11.60
N LEU C 201 -21.66 -8.69 10.90
CA LEU C 201 -21.21 -8.16 9.63
C LEU C 201 -20.78 -6.70 9.78
N THR C 202 -19.65 -6.36 9.18
CA THR C 202 -19.17 -4.99 9.17
C THR C 202 -18.63 -4.67 7.79
N LEU C 203 -18.13 -3.46 7.62
CA LEU C 203 -17.42 -3.09 6.38
C LEU C 203 -15.91 -3.15 6.55
N ASP C 204 -15.20 -3.28 5.45
CA ASP C 204 -13.76 -3.18 5.48
C ASP C 204 -13.35 -1.76 5.98
N GLY C 205 -12.35 -1.73 6.88
CA GLY C 205 -11.89 -0.47 7.49
C GLY C 205 -12.75 -0.02 8.66
N SER C 206 -13.72 -0.85 9.04
CA SER C 206 -14.66 -0.51 10.10
C SER C 206 -13.88 -0.23 11.37
N PHE C 207 -14.32 0.78 12.11
CA PHE C 207 -13.78 1.10 13.42
C PHE C 207 -14.98 1.33 14.35
N HIS C 208 -15.25 0.35 15.24
CA HIS C 208 -16.45 0.37 16.10
C HIS C 208 -16.09 0.33 17.59
N GLY C 209 -14.79 0.36 17.89
CA GLY C 209 -14.32 0.34 19.28
C GLY C 209 -13.34 -0.78 19.50
N LYS C 210 -12.68 -0.75 20.66
CA LYS C 210 -11.48 -1.54 20.89
C LYS C 210 -11.58 -2.41 22.15
N LEU C 211 -12.79 -2.58 22.68
CA LEU C 211 -13.01 -3.51 23.79
C LEU C 211 -13.08 -4.96 23.28
N VAL C 212 -13.20 -5.90 24.21
CA VAL C 212 -13.15 -7.33 23.88
C VAL C 212 -14.15 -7.70 22.76
N GLY C 213 -15.37 -7.18 22.86
CA GLY C 213 -16.42 -7.45 21.88
C GLY C 213 -16.26 -6.59 20.66
N SER C 214 -16.15 -5.29 20.89
CA SER C 214 -16.11 -4.32 19.81
C SER C 214 -14.85 -4.44 18.93
N ILE C 215 -13.70 -4.84 19.53
CA ILE C 215 -12.44 -4.93 18.74
C ILE C 215 -12.57 -5.88 17.55
N GLN C 216 -13.39 -6.93 17.70
CA GLN C 216 -13.59 -7.91 16.59
C GLN C 216 -14.32 -7.24 15.40
N LEU C 217 -15.05 -6.15 15.70
CA LEU C 217 -15.76 -5.38 14.66
C LEU C 217 -14.81 -4.34 14.02
N THR C 218 -13.58 -4.26 14.53
CA THR C 218 -12.62 -3.29 14.06
C THR C 218 -11.55 -3.99 13.20
N GLN C 219 -11.47 -3.58 11.95
CA GLN C 219 -10.66 -4.28 10.98
C GLN C 219 -9.17 -4.22 11.33
N ASN C 220 -8.69 -3.03 11.68
CA ASN C 220 -7.23 -2.82 11.88
C ASN C 220 -6.54 -4.09 12.44
N GLU C 221 -5.60 -4.64 11.68
CA GLU C 221 -5.14 -6.04 11.88
C GLU C 221 -4.34 -6.23 13.19
N PRO C 222 -3.33 -5.36 13.41
CA PRO C 222 -2.53 -5.53 14.65
C PRO C 222 -3.32 -5.18 15.92
N TRP C 223 -4.39 -4.40 15.79
CA TRP C 223 -5.28 -4.10 16.94
C TRP C 223 -6.17 -5.31 17.30
N ARG C 224 -6.56 -6.09 16.29
CA ARG C 224 -7.67 -7.05 16.43
C ARG C 224 -7.15 -8.50 16.53
N THR C 225 -6.27 -8.88 15.61
CA THR C 225 -5.90 -10.31 15.41
C THR C 225 -5.39 -11.02 16.68
N PRO C 226 -4.65 -10.29 17.55
CA PRO C 226 -4.18 -10.96 18.79
C PRO C 226 -5.33 -11.44 19.71
N PHE C 227 -6.53 -10.91 19.47
CA PHE C 227 -7.65 -11.12 20.35
C PHE C 227 -8.76 -11.98 19.70
N THR C 228 -8.48 -12.47 18.49
CA THR C 228 -9.40 -13.34 17.73
C THR C 228 -10.09 -14.43 18.56
N ALA C 229 -9.34 -15.10 19.42
CA ALA C 229 -9.86 -16.25 20.17
C ALA C 229 -10.94 -15.89 21.20
N LEU C 230 -11.03 -14.59 21.57
CA LEU C 230 -11.82 -14.17 22.72
C LEU C 230 -13.33 -14.12 22.42
N SER C 231 -13.69 -13.63 21.24
CA SER C 231 -15.06 -13.13 21.01
C SER C 231 -15.53 -13.37 19.54
N SER C 232 -16.84 -13.31 19.34
CA SER C 232 -17.42 -13.57 18.04
C SER C 232 -16.81 -12.66 16.98
N PRO C 233 -16.56 -13.21 15.80
CA PRO C 233 -15.92 -12.44 14.75
C PRO C 233 -16.92 -11.69 13.89
N ALA C 234 -16.37 -10.79 13.08
CA ALA C 234 -17.10 -10.08 12.08
C ALA C 234 -16.65 -10.54 10.74
N ARG C 235 -17.52 -10.47 9.77
CA ARG C 235 -17.08 -10.55 8.40
C ARG C 235 -17.04 -9.19 7.80
N PHE C 236 -15.95 -8.89 7.15
CA PHE C 236 -15.65 -7.55 6.75
C PHE C 236 -15.95 -7.39 5.27
N LEU C 237 -17.11 -6.82 4.99
CA LEU C 237 -17.60 -6.75 3.63
C LEU C 237 -16.84 -5.69 2.85
N PRO C 238 -16.53 -5.97 1.58
CA PRO C 238 -15.88 -5.00 0.71
C PRO C 238 -16.84 -3.92 0.25
N ALA C 239 -16.69 -2.72 0.80
CA ALA C 239 -17.65 -1.64 0.61
C ALA C 239 -17.59 -1.07 -0.80
N ASP C 240 -16.43 -1.16 -1.43
CA ASP C 240 -16.24 -0.60 -2.79
C ASP C 240 -16.79 -1.52 -3.88
N GLU C 241 -16.87 -2.82 -3.58
CA GLU C 241 -17.39 -3.81 -4.54
C GLU C 241 -18.58 -4.57 -3.96
N PRO C 242 -19.73 -3.89 -3.82
CA PRO C 242 -20.87 -4.45 -3.09
C PRO C 242 -21.58 -5.61 -3.82
N GLU C 243 -21.53 -5.62 -5.14
CA GLU C 243 -22.03 -6.77 -5.91
C GLU C 243 -21.45 -8.12 -5.38
N LEU C 244 -20.32 -8.05 -4.68
CA LEU C 244 -19.66 -9.24 -4.10
C LEU C 244 -20.23 -9.69 -2.73
N ILE C 245 -20.98 -8.81 -2.07
CA ILE C 245 -21.34 -9.00 -0.67
C ILE C 245 -22.36 -10.13 -0.45
N GLY C 246 -23.28 -10.28 -1.43
CA GLY C 246 -24.31 -11.29 -1.37
C GLY C 246 -23.77 -12.71 -1.25
N LYS C 247 -22.78 -13.01 -2.07
CA LYS C 247 -22.17 -14.36 -2.08
C LYS C 247 -21.43 -14.64 -0.78
N ILE C 248 -20.75 -13.63 -0.26
CA ILE C 248 -19.97 -13.82 0.97
C ILE C 248 -20.90 -14.15 2.14
N VAL C 249 -22.07 -13.51 2.18
CA VAL C 249 -23.05 -13.77 3.24
C VAL C 249 -23.75 -15.09 3.02
N GLU C 250 -23.99 -15.41 1.76
CA GLU C 250 -24.54 -16.72 1.41
C GLU C 250 -23.61 -17.85 1.86
N ASP C 251 -22.30 -17.67 1.69
CA ASP C 251 -21.31 -18.65 2.21
C ASP C 251 -21.55 -18.97 3.68
N GLU C 252 -22.11 -18.01 4.41
CA GLU C 252 -22.15 -18.12 5.84
C GLU C 252 -23.44 -18.73 6.35
N ARG C 253 -24.36 -19.00 5.44
CA ARG C 253 -25.57 -19.70 5.82
C ARG C 253 -25.23 -20.95 6.59
N ARG C 254 -25.98 -21.21 7.65
CA ARG C 254 -25.95 -22.49 8.34
C ARG C 254 -27.37 -22.92 8.55
N SER C 255 -27.63 -24.22 8.45
CA SER C 255 -28.96 -24.74 8.62
C SER C 255 -29.03 -25.71 9.79
N VAL C 256 -30.24 -25.94 10.27
CA VAL C 256 -30.53 -27.01 11.23
C VAL C 256 -31.40 -28.05 10.55
N LEU C 257 -31.69 -29.13 11.26
CA LEU C 257 -32.40 -30.24 10.67
C LEU C 257 -33.77 -30.37 11.30
N THR C 258 -34.74 -30.81 10.50
CA THR C 258 -36.03 -31.25 11.01
C THR C 258 -36.57 -32.44 10.21
N LEU C 259 -37.71 -32.97 10.66
CA LEU C 259 -38.48 -33.94 9.90
C LEU C 259 -39.76 -33.32 9.31
N SER C 260 -39.98 -33.55 8.02
CA SER C 260 -41.04 -32.88 7.29
C SER C 260 -42.00 -33.89 6.70
N LEU C 261 -43.28 -33.77 7.06
CA LEU C 261 -44.29 -34.73 6.65
C LEU C 261 -44.96 -34.28 5.37
N ASP C 262 -45.12 -35.23 4.44
CA ASP C 262 -45.94 -35.02 3.25
C ASP C 262 -46.81 -36.26 3.00
N LYS C 263 -47.96 -36.33 3.68
CA LYS C 263 -48.93 -37.45 3.53
C LYS C 263 -48.35 -38.81 3.99
N ASP C 264 -47.36 -39.30 3.25
CA ASP C 264 -46.91 -40.69 3.33
C ASP C 264 -45.38 -40.76 3.35
N THR C 265 -44.73 -39.76 2.72
CA THR C 265 -43.28 -39.61 2.78
C THR C 265 -42.90 -38.68 3.94
N VAL C 266 -42.08 -39.18 4.86
CA VAL C 266 -41.35 -38.32 5.79
C VAL C 266 -39.89 -38.18 5.34
N ARG C 267 -39.42 -36.94 5.30
CA ARG C 267 -38.06 -36.61 4.83
C ARG C 267 -37.31 -35.81 5.92
N VAL C 268 -36.01 -36.10 6.08
CA VAL C 268 -35.10 -35.20 6.80
C VAL C 268 -34.72 -34.06 5.87
N VAL C 269 -34.80 -32.84 6.37
CA VAL C 269 -34.54 -31.66 5.56
C VAL C 269 -33.83 -30.58 6.36
N GLU C 270 -33.14 -29.69 5.64
CA GLU C 270 -32.49 -28.54 6.24
C GLU C 270 -33.49 -27.39 6.42
N ARG C 271 -33.27 -26.57 7.46
CA ARG C 271 -34.02 -25.32 7.65
C ARG C 271 -33.04 -24.24 8.09
N ASP C 272 -33.26 -23.01 7.64
CA ASP C 272 -32.28 -21.94 7.82
C ASP C 272 -32.15 -21.61 9.32
N PHE C 273 -30.92 -21.34 9.73
CA PHE C 273 -30.61 -21.02 11.11
C PHE C 273 -30.05 -19.59 11.13
N PRO C 274 -30.54 -18.75 12.04
CA PRO C 274 -29.99 -17.38 12.15
C PRO C 274 -28.60 -17.35 12.77
N VAL C 275 -27.57 -17.21 11.94
CA VAL C 275 -26.20 -17.05 12.43
C VAL C 275 -25.82 -15.59 12.66
N VAL C 276 -26.40 -14.69 11.88
CA VAL C 276 -25.96 -13.32 11.87
C VAL C 276 -26.78 -12.55 12.89
N ALA C 277 -26.09 -11.95 13.85
CA ALA C 277 -26.74 -11.22 14.99
C ALA C 277 -27.02 -9.75 14.64
N ALA C 278 -26.13 -9.13 13.85
CA ALA C 278 -26.31 -7.75 13.43
C ALA C 278 -25.37 -7.38 12.31
N ILE C 279 -25.75 -6.32 11.60
CA ILE C 279 -24.92 -5.63 10.62
C ILE C 279 -24.56 -4.23 11.17
N PHE C 280 -23.27 -3.87 11.16
CA PHE C 280 -22.80 -2.53 11.62
C PHE C 280 -22.32 -1.68 10.44
N VAL C 281 -22.69 -0.40 10.43
CA VAL C 281 -22.18 0.54 9.41
C VAL C 281 -21.90 1.91 10.01
N GLU C 282 -20.79 2.53 9.57
CA GLU C 282 -20.54 3.93 9.79
C GLU C 282 -20.97 4.71 8.57
N PRO C 283 -21.83 5.71 8.75
CA PRO C 283 -22.20 6.58 7.63
C PRO C 283 -21.01 7.22 6.91
N VAL C 284 -19.98 7.58 7.68
CA VAL C 284 -18.72 8.02 7.13
C VAL C 284 -17.64 7.28 7.87
N ARG C 285 -16.76 6.64 7.13
CA ARG C 285 -16.03 5.48 7.65
C ARG C 285 -14.62 5.89 8.06
N GLY C 286 -14.42 6.13 9.37
CA GLY C 286 -13.20 6.74 9.89
C GLY C 286 -11.96 5.91 9.64
N GLY C 287 -12.04 4.61 9.93
CA GLY C 287 -10.90 3.72 9.72
C GLY C 287 -10.56 3.49 8.24
N SER C 288 -11.39 4.02 7.35
CA SER C 288 -11.15 3.90 5.90
C SER C 288 -10.68 5.22 5.27
N GLY C 289 -10.52 6.26 6.09
CA GLY C 289 -10.10 7.55 5.59
C GLY C 289 -11.25 8.46 5.21
N MET C 290 -12.34 8.40 5.96
CA MET C 290 -13.48 9.35 5.83
C MET C 290 -14.35 9.13 4.59
N LYS C 291 -14.40 7.92 4.11
CA LYS C 291 -15.24 7.59 2.97
C LYS C 291 -16.71 7.49 3.39
N THR C 292 -17.57 8.19 2.67
CA THR C 292 -18.99 8.11 2.94
C THR C 292 -19.59 6.89 2.22
N VAL C 293 -20.58 6.28 2.85
CA VAL C 293 -21.29 5.15 2.29
C VAL C 293 -22.06 5.58 1.05
N THR C 294 -21.80 4.88 -0.05
CA THR C 294 -22.46 5.17 -1.32
C THR C 294 -23.91 4.69 -1.28
N PRO C 295 -24.77 5.30 -2.10
CA PRO C 295 -26.16 4.81 -2.21
C PRO C 295 -26.27 3.32 -2.56
N GLU C 296 -25.44 2.86 -3.50
CA GLU C 296 -25.40 1.44 -3.83
C GLU C 296 -25.12 0.58 -2.59
N LEU C 297 -24.12 0.97 -1.81
CA LEU C 297 -23.76 0.19 -0.63
C LEU C 297 -24.90 0.19 0.41
N ALA C 298 -25.54 1.34 0.59
CA ALA C 298 -26.64 1.47 1.52
C ALA C 298 -27.73 0.52 1.15
N GLU C 299 -28.01 0.42 -0.14
CA GLU C 299 -29.11 -0.40 -0.58
C GLU C 299 -28.79 -1.88 -0.45
N GLU C 300 -27.51 -2.23 -0.52
CA GLU C 300 -27.11 -3.60 -0.23
C GLU C 300 -27.26 -3.94 1.27
N LEU C 301 -26.98 -2.97 2.14
CA LEU C 301 -27.11 -3.19 3.58
C LEU C 301 -28.58 -3.33 3.99
N HIS C 302 -29.43 -2.53 3.38
CA HIS C 302 -30.86 -2.68 3.52
C HIS C 302 -31.36 -4.06 3.08
N ARG C 303 -30.90 -4.52 1.92
CA ARG C 303 -31.30 -5.82 1.43
C ARG C 303 -30.88 -6.89 2.41
N LEU C 304 -29.67 -6.75 2.94
CA LEU C 304 -29.13 -7.73 3.86
C LEU C 304 -29.95 -7.77 5.14
N ARG C 305 -30.25 -6.60 5.69
CA ARG C 305 -31.07 -6.48 6.88
C ARG C 305 -32.48 -7.06 6.66
N ASP C 306 -33.11 -6.69 5.55
CA ASP C 306 -34.45 -7.28 5.19
C ASP C 306 -34.35 -8.80 5.04
N THR C 307 -33.27 -9.26 4.44
CA THR C 307 -33.14 -10.67 4.11
C THR C 307 -32.89 -11.56 5.33
N LEU C 308 -31.94 -11.16 6.17
CA LEU C 308 -31.49 -12.01 7.31
C LEU C 308 -32.38 -11.82 8.53
N GLY C 309 -33.06 -10.67 8.61
CA GLY C 309 -33.98 -10.38 9.71
C GLY C 309 -33.29 -9.96 11.01
N CYS C 310 -32.00 -9.63 10.90
CA CYS C 310 -31.26 -9.03 12.00
C CYS C 310 -31.27 -7.52 11.86
N PRO C 311 -30.87 -6.81 12.94
CA PRO C 311 -30.85 -5.35 12.93
C PRO C 311 -29.65 -4.77 12.18
N LEU C 312 -29.90 -3.69 11.44
CA LEU C 312 -28.86 -2.78 10.97
C LEU C 312 -28.52 -1.74 12.03
N VAL C 313 -27.33 -1.85 12.60
CA VAL C 313 -26.83 -0.91 13.60
C VAL C 313 -26.01 0.20 12.95
N VAL C 314 -26.51 1.42 13.04
CA VAL C 314 -25.82 2.58 12.47
C VAL C 314 -24.98 3.28 13.50
N ASP C 315 -23.67 3.26 13.31
CA ASP C 315 -22.69 3.80 14.31
C ASP C 315 -22.40 5.25 13.96
N GLU C 316 -22.99 6.16 14.72
CA GLU C 316 -22.78 7.60 14.52
C GLU C 316 -21.97 8.22 15.66
N VAL C 317 -21.14 7.43 16.30
CA VAL C 317 -20.20 7.96 17.28
C VAL C 317 -19.44 9.20 16.74
N GLN C 318 -18.90 9.09 15.52
CA GLN C 318 -18.19 10.21 14.89
C GLN C 318 -19.11 11.13 14.10
N THR C 319 -19.94 10.53 13.21
CA THR C 319 -20.74 11.30 12.22
C THR C 319 -21.87 12.14 12.82
N GLY C 320 -22.22 11.87 14.07
CA GLY C 320 -23.37 12.50 14.67
C GLY C 320 -23.07 13.82 15.40
N ILE C 321 -24.11 14.37 16.01
CA ILE C 321 -24.11 15.71 16.54
C ILE C 321 -23.51 16.68 15.55
N GLY C 322 -23.99 16.62 14.30
CA GLY C 322 -23.98 17.77 13.41
C GLY C 322 -22.80 17.77 12.46
N ARG C 323 -21.82 16.93 12.75
CA ARG C 323 -20.55 16.94 12.06
C ARG C 323 -20.70 16.93 10.53
N THR C 324 -21.71 16.23 10.02
CA THR C 324 -21.84 16.06 8.58
C THR C 324 -22.71 17.13 7.96
N GLY C 325 -23.28 18.02 8.78
CA GLY C 325 -24.18 19.07 8.29
C GLY C 325 -25.64 18.71 8.55
N ALA C 326 -25.86 17.55 9.18
CA ALA C 326 -27.11 17.26 9.87
C ALA C 326 -26.80 16.56 11.19
N PHE C 327 -27.79 16.45 12.06
CA PHE C 327 -27.55 15.76 13.32
C PHE C 327 -27.11 14.36 13.02
N PHE C 328 -27.91 13.64 12.26
CA PHE C 328 -27.59 12.27 11.94
C PHE C 328 -27.00 12.21 10.53
N GLY C 329 -25.83 11.61 10.42
CA GLY C 329 -25.23 11.38 9.10
C GLY C 329 -26.00 10.36 8.27
N SER C 330 -26.52 9.35 8.94
CA SER C 330 -27.38 8.37 8.30
C SER C 330 -28.59 9.00 7.56
N ALA C 331 -29.20 9.99 8.17
CA ALA C 331 -30.32 10.69 7.56
C ALA C 331 -29.87 11.43 6.32
N LEU C 332 -28.69 12.01 6.37
CA LEU C 332 -28.11 12.68 5.21
C LEU C 332 -27.91 11.71 4.06
N LEU C 333 -27.41 10.51 4.38
CA LEU C 333 -26.91 9.58 3.35
C LEU C 333 -27.92 8.48 3.05
N GLY C 334 -29.10 8.57 3.65
CA GLY C 334 -30.20 7.65 3.36
C GLY C 334 -30.00 6.25 3.92
N ILE C 335 -29.37 6.14 5.09
CA ILE C 335 -29.23 4.83 5.75
C ILE C 335 -30.28 4.64 6.85
N ARG C 336 -31.07 3.60 6.72
CA ARG C 336 -32.19 3.37 7.59
C ARG C 336 -31.87 2.20 8.49
N GLY C 337 -31.29 2.50 9.61
CA GLY C 337 -30.93 1.50 10.58
C GLY C 337 -32.07 1.20 11.51
N ASP C 338 -31.89 0.14 12.31
CA ASP C 338 -32.84 -0.22 13.33
C ASP C 338 -32.34 0.22 14.72
N TYR C 339 -31.02 0.09 14.98
CA TYR C 339 -30.41 0.71 16.18
C TYR C 339 -29.47 1.84 15.75
N TYR C 340 -29.32 2.84 16.62
CA TYR C 340 -28.33 3.92 16.41
C TYR C 340 -27.45 4.13 17.65
N THR C 341 -26.20 4.51 17.47
CA THR C 341 -25.34 4.83 18.62
C THR C 341 -24.70 6.13 18.44
N LEU C 342 -24.62 6.89 19.52
CA LEU C 342 -23.95 8.21 19.54
C LEU C 342 -22.93 8.30 20.72
N ALA C 343 -21.90 9.10 20.57
CA ALA C 343 -20.98 9.40 21.65
C ALA C 343 -20.22 10.75 21.41
N LYS C 344 -18.93 10.73 21.67
CA LYS C 344 -18.04 11.86 21.36
C LYS C 344 -18.55 13.29 21.78
N ALA C 345 -19.22 13.96 20.84
CA ALA C 345 -19.51 15.39 20.98
C ALA C 345 -20.62 15.62 21.98
N ILE C 346 -21.25 14.55 22.43
CA ILE C 346 -22.40 14.66 23.33
C ILE C 346 -21.95 14.96 24.76
N GLY C 347 -20.69 14.65 25.05
CA GLY C 347 -20.07 15.07 26.30
C GLY C 347 -19.54 16.49 26.29
N GLY C 348 -19.77 17.21 25.20
CA GLY C 348 -19.53 18.66 25.16
C GLY C 348 -18.04 19.03 25.15
N GLY C 349 -17.17 18.03 24.96
CA GLY C 349 -15.74 18.23 24.99
C GLY C 349 -15.12 18.10 26.38
N ILE C 350 -15.92 17.78 27.39
CA ILE C 350 -15.45 17.82 28.76
C ILE C 350 -15.82 16.57 29.61
N VAL C 351 -16.95 15.93 29.31
CA VAL C 351 -17.35 14.70 30.04
C VAL C 351 -17.61 13.54 29.08
N LYS C 352 -17.95 12.39 29.65
CA LYS C 352 -18.01 11.12 28.89
C LYS C 352 -19.40 10.53 28.92
N ASN C 353 -19.99 10.39 27.75
CA ASN C 353 -21.35 9.92 27.64
C ASN C 353 -21.57 9.21 26.29
N SER C 354 -22.54 8.32 26.22
CA SER C 354 -22.93 7.73 24.95
C SER C 354 -24.31 7.16 25.04
N VAL C 355 -24.86 6.74 23.91
CA VAL C 355 -26.25 6.24 23.91
C VAL C 355 -26.53 5.26 22.78
N ALA C 356 -27.35 4.27 23.09
CA ALA C 356 -27.85 3.37 22.10
C ALA C 356 -29.34 3.64 21.91
N LEU C 357 -29.74 3.95 20.68
CA LEU C 357 -31.16 4.10 20.36
C LEU C 357 -31.61 2.86 19.68
N ILE C 358 -32.60 2.21 20.27
CA ILE C 358 -33.10 0.93 19.74
C ILE C 358 -34.61 1.03 19.45
N ARG C 359 -35.02 0.59 18.27
CA ARG C 359 -36.39 0.82 17.81
C ARG C 359 -37.36 0.11 18.72
N GLN C 360 -38.46 0.79 19.06
CA GLN C 360 -39.37 0.32 20.12
C GLN C 360 -40.18 -0.88 19.69
N ASP C 361 -40.50 -0.96 18.41
CA ASP C 361 -41.16 -2.18 17.89
C ASP C 361 -40.22 -3.45 17.90
N ARG C 362 -38.90 -3.25 18.06
CA ARG C 362 -37.96 -4.40 18.20
C ARG C 362 -37.42 -4.57 19.64
N PHE C 363 -37.66 -3.59 20.50
CA PHE C 363 -36.93 -3.49 21.76
C PHE C 363 -37.49 -4.44 22.78
N LEU C 364 -36.61 -5.16 23.46
CA LEU C 364 -37.00 -6.23 24.35
C LEU C 364 -36.86 -5.78 25.80
N PRO C 365 -37.95 -5.82 26.55
CA PRO C 365 -38.00 -5.05 27.79
C PRO C 365 -36.98 -5.54 28.83
N ALA C 366 -36.69 -6.84 28.84
CA ALA C 366 -35.66 -7.40 29.72
C ALA C 366 -34.39 -6.55 29.73
N MET C 367 -34.00 -6.04 28.57
CA MET C 367 -32.75 -5.31 28.43
C MET C 367 -32.65 -4.15 29.42
N GLU C 368 -33.77 -3.51 29.69
CA GLU C 368 -33.80 -2.31 30.58
C GLU C 368 -33.40 -2.66 32.00
N VAL C 369 -33.51 -3.95 32.34
CA VAL C 369 -33.32 -4.40 33.71
C VAL C 369 -32.19 -5.43 33.87
N ILE C 370 -31.75 -6.06 32.77
CA ILE C 370 -30.60 -6.97 32.85
C ILE C 370 -29.29 -6.32 32.40
N HIS C 371 -29.35 -5.20 31.70
CA HIS C 371 -28.17 -4.37 31.48
C HIS C 371 -28.13 -3.15 32.40
N SER C 372 -26.92 -2.75 32.79
CA SER C 372 -26.71 -1.63 33.71
C SER C 372 -25.18 -1.29 33.79
N SER C 373 -24.86 -0.17 34.39
CA SER C 373 -23.49 0.31 34.48
C SER C 373 -23.44 1.33 35.61
N THR C 374 -22.31 1.40 36.33
CA THR C 374 -22.21 2.30 37.51
C THR C 374 -22.33 3.78 37.10
N PHE C 375 -21.54 4.19 36.11
CA PHE C 375 -21.37 5.58 35.74
C PHE C 375 -22.43 6.04 34.73
N ALA C 376 -23.12 5.09 34.12
CA ALA C 376 -24.01 5.40 33.01
C ALA C 376 -25.21 6.13 33.47
N LYS C 377 -25.56 7.17 32.75
CA LYS C 377 -26.77 7.92 33.06
C LYS C 377 -26.56 8.89 34.24
N ASP C 378 -25.29 9.12 34.61
CA ASP C 378 -24.99 10.10 35.65
C ASP C 378 -25.62 11.46 35.35
N GLY C 379 -25.98 12.15 36.41
CA GLY C 379 -26.71 13.42 36.30
C GLY C 379 -25.93 14.51 35.61
N LEU C 380 -24.61 14.49 35.76
CA LEU C 380 -23.78 15.58 35.30
C LEU C 380 -23.64 15.55 33.76
N SER C 381 -23.30 14.39 33.22
CA SER C 381 -23.19 14.26 31.77
C SER C 381 -24.56 14.28 31.14
N ALA C 382 -25.57 13.87 31.89
CA ALA C 382 -26.96 14.04 31.44
C ALA C 382 -27.26 15.51 31.22
N SER C 383 -26.92 16.34 32.20
CA SER C 383 -27.23 17.76 32.15
C SER C 383 -26.48 18.42 31.00
N ILE C 384 -25.22 18.04 30.83
CA ILE C 384 -24.37 18.56 29.77
C ILE C 384 -24.87 18.10 28.37
N ALA C 385 -25.37 16.86 28.29
CA ALA C 385 -26.06 16.37 27.05
C ALA C 385 -27.22 17.27 26.62
N LEU C 386 -28.10 17.62 27.56
CA LEU C 386 -29.23 18.53 27.25
C LEU C 386 -28.76 19.85 26.76
N LYS C 387 -27.69 20.36 27.35
CA LYS C 387 -27.10 21.65 26.90
C LYS C 387 -26.61 21.55 25.46
N VAL C 388 -25.83 20.50 25.15
CA VAL C 388 -25.29 20.33 23.80
C VAL C 388 -26.42 20.28 22.78
N LEU C 389 -27.48 19.55 23.10
CA LEU C 389 -28.62 19.37 22.16
C LEU C 389 -29.37 20.66 22.01
N GLU C 390 -29.40 21.45 23.07
CA GLU C 390 -29.95 22.76 23.00
C GLU C 390 -29.11 23.61 22.03
N MET C 391 -27.78 23.48 22.10
CA MET C 391 -26.91 24.35 21.32
C MET C 391 -26.96 23.99 19.86
N VAL C 392 -26.96 22.71 19.57
CA VAL C 392 -26.87 22.26 18.21
C VAL C 392 -28.22 22.51 17.48
N GLU C 393 -29.30 22.60 18.25
CA GLU C 393 -30.66 22.77 17.68
C GLU C 393 -31.06 24.24 17.60
N ALA C 394 -30.28 25.11 18.24
CA ALA C 394 -30.71 26.50 18.45
C ALA C 394 -30.90 27.26 17.13
N ASP C 395 -31.81 28.24 17.17
CA ASP C 395 -31.98 29.21 16.08
C ASP C 395 -32.36 28.52 14.78
N GLY C 396 -33.37 27.66 14.86
CA GLY C 396 -33.98 27.07 13.70
C GLY C 396 -33.04 26.11 13.02
N GLY C 397 -32.15 25.52 13.80
CA GLY C 397 -31.16 24.59 13.27
C GLY C 397 -30.19 25.25 12.30
N ARG C 398 -29.64 26.39 12.70
CA ARG C 398 -28.69 27.08 11.85
C ARG C 398 -27.26 26.64 12.13
N VAL C 399 -27.06 25.92 13.23
CA VAL C 399 -25.75 25.35 13.50
C VAL C 399 -25.35 24.38 12.39
N TYR C 400 -26.32 23.61 11.92
CA TYR C 400 -26.08 22.70 10.81
C TYR C 400 -25.69 23.48 9.53
N GLN C 401 -26.32 24.62 9.31
CA GLN C 401 -26.05 25.44 8.13
C GLN C 401 -24.60 25.97 8.16
N ARG C 402 -24.20 26.46 9.31
CA ARG C 402 -22.81 26.78 9.57
C ARG C 402 -21.86 25.62 9.20
N VAL C 403 -22.12 24.45 9.75
CA VAL C 403 -21.25 23.26 9.49
C VAL C 403 -21.12 22.99 7.97
N ARG C 404 -22.26 23.05 7.27
CA ARG C 404 -22.27 22.86 5.84
C ARG C 404 -21.31 23.84 5.16
N GLU C 405 -21.46 25.13 5.49
CA GLU C 405 -20.75 26.21 4.80
C GLU C 405 -19.26 26.27 5.16
N ARG C 406 -18.93 26.01 6.42
CA ARG C 406 -17.52 25.82 6.84
C ARG C 406 -16.92 24.58 6.20
N GLY C 407 -17.72 23.51 6.14
CA GLY C 407 -17.31 22.28 5.49
C GLY C 407 -17.01 22.47 4.03
N GLN C 408 -17.90 23.18 3.32
CA GLN C 408 -17.69 23.49 1.88
C GLN C 408 -16.39 24.21 1.71
N ARG C 409 -16.23 25.29 2.48
CA ARG C 409 -15.04 26.10 2.39
C ARG C 409 -13.77 25.25 2.58
N LEU C 410 -13.75 24.39 3.59
CA LEU C 410 -12.53 23.62 3.94
C LEU C 410 -12.27 22.54 2.93
N GLU C 411 -13.34 21.95 2.41
CA GLU C 411 -13.20 20.94 1.39
C GLU C 411 -12.67 21.52 0.06
N ALA C 412 -13.11 22.73 -0.29
CA ALA C 412 -12.66 23.40 -1.51
C ALA C 412 -11.18 23.75 -1.44
N MET C 413 -10.74 24.20 -0.28
CA MET C 413 -9.33 24.42 -0.05
C MET C 413 -8.57 23.13 -0.24
N LEU C 414 -9.05 22.06 0.40
CA LEU C 414 -8.37 20.77 0.31
C LEU C 414 -8.33 20.29 -1.13
N GLU C 415 -9.48 20.38 -1.80
CA GLU C 415 -9.60 20.03 -3.25
C GLU C 415 -8.65 20.87 -4.13
N SER C 416 -8.51 22.13 -3.77
CA SER C 416 -7.61 23.03 -4.48
C SER C 416 -6.14 22.63 -4.25
N VAL C 417 -5.84 22.19 -3.03
CA VAL C 417 -4.49 21.71 -2.72
C VAL C 417 -4.20 20.41 -3.47
N ARG C 418 -5.20 19.54 -3.55
CA ARG C 418 -5.07 18.29 -4.29
C ARG C 418 -4.75 18.56 -5.74
N ALA C 419 -5.43 19.53 -6.32
CA ALA C 419 -5.37 19.76 -7.76
C ALA C 419 -3.98 20.17 -8.19
N ASP C 420 -3.25 20.86 -7.30
CA ASP C 420 -1.86 21.26 -7.57
C ASP C 420 -0.83 20.25 -7.01
N HIS C 421 -1.29 19.25 -6.27
CA HIS C 421 -0.38 18.28 -5.67
C HIS C 421 -0.87 16.85 -5.83
N SER C 422 -1.40 16.55 -7.02
CA SER C 422 -2.00 15.22 -7.28
C SER C 422 -0.95 14.10 -7.36
N ASP C 423 0.32 14.48 -7.47
CA ASP C 423 1.39 13.49 -7.45
C ASP C 423 1.56 12.82 -6.09
N VAL C 424 1.18 13.51 -5.02
CA VAL C 424 1.27 12.89 -3.67
C VAL C 424 -0.06 12.77 -2.93
N VAL C 425 -1.12 13.30 -3.54
CA VAL C 425 -2.47 13.26 -2.96
C VAL C 425 -3.45 12.68 -3.98
N SER C 426 -4.08 11.55 -3.63
CA SER C 426 -5.01 10.86 -4.56
C SER C 426 -6.43 11.40 -4.48
N ALA C 427 -6.92 11.62 -3.26
CA ALA C 427 -8.33 11.95 -3.10
C ALA C 427 -8.61 12.87 -1.91
N VAL C 428 -9.74 13.58 -2.00
CA VAL C 428 -10.39 14.13 -0.86
C VAL C 428 -11.65 13.32 -0.55
N TRP C 429 -11.80 12.93 0.73
CA TRP C 429 -12.92 12.10 1.18
C TRP C 429 -13.64 12.80 2.30
N GLY C 430 -14.93 12.52 2.41
CA GLY C 430 -15.71 12.91 3.59
C GLY C 430 -16.81 13.88 3.24
N THR C 431 -17.49 14.40 4.25
CA THR C 431 -18.53 15.37 4.03
C THR C 431 -18.67 16.22 5.27
N GLY C 432 -19.33 17.35 5.14
CA GLY C 432 -19.43 18.30 6.22
C GLY C 432 -18.06 18.71 6.75
N LEU C 433 -17.92 18.73 8.07
CA LEU C 433 -16.61 18.96 8.67
C LEU C 433 -15.92 17.65 9.09
N MET C 434 -16.08 16.62 8.28
CA MET C 434 -15.41 15.36 8.52
C MET C 434 -14.66 14.93 7.26
N LEU C 435 -13.46 15.46 7.08
CA LEU C 435 -12.77 15.39 5.83
C LEU C 435 -11.37 14.78 6.03
N ALA C 436 -10.80 14.29 4.93
CA ALA C 436 -9.45 13.78 4.94
C ALA C 436 -8.84 13.87 3.53
N LEU C 437 -7.51 14.03 3.47
CA LEU C 437 -6.75 13.78 2.25
C LEU C 437 -6.17 12.38 2.27
N GLU C 438 -6.30 11.68 1.16
CA GLU C 438 -5.59 10.40 0.99
C GLU C 438 -4.22 10.65 0.40
N LEU C 439 -3.19 10.10 1.06
CA LEU C 439 -1.80 10.19 0.59
C LEU C 439 -1.49 9.04 -0.39
N ARG C 440 -0.77 9.34 -1.45
CA ARG C 440 -0.25 8.28 -2.31
C ARG C 440 0.83 7.51 -1.59
N ASP C 441 0.96 6.24 -1.95
CA ASP C 441 1.93 5.35 -1.31
C ASP C 441 3.32 5.87 -1.52
N GLN C 442 4.14 5.77 -0.48
CA GLN C 442 5.52 6.23 -0.53
C GLN C 442 6.47 5.12 -0.10
N SER C 443 5.98 3.89 -0.08
CA SER C 443 6.84 2.77 0.28
C SER C 443 7.90 2.55 -0.76
N ASN C 444 7.72 3.17 -1.94
CA ASN C 444 8.66 3.04 -3.03
C ASN C 444 9.53 4.27 -3.21
N ALA C 445 9.67 5.06 -2.16
CA ALA C 445 10.09 6.45 -2.29
C ALA C 445 11.59 6.55 -2.43
N THR C 446 12.04 7.64 -3.03
CA THR C 446 13.46 7.83 -3.30
C THR C 446 14.25 8.02 -2.03
N SER C 447 13.81 8.97 -1.21
CA SER C 447 14.42 9.21 0.08
C SER C 447 14.41 7.94 0.90
N GLN C 448 15.61 7.50 1.28
CA GLN C 448 15.77 6.46 2.29
C GLN C 448 14.78 6.67 3.48
N ALA C 449 14.90 7.80 4.16
CA ALA C 449 14.32 7.93 5.49
C ALA C 449 12.80 7.96 5.42
N ILE C 450 12.28 8.52 4.33
CA ILE C 450 10.86 8.51 4.07
C ILE C 450 10.39 7.11 3.78
N ARG C 451 11.10 6.43 2.89
CA ARG C 451 10.74 5.08 2.46
C ARG C 451 10.57 4.15 3.68
N GLU C 452 11.48 4.28 4.63
CA GLU C 452 11.51 3.41 5.77
C GLU C 452 10.29 3.66 6.71
N LYS C 453 9.97 4.93 6.95
CA LYS C 453 8.77 5.27 7.70
C LYS C 453 7.47 4.84 6.97
N ALA C 454 7.40 5.07 5.66
CA ALA C 454 6.21 4.67 4.90
C ALA C 454 6.04 3.16 4.96
N ALA C 455 7.14 2.44 4.96
CA ALA C 455 7.10 0.98 5.01
C ALA C 455 6.63 0.50 6.38
N HIS C 456 6.94 1.25 7.43
CA HIS C 456 6.48 0.92 8.78
C HIS C 456 5.02 1.35 9.02
N GLY C 457 4.40 2.00 8.04
CA GLY C 457 3.04 2.54 8.21
C GLY C 457 2.98 3.88 8.98
N PHE C 458 4.12 4.57 9.03
CA PHE C 458 4.24 5.79 9.87
C PHE C 458 4.24 7.11 9.06
N LEU C 459 4.08 7.03 7.74
CA LEU C 459 4.18 8.23 6.89
C LEU C 459 3.35 9.38 7.42
N GLY C 460 2.05 9.12 7.62
CA GLY C 460 1.09 10.17 8.00
C GLY C 460 1.49 10.90 9.28
N TYR C 461 2.11 10.16 10.19
CA TYR C 461 2.53 10.71 11.46
C TYR C 461 3.74 11.61 11.29
N VAL C 462 4.62 11.25 10.38
CA VAL C 462 5.81 12.05 10.08
C VAL C 462 5.40 13.39 9.48
N LEU C 463 4.51 13.34 8.51
CA LEU C 463 4.00 14.53 7.86
C LEU C 463 3.28 15.43 8.89
N ALA C 464 2.56 14.80 9.82
CA ALA C 464 1.91 15.53 10.89
C ALA C 464 2.92 16.28 11.73
N GLY C 465 4.07 15.67 11.98
CA GLY C 465 5.14 16.31 12.75
C GLY C 465 5.72 17.51 12.03
N PHE C 466 5.82 17.42 10.72
CA PHE C 466 6.22 18.57 9.91
C PHE C 466 5.26 19.71 10.10
N LEU C 467 3.97 19.41 10.03
CA LEU C 467 2.95 20.43 10.13
C LEU C 467 2.97 21.09 11.51
N LEU C 468 3.29 20.30 12.55
CA LEU C 468 3.38 20.84 13.90
C LEU C 468 4.54 21.81 14.02
N ARG C 469 5.75 21.35 13.68
CA ARG C 469 6.97 22.11 13.99
C ARG C 469 7.21 23.26 13.05
N GLU C 470 6.71 23.18 11.84
CA GLU C 470 7.02 24.20 10.82
C GLU C 470 5.86 25.16 10.56
N HIS C 471 4.66 24.80 11.01
CA HIS C 471 3.50 25.63 10.75
C HIS C 471 2.56 25.75 11.95
N HIS C 472 2.91 25.09 13.04
CA HIS C 472 2.11 25.16 14.27
C HIS C 472 0.66 24.77 13.98
N ILE C 473 0.49 23.66 13.27
CA ILE C 473 -0.80 23.09 13.05
C ILE C 473 -0.81 21.63 13.49
N ARG C 474 -1.85 21.26 14.23
CA ARG C 474 -2.04 19.88 14.74
C ARG C 474 -2.98 19.15 13.80
N VAL C 475 -2.40 18.23 13.01
CA VAL C 475 -3.18 17.27 12.24
C VAL C 475 -2.81 15.87 12.74
N LEU C 476 -3.76 14.94 12.70
CA LEU C 476 -3.45 13.52 12.97
C LEU C 476 -3.92 12.64 11.85
N PRO C 477 -3.21 11.57 11.60
CA PRO C 477 -3.60 10.69 10.48
C PRO C 477 -4.79 9.82 10.81
N ALA C 478 -5.41 9.29 9.79
CA ALA C 478 -6.42 8.26 9.95
C ALA C 478 -6.11 7.11 9.02
N GLY C 479 -6.88 6.05 9.13
CA GLY C 479 -6.75 4.92 8.24
C GLY C 479 -5.64 4.00 8.66
N PRO C 480 -5.57 2.81 8.03
CA PRO C 480 -4.89 1.61 8.57
C PRO C 480 -3.34 1.73 8.64
N ARG C 481 -2.74 2.50 7.73
CA ARG C 481 -1.28 2.67 7.75
C ARG C 481 -0.91 4.13 7.76
N SER C 482 -1.71 4.90 8.51
CA SER C 482 -1.62 6.35 8.54
C SER C 482 -1.57 6.91 7.14
N GLY C 483 -2.32 6.29 6.24
CA GLY C 483 -2.34 6.71 4.86
C GLY C 483 -3.27 7.86 4.56
N PHE C 484 -3.96 8.37 5.58
CA PHE C 484 -4.84 9.53 5.42
C PHE C 484 -4.52 10.60 6.43
N LEU C 485 -4.80 11.84 6.08
CA LEU C 485 -4.69 12.97 7.01
C LEU C 485 -6.04 13.51 7.31
N ARG C 486 -6.38 13.55 8.59
CA ARG C 486 -7.73 13.94 9.01
C ARG C 486 -7.82 15.47 9.20
N PHE C 487 -8.95 16.04 8.77
CA PHE C 487 -9.29 17.44 9.09
C PHE C 487 -10.69 17.51 9.62
N SER C 488 -10.82 17.64 10.93
CA SER C 488 -12.16 17.70 11.57
C SER C 488 -12.21 18.71 12.73
N PRO C 489 -12.14 20.00 12.40
CA PRO C 489 -12.12 21.10 13.38
C PRO C 489 -13.50 21.50 13.80
N SER C 490 -13.57 22.49 14.68
CA SER C 490 -14.87 22.98 15.18
C SER C 490 -15.56 23.76 14.10
N LEU C 491 -16.84 24.02 14.29
CA LEU C 491 -17.62 24.86 13.37
C LEU C 491 -17.14 26.32 13.35
N TYR C 492 -16.33 26.71 14.32
CA TYR C 492 -15.87 28.10 14.43
C TYR C 492 -14.59 28.35 13.68
N ILE C 493 -14.06 27.32 13.03
CA ILE C 493 -12.84 27.50 12.26
C ILE C 493 -12.98 28.70 11.32
N THR C 494 -11.95 29.54 11.30
CA THR C 494 -12.02 30.81 10.54
C THR C 494 -11.37 30.69 9.17
N ASP C 495 -11.73 31.62 8.28
CA ASP C 495 -11.13 31.67 6.95
C ASP C 495 -9.61 31.82 7.03
N GLU C 496 -9.17 32.60 7.99
CA GLU C 496 -7.75 32.85 8.18
C GLU C 496 -7.01 31.55 8.55
N GLU C 497 -7.63 30.77 9.43
CA GLU C 497 -7.08 29.48 9.87
C GLU C 497 -7.06 28.47 8.73
N ILE C 498 -8.10 28.48 7.91
CA ILE C 498 -8.15 27.65 6.73
C ILE C 498 -7.06 28.03 5.72
N ASP C 499 -6.87 29.35 5.52
CA ASP C 499 -5.74 29.87 4.68
C ASP C 499 -4.38 29.46 5.21
N ARG C 500 -4.22 29.50 6.54
CA ARG C 500 -2.95 29.12 7.16
C ARG C 500 -2.68 27.61 6.98
N THR C 501 -3.75 26.83 6.92
CA THR C 501 -3.66 25.40 6.70
C THR C 501 -3.34 25.07 5.24
N GLU C 502 -3.95 25.81 4.30
CA GLU C 502 -3.57 25.70 2.87
C GLU C 502 -2.09 25.98 2.66
N THR C 503 -1.59 27.08 3.24
CA THR C 503 -0.15 27.42 3.14
C THR C 503 0.69 26.27 3.67
N ALA C 504 0.29 25.75 4.83
CA ALA C 504 1.03 24.65 5.49
C ALA C 504 1.04 23.37 4.62
N LEU C 505 -0.08 23.06 3.99
CA LEU C 505 -0.20 21.83 3.23
C LEU C 505 0.60 21.91 1.90
N ARG C 506 0.49 23.04 1.20
CA ARG C 506 1.29 23.26 0.01
C ARG C 506 2.77 23.10 0.33
N SER C 507 3.20 23.71 1.44
CA SER C 507 4.57 23.54 1.92
C SER C 507 4.91 22.05 2.11
N LEU C 508 4.03 21.33 2.81
CA LEU C 508 4.27 19.93 3.14
C LEU C 508 4.43 19.07 1.88
N PHE C 509 3.49 19.21 0.96
CA PHE C 509 3.44 18.36 -0.22
C PHE C 509 4.41 18.83 -1.30
N THR C 510 4.96 20.03 -1.16
CA THR C 510 6.10 20.47 -2.03
C THR C 510 7.42 19.86 -1.55
N ALA C 511 7.62 19.81 -0.23
CA ALA C 511 8.73 19.06 0.35
C ALA C 511 8.65 17.53 0.05
N LEU C 512 7.44 16.99 0.05
CA LEU C 512 7.26 15.56 -0.20
C LEU C 512 7.53 15.22 -1.69
N ARG C 513 7.03 16.07 -2.58
CA ARG C 513 7.43 16.05 -4.00
C ARG C 513 8.94 16.06 -4.16
N ASP C 514 9.62 16.93 -3.41
CA ASP C 514 11.08 17.06 -3.49
C ASP C 514 11.80 15.88 -2.86
N GLN C 515 11.04 15.00 -2.23
CA GLN C 515 11.60 13.92 -1.45
C GLN C 515 12.66 14.43 -0.46
N ASP C 516 12.28 15.45 0.31
CA ASP C 516 13.21 16.08 1.25
C ASP C 516 13.15 15.41 2.63
N GLY C 517 13.91 14.32 2.78
CA GLY C 517 13.83 13.48 3.96
C GLY C 517 14.52 14.10 5.16
N ASP C 518 15.59 14.84 4.91
CA ASP C 518 16.25 15.60 5.95
C ASP C 518 15.23 16.42 6.72
N ARG C 519 14.31 17.03 5.98
CA ARG C 519 13.42 18.05 6.53
C ARG C 519 12.15 17.42 7.10
N LEU C 520 11.73 16.30 6.51
CA LEU C 520 10.49 15.65 6.90
C LEU C 520 10.69 14.70 8.06
N VAL C 521 11.77 13.92 8.02
CA VAL C 521 12.04 12.94 9.07
C VAL C 521 13.15 13.43 9.98
N LEU C 522 12.91 13.39 11.29
CA LEU C 522 13.90 13.85 12.26
C LEU C 522 15.05 12.86 12.41
N SER D 5 -50.16 5.61 32.42
CA SER D 5 -50.01 4.63 31.30
C SER D 5 -50.84 5.07 30.09
N GLY D 6 -50.15 5.60 29.08
CA GLY D 6 -50.83 6.11 27.90
C GLY D 6 -49.86 6.73 26.89
N GLU D 7 -49.05 7.68 27.35
CA GLU D 7 -48.40 8.60 26.43
C GLU D 7 -47.03 8.09 26.02
N PRO D 8 -46.49 8.59 24.88
CA PRO D 8 -45.17 8.21 24.44
C PRO D 8 -44.13 8.24 25.55
N VAL D 9 -43.26 7.26 25.56
CA VAL D 9 -42.21 7.15 26.54
C VAL D 9 -40.94 6.69 25.82
N TYR D 10 -39.81 7.35 26.11
CA TYR D 10 -38.62 7.23 25.29
C TYR D 10 -37.42 6.63 26.03
N ALA D 11 -37.57 6.41 27.35
CA ALA D 11 -36.65 5.57 28.10
C ALA D 11 -37.25 5.18 29.45
N ASP D 12 -36.79 4.06 29.98
CA ASP D 12 -36.90 3.77 31.42
C ASP D 12 -38.32 3.34 31.85
N ALA D 13 -39.20 3.10 30.89
CA ALA D 13 -40.59 2.78 31.22
C ALA D 13 -40.68 1.52 32.11
N VAL D 14 -40.06 0.46 31.67
CA VAL D 14 -40.08 -0.79 32.44
C VAL D 14 -39.34 -0.61 33.76
N LEU D 15 -38.15 -0.03 33.70
CA LEU D 15 -37.37 0.21 34.91
C LEU D 15 -38.15 1.04 35.92
N ASN D 16 -38.80 2.10 35.45
CA ASN D 16 -39.60 2.96 36.35
C ASN D 16 -40.86 2.25 36.89
N GLY D 17 -41.56 1.49 36.04
CA GLY D 17 -42.68 0.68 36.51
C GLY D 17 -42.27 -0.16 37.70
N TRP D 18 -41.16 -0.85 37.55
CA TRP D 18 -40.69 -1.76 38.56
C TRP D 18 -40.23 -1.02 39.84
N LEU D 19 -39.44 0.03 39.69
CA LEU D 19 -39.03 0.83 40.84
C LEU D 19 -40.24 1.30 41.65
N THR D 20 -41.28 1.73 40.95
CA THR D 20 -42.48 2.22 41.61
C THR D 20 -43.13 1.11 42.47
N SER D 21 -43.24 -0.11 41.94
CA SER D 21 -43.94 -1.16 42.67
C SER D 21 -43.11 -1.67 43.87
N MET D 22 -41.81 -1.42 43.85
CA MET D 22 -40.93 -1.74 44.98
C MET D 22 -40.97 -0.66 46.06
N GLY D 23 -41.57 0.48 45.75
CA GLY D 23 -41.56 1.63 46.67
C GLY D 23 -40.36 2.54 46.49
N LEU D 24 -39.68 2.44 45.35
CA LEU D 24 -38.41 3.14 45.13
C LEU D 24 -38.52 4.17 44.02
N GLY D 25 -39.74 4.49 43.65
CA GLY D 25 -39.99 5.42 42.57
C GLY D 25 -39.92 6.84 43.05
N VAL D 26 -38.72 7.33 43.24
CA VAL D 26 -38.54 8.70 43.68
C VAL D 26 -37.49 9.38 42.79
N GLU D 27 -37.59 10.71 42.66
CA GLU D 27 -36.56 11.50 41.96
C GLU D 27 -35.80 12.32 42.96
N TYR D 28 -34.48 12.17 42.96
CA TYR D 28 -33.63 13.00 43.77
C TYR D 28 -33.22 14.23 43.00
N VAL D 29 -33.31 15.42 43.63
CA VAL D 29 -33.10 16.66 42.91
C VAL D 29 -31.79 17.32 43.27
N ARG D 30 -31.23 16.93 44.40
CA ARG D 30 -30.01 17.55 44.88
C ARG D 30 -29.31 16.59 45.79
N ALA D 31 -27.99 16.72 45.91
CA ALA D 31 -27.21 15.86 46.82
C ALA D 31 -26.01 16.60 47.44
N GLU D 32 -25.77 16.37 48.72
CA GLU D 32 -24.48 16.78 49.34
C GLU D 32 -24.17 15.88 50.50
N GLY D 33 -22.92 15.58 50.66
CA GLY D 33 -22.50 14.74 51.74
C GLY D 33 -23.08 13.34 51.60
N ASN D 34 -23.71 12.87 52.66
CA ASN D 34 -24.39 11.58 52.69
C ASN D 34 -25.87 11.74 52.49
N THR D 35 -26.28 12.91 52.01
CA THR D 35 -27.67 13.21 51.90
C THR D 35 -28.06 13.44 50.46
N VAL D 36 -29.12 12.77 50.01
CA VAL D 36 -29.81 13.13 48.78
C VAL D 36 -31.19 13.66 49.10
N TYR D 37 -31.69 14.58 48.26
CA TYR D 37 -32.98 15.27 48.53
C TYR D 37 -34.01 14.97 47.45
N TYR D 38 -35.22 14.63 47.86
CA TYR D 38 -36.38 14.62 46.92
C TYR D 38 -37.44 15.64 47.31
N LEU D 39 -38.36 15.93 46.39
CA LEU D 39 -39.45 16.85 46.68
C LEU D 39 -40.73 16.10 47.10
N ASP D 40 -41.31 16.52 48.24
CA ASP D 40 -42.60 15.96 48.68
C ASP D 40 -43.79 16.62 47.95
N ASP D 41 -45.01 16.16 48.27
CA ASP D 41 -46.24 16.65 47.60
C ASP D 41 -46.32 18.17 47.60
N GLU D 42 -45.84 18.77 48.69
CA GLU D 42 -46.02 20.18 48.95
C GLU D 42 -44.88 21.01 48.34
N GLY D 43 -43.78 20.34 48.00
CA GLY D 43 -42.71 20.97 47.21
C GLY D 43 -41.44 21.29 47.98
N ARG D 44 -41.33 20.80 49.21
CA ARG D 44 -40.07 20.97 49.96
C ARG D 44 -39.10 19.81 49.83
N GLU D 45 -37.82 20.12 50.03
CA GLU D 45 -36.76 19.15 49.97
C GLU D 45 -36.76 18.30 51.21
N VAL D 46 -36.96 17.01 51.05
CA VAL D 46 -36.81 16.05 52.13
C VAL D 46 -35.42 15.42 52.07
N PRO D 47 -34.67 15.48 53.17
CA PRO D 47 -33.37 14.86 53.19
C PRO D 47 -33.47 13.34 53.38
N VAL D 48 -32.74 12.59 52.54
CA VAL D 48 -32.63 11.14 52.66
C VAL D 48 -31.18 10.73 52.85
N LEU D 49 -30.93 9.92 53.85
CA LEU D 49 -29.58 9.41 54.11
C LEU D 49 -29.22 8.29 53.10
N ASP D 50 -28.10 8.46 52.42
CA ASP D 50 -27.72 7.59 51.33
C ASP D 50 -26.68 6.56 51.81
N HIS D 51 -27.11 5.32 51.93
CA HIS D 51 -26.20 4.23 52.26
C HIS D 51 -25.73 3.46 51.00
N ALA D 52 -26.29 3.79 49.84
CA ALA D 52 -25.84 3.18 48.58
C ALA D 52 -24.64 3.95 47.97
N CYS D 53 -24.78 5.25 47.82
CA CYS D 53 -23.64 6.13 47.48
C CYS D 53 -22.92 5.66 46.19
N GLY D 54 -23.66 5.58 45.10
CA GLY D 54 -23.09 5.17 43.84
C GLY D 54 -22.50 3.75 43.90
N PHE D 55 -23.17 2.86 44.63
CA PHE D 55 -22.64 1.52 44.89
C PHE D 55 -21.19 1.55 45.34
N GLY D 56 -20.85 2.51 46.20
CA GLY D 56 -19.53 2.55 46.81
C GLY D 56 -18.59 3.53 46.13
N SER D 57 -19.13 4.40 45.27
CA SER D 57 -18.31 5.41 44.59
C SER D 57 -17.94 6.62 45.44
N LEU D 58 -18.63 6.82 46.55
CA LEU D 58 -18.62 8.11 47.21
C LEU D 58 -18.01 8.03 48.59
N ILE D 59 -16.74 7.65 48.64
CA ILE D 59 -16.03 7.57 49.89
C ILE D 59 -15.98 8.95 50.56
N PHE D 60 -15.96 9.99 49.75
CA PHE D 60 -15.94 11.38 50.24
C PHE D 60 -17.33 12.09 50.17
N GLY D 61 -18.37 11.33 49.84
CA GLY D 61 -19.72 11.85 49.77
C GLY D 61 -20.10 12.43 48.43
N HIS D 62 -21.37 12.85 48.30
CA HIS D 62 -21.83 13.53 47.11
C HIS D 62 -21.22 14.94 47.06
N ASN D 63 -20.58 15.29 45.95
CA ASN D 63 -20.29 16.66 45.63
C ASN D 63 -19.49 17.34 46.75
N HIS D 64 -18.37 16.75 47.07
CA HIS D 64 -17.53 17.24 48.09
C HIS D 64 -16.95 18.57 47.62
N PRO D 65 -17.07 19.61 48.46
CA PRO D 65 -16.65 20.96 48.12
C PRO D 65 -15.24 21.03 47.55
N GLU D 66 -14.29 20.37 48.19
CA GLU D 66 -12.92 20.31 47.66
C GLU D 66 -12.83 19.74 46.26
N ILE D 67 -13.63 18.74 45.96
CA ILE D 67 -13.62 18.17 44.64
C ILE D 67 -14.33 19.08 43.64
N ILE D 68 -15.43 19.67 44.07
CA ILE D 68 -16.18 20.58 43.23
C ILE D 68 -15.31 21.76 42.85
N ALA D 69 -14.63 22.32 43.84
CA ALA D 69 -13.83 23.50 43.64
C ALA D 69 -12.67 23.19 42.69
N HIS D 70 -12.00 22.08 42.92
CA HIS D 70 -10.89 21.68 42.05
C HIS D 70 -11.35 21.48 40.62
N ALA D 71 -12.55 20.93 40.46
CA ALA D 71 -13.07 20.73 39.13
C ALA D 71 -13.30 22.04 38.45
N LYS D 72 -13.97 22.95 39.12
CA LYS D 72 -14.24 24.27 38.53
C LYS D 72 -12.94 25.01 38.21
N ALA D 73 -11.93 24.88 39.07
CA ALA D 73 -10.62 25.45 38.78
C ALA D 73 -10.02 24.85 37.51
N ALA D 74 -10.05 23.53 37.40
CA ALA D 74 -9.53 22.87 36.20
C ALA D 74 -10.24 23.38 34.93
N LEU D 75 -11.56 23.55 35.03
CA LEU D 75 -12.33 24.07 33.90
C LEU D 75 -11.93 25.49 33.59
N ASP D 76 -11.74 26.32 34.61
CA ASP D 76 -11.34 27.73 34.39
C ASP D 76 -9.95 27.87 33.82
N ALA D 77 -9.08 26.93 34.11
CA ALA D 77 -7.71 26.99 33.59
C ALA D 77 -7.59 26.61 32.11
N GLY D 78 -8.67 26.12 31.50
CA GLY D 78 -8.61 25.70 30.08
C GLY D 78 -7.85 24.40 29.93
N THR D 79 -8.02 23.52 30.88
CA THR D 79 -7.46 22.23 30.83
C THR D 79 -7.73 21.56 29.46
N VAL D 80 -6.69 20.96 28.90
CA VAL D 80 -6.85 20.21 27.66
C VAL D 80 -7.47 18.84 27.99
N VAL D 81 -8.73 18.67 27.64
CA VAL D 81 -9.42 17.44 27.90
C VAL D 81 -9.13 16.46 26.80
N HIS D 82 -9.20 16.92 25.55
CA HIS D 82 -8.95 16.06 24.37
C HIS D 82 -7.61 16.37 23.75
N ALA D 83 -6.59 15.59 24.13
CA ALA D 83 -5.21 15.82 23.66
C ALA D 83 -4.61 14.48 23.26
N GLN D 84 -5.35 13.72 22.49
CA GLN D 84 -4.95 12.39 22.11
C GLN D 84 -3.68 12.46 21.28
N LEU D 85 -2.82 11.44 21.45
CA LEU D 85 -1.52 11.35 20.79
C LEU D 85 -0.71 12.62 20.99
N SER D 86 -0.63 13.06 22.23
CA SER D 86 0.39 14.03 22.64
C SER D 86 0.91 13.66 24.02
N ARG D 87 1.80 14.49 24.56
CA ARG D 87 2.47 14.19 25.84
C ARG D 87 1.53 14.56 26.99
N GLN D 88 1.10 13.55 27.76
CA GLN D 88 0.18 13.79 28.91
C GLN D 88 0.79 13.29 30.24
N PRO D 89 1.70 14.07 30.83
CA PRO D 89 2.50 13.66 31.99
C PRO D 89 1.65 13.21 33.18
N ARG D 90 0.40 13.66 33.24
CA ARG D 90 -0.42 13.40 34.40
C ARG D 90 -0.73 11.95 34.57
N ALA D 91 -0.71 11.20 33.49
CA ALA D 91 -0.96 9.76 33.56
C ALA D 91 0.21 9.07 34.26
N ASN D 92 1.43 9.42 33.86
CA ASN D 92 2.64 8.95 34.56
C ASN D 92 2.65 9.36 36.04
N GLN D 93 2.15 10.54 36.32
CA GLN D 93 2.09 11.06 37.69
C GLN D 93 1.09 10.28 38.60
N ILE D 94 -0.12 10.08 38.11
CA ILE D 94 -1.09 9.28 38.82
C ILE D 94 -0.53 7.87 39.11
N SER D 95 0.16 7.29 38.14
CA SER D 95 0.71 5.94 38.28
C SER D 95 1.85 5.89 39.26
N ARG D 96 2.70 6.90 39.25
CA ARG D 96 3.74 7.04 40.28
C ARG D 96 3.17 6.96 41.69
N ILE D 97 2.08 7.67 41.91
CA ILE D 97 1.49 7.71 43.23
C ILE D 97 0.93 6.34 43.64
N LEU D 98 0.14 5.72 42.78
CA LEU D 98 -0.48 4.43 43.10
C LEU D 98 0.59 3.37 43.35
N ASN D 99 1.62 3.38 42.50
CA ASN D 99 2.87 2.60 42.73
C ASN D 99 3.47 2.78 44.14
N ASP D 100 3.66 4.03 44.56
CA ASP D 100 4.25 4.29 45.87
C ASP D 100 3.33 3.79 46.98
N ILE D 101 2.02 3.99 46.81
CA ILE D 101 1.04 3.50 47.77
C ILE D 101 1.06 1.98 47.86
N MET D 102 1.18 1.31 46.72
CA MET D 102 1.16 -0.13 46.71
C MET D 102 2.39 -0.68 47.43
N ARG D 103 3.55 -0.11 47.16
CA ARG D 103 4.79 -0.51 47.84
C ARG D 103 4.67 -0.32 49.34
N ARG D 104 4.07 0.80 49.75
CA ARG D 104 3.94 1.09 51.17
C ARG D 104 3.07 0.08 51.87
N GLU D 105 1.97 -0.31 51.23
CA GLU D 105 0.97 -1.14 51.87
C GLU D 105 1.28 -2.65 51.73
N THR D 106 2.12 -3.04 50.77
CA THR D 106 2.46 -4.49 50.57
C THR D 106 3.89 -4.86 50.99
N GLY D 107 4.72 -3.86 51.26
CA GLY D 107 6.13 -4.09 51.43
C GLY D 107 6.84 -4.35 50.10
N ARG D 108 6.11 -4.79 49.09
CA ARG D 108 6.72 -5.22 47.82
C ARG D 108 7.18 -4.03 46.99
N ASP D 109 8.36 -4.15 46.43
CA ASP D 109 8.94 -3.09 45.66
C ASP D 109 8.81 -3.40 44.18
N ASP D 110 7.57 -3.59 43.71
CA ASP D 110 7.31 -3.86 42.29
C ASP D 110 6.84 -2.60 41.57
N ARG D 111 7.02 -2.59 40.26
CA ARG D 111 6.62 -1.45 39.45
C ARG D 111 5.46 -1.84 38.50
N TYR D 112 4.46 -0.96 38.39
CA TYR D 112 3.28 -1.22 37.56
C TYR D 112 3.18 -0.18 36.49
N ASN D 113 2.85 -0.61 35.27
CA ASN D 113 2.39 0.31 34.23
C ASN D 113 0.91 0.56 34.31
N ALA D 114 0.51 1.78 33.94
CA ALA D 114 -0.87 2.20 34.01
C ALA D 114 -1.45 2.42 32.63
N ILE D 115 -2.59 1.80 32.37
CA ILE D 115 -3.41 2.12 31.21
C ILE D 115 -4.79 2.57 31.71
N PHE D 116 -5.24 3.72 31.22
CA PHE D 116 -6.45 4.35 31.78
C PHE D 116 -7.67 4.03 30.95
N ALA D 117 -8.85 4.15 31.52
CA ALA D 117 -10.09 3.91 30.74
C ALA D 117 -11.28 4.66 31.36
N ASN D 118 -12.50 4.29 30.96
CA ASN D 118 -13.67 5.09 31.29
C ASN D 118 -14.67 4.40 32.24
N SER D 119 -14.45 3.13 32.52
CA SER D 119 -15.31 2.42 33.46
C SER D 119 -14.59 1.20 33.96
N GLY D 120 -15.18 0.56 34.97
CA GLY D 120 -14.60 -0.61 35.58
C GLY D 120 -14.50 -1.77 34.62
N ALA D 121 -15.55 -1.93 33.83
CA ALA D 121 -15.59 -2.97 32.85
C ALA D 121 -14.52 -2.78 31.81
N GLU D 122 -14.34 -1.52 31.38
CA GLU D 122 -13.30 -1.21 30.39
C GLU D 122 -11.92 -1.56 30.94
N ALA D 123 -11.71 -1.29 32.22
CA ALA D 123 -10.41 -1.53 32.83
C ALA D 123 -10.17 -3.05 32.94
N ASN D 124 -11.17 -3.76 33.47
CA ASN D 124 -11.09 -5.22 33.51
C ASN D 124 -10.89 -5.82 32.14
N GLU D 125 -11.43 -5.21 31.11
CA GLU D 125 -11.27 -5.74 29.74
C GLU D 125 -9.91 -5.44 29.13
N ILE D 126 -9.31 -4.33 29.52
CA ILE D 126 -7.91 -4.10 29.21
C ILE D 126 -7.07 -5.24 29.78
N CYS D 127 -7.42 -5.66 30.99
CA CYS D 127 -6.72 -6.73 31.66
C CYS D 127 -6.94 -8.04 30.92
N MET D 128 -8.19 -8.31 30.56
CA MET D 128 -8.52 -9.50 29.76
C MET D 128 -7.70 -9.55 28.50
N LYS D 129 -7.58 -8.42 27.83
CA LYS D 129 -6.86 -8.34 26.57
C LYS D 129 -5.37 -8.54 26.76
N HIS D 130 -4.82 -7.98 27.83
CA HIS D 130 -3.39 -8.14 28.06
C HIS D 130 -3.06 -9.54 28.50
N ALA D 131 -3.98 -10.17 29.24
CA ALA D 131 -3.85 -11.60 29.61
C ALA D 131 -3.71 -12.45 28.37
N GLU D 132 -4.49 -12.10 27.37
CA GLU D 132 -4.54 -12.89 26.16
C GLU D 132 -3.35 -12.61 25.28
N LEU D 133 -2.76 -11.43 25.38
CA LEU D 133 -1.45 -11.18 24.69
C LEU D 133 -0.35 -12.09 25.28
N GLU D 134 -0.37 -12.28 26.61
CA GLU D 134 0.61 -13.13 27.30
C GLU D 134 0.46 -14.59 26.88
N ARG D 135 -0.78 -15.05 26.76
CA ARG D 135 -1.05 -16.45 26.37
C ARG D 135 -0.60 -16.73 24.93
N GLN D 136 -0.87 -15.79 24.03
CA GLN D 136 -0.39 -15.89 22.65
C GLN D 136 1.13 -15.96 22.57
N GLU D 137 1.81 -15.25 23.47
CA GLU D 137 3.27 -15.34 23.56
C GLU D 137 3.71 -16.74 24.04
N ARG D 138 3.02 -17.28 25.05
CA ARG D 138 3.32 -18.64 25.53
C ARG D 138 3.02 -19.64 24.46
N ILE D 139 1.88 -19.45 23.80
CA ILE D 139 1.48 -20.34 22.76
C ILE D 139 2.51 -20.37 21.64
N THR D 140 2.92 -19.19 21.17
CA THR D 140 3.93 -19.14 20.09
C THR D 140 5.16 -19.90 20.46
N ALA D 141 5.59 -19.75 21.71
CA ALA D 141 6.83 -20.40 22.18
C ALA D 141 6.72 -21.92 22.18
N LEU D 142 5.60 -22.43 22.69
CA LEU D 142 5.39 -23.89 22.78
C LEU D 142 5.32 -24.51 21.38
N PHE D 143 4.60 -23.86 20.48
CA PHE D 143 4.52 -24.32 19.10
C PHE D 143 5.85 -24.23 18.37
N ALA D 144 6.68 -23.27 18.75
CA ALA D 144 8.04 -23.22 18.22
C ALA D 144 8.86 -24.44 18.65
N GLU D 145 8.75 -24.82 19.92
CA GLU D 145 9.47 -26.03 20.43
C GLU D 145 8.96 -27.28 19.75
N ILE D 146 7.65 -27.37 19.62
CA ILE D 146 7.02 -28.55 19.04
C ILE D 146 7.49 -28.77 17.60
N ASP D 147 7.54 -27.68 16.83
CA ASP D 147 8.16 -27.73 15.49
C ASP D 147 9.54 -28.38 15.52
N ALA D 148 10.41 -27.91 16.41
CA ALA D 148 11.81 -28.44 16.48
C ALA D 148 11.86 -29.88 16.98
N GLU D 149 11.00 -30.22 17.97
CA GLU D 149 10.81 -31.62 18.41
C GLU D 149 10.40 -32.52 17.21
N LEU D 150 9.55 -32.00 16.34
CA LEU D 150 9.09 -32.75 15.19
C LEU D 150 10.20 -32.91 14.15
N ASP D 151 10.82 -31.80 13.74
CA ASP D 151 11.96 -31.84 12.77
C ASP D 151 13.00 -32.86 13.23
N THR D 152 13.31 -32.83 14.53
CA THR D 152 14.29 -33.75 15.12
C THR D 152 13.83 -35.22 15.03
N ALA D 153 12.59 -35.47 15.43
CA ALA D 153 12.05 -36.82 15.45
C ALA D 153 11.90 -37.39 14.03
N ARG D 154 11.73 -36.49 13.06
CA ARG D 154 11.61 -36.89 11.65
C ARG D 154 12.97 -37.28 11.04
N GLU D 155 14.03 -36.59 11.48
CA GLU D 155 15.38 -36.85 10.97
C GLU D 155 15.98 -38.09 11.61
N ALA D 156 15.57 -38.37 12.84
CA ALA D 156 15.90 -39.63 13.48
C ALA D 156 15.18 -40.79 12.80
N LEU D 157 13.90 -40.59 12.49
CA LEU D 157 13.07 -41.66 11.96
C LEU D 157 13.41 -41.98 10.51
N THR D 158 13.79 -40.97 9.74
CA THR D 158 14.14 -41.17 8.32
C THR D 158 15.60 -41.60 8.16
N THR D 159 16.52 -40.86 8.78
CA THR D 159 17.95 -41.13 8.63
C THR D 159 18.33 -42.54 9.16
N GLY D 160 17.65 -42.98 10.21
CA GLY D 160 17.79 -44.37 10.67
C GLY D 160 17.48 -44.56 12.14
N THR D 161 18.14 -43.77 12.98
CA THR D 161 18.46 -44.19 14.37
C THR D 161 17.23 -44.76 15.11
N ALA D 162 16.10 -44.07 15.00
CA ALA D 162 14.94 -44.37 15.83
C ALA D 162 13.83 -45.05 15.06
N THR D 163 12.96 -45.75 15.78
CA THR D 163 11.72 -46.26 15.23
C THR D 163 10.53 -45.72 16.01
N LEU D 164 9.47 -45.37 15.29
CA LEU D 164 8.23 -44.95 15.90
C LEU D 164 7.60 -46.10 16.69
N ASP D 165 7.38 -45.89 17.98
CA ASP D 165 6.60 -46.84 18.80
C ASP D 165 5.12 -46.69 18.56
N THR D 166 4.48 -47.77 18.12
CA THR D 166 3.19 -47.70 17.46
C THR D 166 2.04 -47.71 18.49
N ALA D 167 2.36 -48.08 19.74
CA ALA D 167 1.36 -48.10 20.82
C ALA D 167 0.91 -46.68 21.19
N SER D 168 1.66 -45.68 20.75
CA SER D 168 1.34 -44.29 21.05
C SER D 168 0.32 -43.72 20.05
N LEU D 169 -0.01 -44.49 19.01
CA LEU D 169 -0.72 -43.94 17.86
C LEU D 169 -2.24 -43.79 18.07
N PRO D 170 -2.80 -44.48 19.09
CA PRO D 170 -4.16 -44.10 19.50
C PRO D 170 -4.37 -42.57 19.71
N LEU D 171 -3.31 -41.85 20.10
CA LEU D 171 -3.42 -40.40 20.31
C LEU D 171 -3.71 -39.64 18.99
N VAL D 172 -3.20 -40.16 17.87
CA VAL D 172 -3.66 -39.72 16.55
C VAL D 172 -4.39 -40.85 15.82
N ASP D 178 3.19 -44.26 9.83
CA ASP D 178 4.12 -43.66 8.85
C ASP D 178 4.29 -42.16 9.11
N VAL D 179 5.49 -41.66 8.87
CA VAL D 179 5.93 -40.40 9.44
C VAL D 179 5.01 -39.26 9.04
N ASP D 180 5.07 -38.86 7.78
CA ASP D 180 4.46 -37.61 7.33
C ASP D 180 2.99 -37.53 7.72
N GLY D 181 2.30 -38.66 7.60
CA GLY D 181 0.88 -38.74 7.95
C GLY D 181 0.62 -38.47 9.43
N VAL D 182 1.52 -38.94 10.28
CA VAL D 182 1.39 -38.75 11.72
C VAL D 182 1.73 -37.30 12.08
N ILE D 183 2.74 -36.74 11.41
CA ILE D 183 3.10 -35.34 11.57
C ILE D 183 1.93 -34.41 11.24
N ALA D 184 1.33 -34.59 10.06
CA ALA D 184 0.26 -33.71 9.58
C ALA D 184 -0.99 -33.84 10.46
N ASP D 185 -1.22 -35.02 11.02
CA ASP D 185 -2.36 -35.24 11.93
C ASP D 185 -2.16 -34.51 13.23
N ILE D 186 -0.92 -34.48 13.70
CA ILE D 186 -0.56 -33.73 14.90
C ILE D 186 -0.76 -32.20 14.67
N HIS D 187 -0.27 -31.69 13.53
CA HIS D 187 -0.50 -30.29 13.15
C HIS D 187 -1.98 -29.95 13.03
N ARG D 188 -2.76 -30.87 12.46
CA ARG D 188 -4.22 -30.70 12.38
C ARG D 188 -4.82 -30.64 13.79
N HIS D 189 -4.43 -31.57 14.64
CA HIS D 189 -4.91 -31.60 16.01
C HIS D 189 -4.55 -30.31 16.73
N ASN D 190 -3.27 -29.93 16.64
CA ASN D 190 -2.77 -28.78 17.40
C ASN D 190 -3.43 -27.46 16.96
N ASP D 191 -3.64 -27.29 15.63
CA ASP D 191 -4.22 -26.03 15.10
C ASP D 191 -5.68 -25.85 15.53
N GLU D 192 -6.41 -26.96 15.57
CA GLU D 192 -7.76 -26.94 16.15
C GLU D 192 -7.73 -26.44 17.58
N ARG D 193 -6.80 -26.98 18.36
CA ARG D 193 -6.69 -26.65 19.77
C ARG D 193 -6.23 -25.16 19.96
N ARG D 194 -5.34 -24.70 19.09
CA ARG D 194 -4.83 -23.35 19.16
C ARG D 194 -5.92 -22.31 18.98
N ALA D 195 -6.93 -22.61 18.17
CA ALA D 195 -7.93 -21.62 17.82
C ALA D 195 -9.12 -21.61 18.80
N GLU D 196 -9.21 -22.60 19.67
CA GLU D 196 -10.27 -22.62 20.70
C GLU D 196 -10.18 -21.40 21.56
N ARG D 197 -11.31 -20.85 21.92
CA ARG D 197 -11.35 -19.73 22.81
C ARG D 197 -10.77 -20.11 24.17
N PRO D 198 -10.12 -19.14 24.86
CA PRO D 198 -9.58 -19.39 26.20
C PRO D 198 -10.65 -19.41 27.25
N LEU D 199 -10.29 -19.81 28.44
CA LEU D 199 -11.15 -19.76 29.57
C LEU D 199 -10.69 -18.64 30.55
N PHE D 200 -11.63 -18.03 31.24
CA PHE D 200 -11.30 -17.24 32.41
C PHE D 200 -11.82 -17.90 33.69
N LEU D 201 -11.06 -17.74 34.78
CA LEU D 201 -11.51 -18.23 36.06
C LEU D 201 -11.98 -17.08 36.94
N THR D 202 -13.12 -17.28 37.60
CA THR D 202 -13.63 -16.30 38.52
C THR D 202 -14.19 -17.02 39.73
N LEU D 203 -14.72 -16.26 40.69
CA LEU D 203 -15.41 -16.85 41.82
C LEU D 203 -16.93 -16.83 41.63
N ASP D 204 -17.63 -17.71 42.35
CA ASP D 204 -19.09 -17.67 42.37
C ASP D 204 -19.55 -16.32 42.95
N GLY D 205 -20.55 -15.72 42.31
CA GLY D 205 -21.05 -14.41 42.71
C GLY D 205 -20.22 -13.25 42.18
N SER D 206 -19.22 -13.57 41.35
CA SER D 206 -18.33 -12.56 40.80
C SER D 206 -19.14 -11.53 40.05
N PHE D 207 -18.73 -10.27 40.18
CA PHE D 207 -19.31 -9.16 39.43
C PHE D 207 -18.14 -8.31 38.93
N HIS D 208 -17.87 -8.40 37.63
CA HIS D 208 -16.67 -7.75 37.02
C HIS D 208 -17.04 -6.77 35.87
N GLY D 209 -18.34 -6.60 35.66
CA GLY D 209 -18.84 -5.70 34.62
C GLY D 209 -19.77 -6.42 33.67
N LYS D 210 -20.45 -5.64 32.82
CA LYS D 210 -21.63 -6.12 32.11
C LYS D 210 -21.51 -5.89 30.58
N LEU D 211 -20.31 -5.62 30.11
CA LEU D 211 -20.06 -5.55 28.66
C LEU D 211 -19.92 -6.94 28.06
N VAL D 212 -19.79 -7.01 26.73
CA VAL D 212 -19.79 -8.28 26.01
C VAL D 212 -18.75 -9.26 26.59
N GLY D 213 -17.56 -8.75 26.90
CA GLY D 213 -16.48 -9.60 27.45
C GLY D 213 -16.67 -9.80 28.94
N SER D 214 -16.81 -8.70 29.65
CA SER D 214 -16.88 -8.73 31.11
C SER D 214 -18.12 -9.46 31.65
N ILE D 215 -19.26 -9.40 30.93
CA ILE D 215 -20.50 -10.03 31.43
C ILE D 215 -20.31 -11.53 31.68
N GLN D 216 -19.47 -12.17 30.86
CA GLN D 216 -19.22 -13.63 31.02
C GLN D 216 -18.51 -13.91 32.36
N LEU D 217 -17.82 -12.88 32.88
CA LEU D 217 -17.14 -13.00 34.18
C LEU D 217 -18.11 -12.72 35.34
N THR D 218 -19.34 -12.35 35.00
CA THR D 218 -20.33 -12.00 35.98
C THR D 218 -21.34 -13.14 36.12
N GLN D 219 -21.42 -13.70 37.32
CA GLN D 219 -22.21 -14.88 37.55
C GLN D 219 -23.71 -14.66 37.30
N ASN D 220 -24.25 -13.57 37.83
CA ASN D 220 -25.72 -13.34 37.81
C ASN D 220 -26.35 -13.93 36.53
N GLU D 221 -27.26 -14.89 36.70
CA GLU D 221 -27.67 -15.78 35.61
C GLU D 221 -28.48 -15.06 34.52
N PRO D 222 -29.52 -14.31 34.91
CA PRO D 222 -30.33 -13.62 33.87
C PRO D 222 -29.58 -12.49 33.17
N TRP D 223 -28.53 -11.95 33.82
CA TRP D 223 -27.67 -10.94 33.19
C TRP D 223 -26.74 -11.55 32.11
N ARG D 224 -26.31 -12.80 32.33
CA ARG D 224 -25.17 -13.37 31.61
C ARG D 224 -25.61 -14.40 30.55
N THR D 225 -26.47 -15.34 30.96
CA THR D 225 -26.79 -16.55 30.14
C THR D 225 -27.28 -16.22 28.73
N PRO D 226 -28.04 -15.11 28.55
CA PRO D 226 -28.52 -14.78 27.18
C PRO D 226 -27.38 -14.48 26.20
N PHE D 227 -26.18 -14.20 26.73
CA PHE D 227 -25.09 -13.71 25.95
C PHE D 227 -23.95 -14.75 25.84
N THR D 228 -24.18 -15.93 26.42
CA THR D 228 -23.19 -17.03 26.42
C THR D 228 -22.49 -17.24 25.07
N ALA D 229 -23.24 -17.19 23.97
CA ALA D 229 -22.68 -17.51 22.65
C ALA D 229 -21.62 -16.49 22.16
N LEU D 230 -21.60 -15.30 22.77
CA LEU D 230 -20.84 -14.18 22.22
C LEU D 230 -19.32 -14.30 22.49
N SER D 231 -18.96 -14.73 23.71
CA SER D 231 -17.64 -14.45 24.24
C SER D 231 -17.12 -15.59 25.15
N SER D 232 -15.80 -15.62 25.35
CA SER D 232 -15.20 -16.65 26.15
C SER D 232 -15.83 -16.71 27.52
N PRO D 233 -16.06 -17.92 28.03
CA PRO D 233 -16.70 -18.11 29.31
C PRO D 233 -15.73 -18.09 30.46
N ALA D 234 -16.29 -18.00 31.66
CA ALA D 234 -15.57 -18.14 32.89
C ALA D 234 -15.99 -19.40 33.55
N ARG D 235 -15.11 -19.98 34.33
CA ARG D 235 -15.53 -20.99 35.27
C ARG D 235 -15.61 -20.40 36.63
N PHE D 236 -16.71 -20.66 37.30
CA PHE D 236 -17.05 -19.97 38.50
C PHE D 236 -16.71 -20.83 39.69
N LEU D 237 -15.58 -20.56 40.30
CA LEU D 237 -15.08 -21.40 41.36
C LEU D 237 -15.88 -21.17 42.64
N PRO D 238 -16.18 -22.25 43.36
CA PRO D 238 -16.84 -22.14 44.66
C PRO D 238 -15.91 -21.64 45.75
N ALA D 239 -16.10 -20.38 46.15
CA ALA D 239 -15.17 -19.70 47.06
C ALA D 239 -15.23 -20.24 48.48
N ASP D 240 -16.38 -20.80 48.86
CA ASP D 240 -16.58 -21.31 50.24
C ASP D 240 -15.99 -22.71 50.42
N GLU D 241 -15.86 -23.46 49.33
CA GLU D 241 -15.30 -24.83 49.37
C GLU D 241 -14.09 -24.93 48.43
N PRO D 242 -12.97 -24.28 48.81
CA PRO D 242 -11.82 -24.15 47.90
C PRO D 242 -11.06 -25.46 47.66
N GLU D 243 -11.09 -26.38 48.62
CA GLU D 243 -10.55 -27.74 48.40
C GLU D 243 -11.08 -28.38 47.09
N LEU D 244 -12.22 -27.89 46.61
CA LEU D 244 -12.86 -28.39 45.37
C LEU D 244 -12.28 -27.76 44.07
N ILE D 245 -11.57 -26.65 44.21
CA ILE D 245 -11.22 -25.81 43.04
C ILE D 245 -10.14 -26.48 42.15
N GLY D 246 -9.21 -27.19 42.79
CA GLY D 246 -8.12 -27.87 42.08
C GLY D 246 -8.61 -28.85 41.03
N LYS D 247 -9.60 -29.66 41.40
CA LYS D 247 -10.17 -30.66 40.49
C LYS D 247 -10.89 -30.02 39.32
N ILE D 248 -11.62 -28.95 39.61
CA ILE D 248 -12.40 -28.29 38.56
C ILE D 248 -11.47 -27.71 37.50
N VAL D 249 -10.33 -27.17 37.92
CA VAL D 249 -9.35 -26.60 36.99
C VAL D 249 -8.59 -27.70 36.28
N GLU D 250 -8.31 -28.77 37.00
CA GLU D 250 -7.71 -29.96 36.38
C GLU D 250 -8.58 -30.51 35.25
N ASP D 251 -9.90 -30.56 35.46
CA ASP D 251 -10.83 -30.97 34.40
C ASP D 251 -10.61 -30.20 33.12
N GLU D 252 -10.11 -28.98 33.23
CA GLU D 252 -10.09 -28.08 32.10
C GLU D 252 -8.76 -28.14 31.36
N ARG D 253 -7.81 -28.90 31.88
CA ARG D 253 -6.57 -29.11 31.15
C ARG D 253 -6.85 -29.54 29.74
N ARG D 254 -6.12 -28.98 28.82
CA ARG D 254 -6.08 -29.45 27.45
C ARG D 254 -4.64 -29.56 27.05
N SER D 255 -4.33 -30.57 26.25
CA SER D 255 -2.98 -30.77 25.81
C SER D 255 -2.88 -30.69 24.30
N VAL D 256 -1.67 -30.48 23.81
CA VAL D 256 -1.34 -30.64 22.40
C VAL D 256 -0.40 -31.84 22.23
N LEU D 257 -0.08 -32.15 20.99
CA LEU D 257 0.70 -33.33 20.69
C LEU D 257 2.06 -32.95 20.17
N THR D 258 3.06 -33.76 20.49
CA THR D 258 4.36 -33.66 19.85
C THR D 258 4.98 -35.04 19.66
N LEU D 259 6.14 -35.06 19.00
CA LEU D 259 6.96 -36.27 18.91
C LEU D 259 8.22 -36.14 19.79
N SER D 260 8.46 -37.16 20.59
CA SER D 260 9.49 -37.10 21.61
C SER D 260 10.51 -38.20 21.37
N LEU D 261 11.76 -37.79 21.21
CA LEU D 261 12.83 -38.71 20.89
C LEU D 261 13.50 -39.21 22.16
N ASP D 262 13.71 -40.51 22.22
CA ASP D 262 14.55 -41.10 23.26
C ASP D 262 15.47 -42.17 22.64
N LYS D 263 16.61 -41.71 22.11
CA LYS D 263 17.63 -42.60 21.52
C LYS D 263 17.12 -43.31 20.25
N ASP D 264 16.18 -44.23 20.44
CA ASP D 264 15.81 -45.21 19.43
C ASP D 264 14.29 -45.33 19.33
N THR D 265 13.61 -45.05 20.43
CA THR D 265 12.16 -44.97 20.46
C THR D 265 11.71 -43.54 20.21
N VAL D 266 10.89 -43.34 19.18
CA VAL D 266 10.10 -42.12 19.05
C VAL D 266 8.65 -42.39 19.45
N ARG D 267 8.11 -41.52 20.32
CA ARG D 267 6.74 -41.68 20.84
C ARG D 267 5.94 -40.40 20.55
N VAL D 268 4.66 -40.56 20.21
CA VAL D 268 3.69 -39.46 20.28
C VAL D 268 3.28 -39.26 21.72
N VAL D 269 3.28 -38.01 22.17
CA VAL D 269 2.97 -37.71 23.56
C VAL D 269 2.20 -36.40 23.68
N GLU D 270 1.49 -36.27 24.78
CA GLU D 270 0.76 -35.04 25.10
C GLU D 270 1.70 -34.02 25.78
N ARG D 271 1.43 -32.74 25.55
CA ARG D 271 2.11 -31.65 26.26
C ARG D 271 1.08 -30.62 26.64
N ASP D 272 1.25 -29.97 27.80
CA ASP D 272 0.22 -29.10 28.36
C ASP D 272 0.03 -27.87 27.46
N PHE D 273 -1.22 -27.45 27.31
CA PHE D 273 -1.57 -26.30 26.51
C PHE D 273 -2.20 -25.26 27.44
N PRO D 274 -1.79 -23.98 27.32
CA PRO D 274 -2.39 -22.92 28.15
C PRO D 274 -3.80 -22.53 27.68
N VAL D 275 -4.82 -23.04 28.36
CA VAL D 275 -6.20 -22.65 28.07
C VAL D 275 -6.64 -21.43 28.87
N VAL D 276 -6.08 -21.27 30.07
CA VAL D 276 -6.58 -20.28 30.99
C VAL D 276 -5.81 -18.99 30.79
N ALA D 277 -6.53 -17.91 30.47
CA ALA D 277 -5.92 -16.61 30.15
C ALA D 277 -5.72 -15.74 31.40
N ALA D 278 -6.60 -15.88 32.37
CA ALA D 278 -6.45 -15.14 33.63
C ALA D 278 -7.39 -15.68 34.69
N ILE D 279 -7.05 -15.37 35.95
CA ILE D 279 -7.89 -15.57 37.10
C ILE D 279 -8.32 -14.16 37.64
N PHE D 280 -9.62 -13.96 37.88
CA PHE D 280 -10.14 -12.67 38.44
C PHE D 280 -10.64 -12.86 39.88
N VAL D 281 -10.30 -11.92 40.77
CA VAL D 281 -10.82 -11.93 42.15
C VAL D 281 -11.16 -10.53 42.63
N GLU D 282 -12.28 -10.42 43.35
CA GLU D 282 -12.60 -9.22 44.13
C GLU D 282 -12.21 -9.45 45.57
N PRO D 283 -11.40 -8.55 46.15
CA PRO D 283 -11.02 -8.68 47.56
C PRO D 283 -12.21 -8.75 48.50
N VAL D 284 -13.27 -8.03 48.16
CA VAL D 284 -14.53 -8.13 48.84
C VAL D 284 -15.59 -8.22 47.78
N ARG D 285 -16.44 -9.24 47.88
CA ARG D 285 -17.13 -9.75 46.71
C ARG D 285 -18.56 -9.23 46.66
N GLY D 286 -18.78 -8.17 45.87
CA GLY D 286 -20.04 -7.43 45.88
C GLY D 286 -21.24 -8.26 45.47
N GLY D 287 -21.12 -9.01 44.37
CA GLY D 287 -22.22 -9.85 43.92
C GLY D 287 -22.52 -11.02 44.83
N SER D 288 -21.70 -11.21 45.86
CA SER D 288 -21.93 -12.31 46.85
C SER D 288 -22.43 -11.79 48.19
N GLY D 289 -22.64 -10.48 48.29
CA GLY D 289 -23.10 -9.88 49.53
C GLY D 289 -21.97 -9.43 50.45
N MET D 290 -20.89 -8.90 49.86
CA MET D 290 -19.78 -8.26 50.61
C MET D 290 -18.89 -9.22 51.38
N LYS D 291 -18.78 -10.45 50.91
CA LYS D 291 -17.92 -11.41 51.54
C LYS D 291 -16.47 -11.14 51.18
N THR D 292 -15.60 -11.06 52.21
CA THR D 292 -14.18 -10.87 51.98
C THR D 292 -13.52 -12.23 51.70
N VAL D 293 -12.53 -12.20 50.84
CA VAL D 293 -11.78 -13.39 50.48
C VAL D 293 -11.00 -13.90 51.69
N THR D 294 -11.24 -15.16 52.04
CA THR D 294 -10.58 -15.78 53.18
C THR D 294 -9.11 -16.07 52.85
N PRO D 295 -8.25 -16.17 53.87
CA PRO D 295 -6.85 -16.55 53.64
C PRO D 295 -6.70 -17.87 52.88
N GLU D 296 -7.50 -18.87 53.24
CA GLU D 296 -7.50 -20.14 52.53
C GLU D 296 -7.76 -19.93 51.05
N LEU D 297 -8.77 -19.14 50.72
CA LEU D 297 -9.12 -18.93 49.31
C LEU D 297 -7.98 -18.17 48.56
N ALA D 298 -7.40 -17.19 49.22
CA ALA D 298 -6.31 -16.42 48.64
C ALA D 298 -5.17 -17.34 48.28
N GLU D 299 -4.87 -18.27 49.15
CA GLU D 299 -3.76 -19.15 48.94
C GLU D 299 -4.03 -20.10 47.80
N GLU D 300 -5.29 -20.46 47.60
CA GLU D 300 -5.65 -21.31 46.47
C GLU D 300 -5.52 -20.56 45.14
N LEU D 301 -5.83 -19.26 45.15
CA LEU D 301 -5.71 -18.44 43.96
C LEU D 301 -4.24 -18.20 43.59
N HIS D 302 -3.42 -17.99 44.60
CA HIS D 302 -1.97 -17.96 44.41
C HIS D 302 -1.43 -19.26 43.79
N ARG D 303 -1.85 -20.39 44.32
CA ARG D 303 -1.39 -21.68 43.82
C ARG D 303 -1.78 -21.83 42.38
N LEU D 304 -3.00 -21.42 42.05
CA LEU D 304 -3.51 -21.53 40.70
C LEU D 304 -2.70 -20.66 39.75
N ARG D 305 -2.46 -19.40 40.16
CA ARG D 305 -1.66 -18.46 39.36
C ARG D 305 -0.24 -18.99 39.16
N ASP D 306 0.39 -19.47 40.23
CA ASP D 306 1.74 -20.08 40.11
C ASP D 306 1.71 -21.30 39.17
N THR D 307 0.66 -22.10 39.28
CA THR D 307 0.58 -23.36 38.58
C THR D 307 0.35 -23.18 37.08
N LEU D 308 -0.62 -22.34 36.72
CA LEU D 308 -1.05 -22.20 35.33
C LEU D 308 -0.17 -21.21 34.57
N GLY D 309 0.47 -20.30 35.31
CA GLY D 309 1.35 -19.29 34.71
C GLY D 309 0.61 -18.14 34.06
N CYS D 310 -0.68 -18.01 34.33
CA CYS D 310 -1.46 -16.84 33.90
C CYS D 310 -1.51 -15.83 35.03
N PRO D 311 -1.91 -14.58 34.71
CA PRO D 311 -2.01 -13.51 35.71
C PRO D 311 -3.21 -13.65 36.63
N LEU D 312 -2.98 -13.36 37.91
CA LEU D 312 -4.07 -13.05 38.85
C LEU D 312 -4.45 -11.57 38.77
N VAL D 313 -5.65 -11.32 38.26
CA VAL D 313 -6.20 -9.97 38.16
C VAL D 313 -7.05 -9.64 39.38
N VAL D 314 -6.59 -8.66 40.15
CA VAL D 314 -7.31 -8.22 41.34
C VAL D 314 -8.19 -7.04 41.03
N ASP D 315 -9.50 -7.24 41.14
CA ASP D 315 -10.50 -6.21 40.77
C ASP D 315 -10.83 -5.38 41.99
N GLU D 316 -10.29 -4.17 42.06
CA GLU D 316 -10.55 -3.26 43.17
C GLU D 316 -11.39 -2.04 42.74
N VAL D 317 -12.20 -2.23 41.72
CA VAL D 317 -13.18 -1.23 41.35
C VAL D 317 -13.98 -0.72 42.59
N GLN D 318 -14.49 -1.65 43.41
CA GLN D 318 -15.23 -1.27 44.63
C GLN D 318 -14.33 -1.11 45.84
N THR D 319 -13.46 -2.11 46.09
CA THR D 319 -12.68 -2.20 47.34
C THR D 319 -11.57 -1.13 47.50
N GLY D 320 -11.24 -0.45 46.40
CA GLY D 320 -10.13 0.47 46.41
C GLY D 320 -10.51 1.91 46.76
N ILE D 321 -9.50 2.77 46.71
CA ILE D 321 -9.54 4.12 47.24
C ILE D 321 -10.16 4.14 48.62
N GLY D 322 -9.66 3.27 49.49
CA GLY D 322 -9.71 3.51 50.93
C GLY D 322 -10.88 2.81 51.60
N ARG D 323 -11.82 2.35 50.81
CA ARG D 323 -13.09 1.84 51.30
C ARG D 323 -12.92 0.81 52.39
N THR D 324 -11.88 -0.01 52.30
CA THR D 324 -11.72 -1.12 53.24
C THR D 324 -10.89 -0.72 54.43
N GLY D 325 -10.36 0.49 54.44
CA GLY D 325 -9.47 0.97 55.55
C GLY D 325 -8.01 0.95 55.15
N ALA D 326 -7.77 0.55 53.90
CA ALA D 326 -6.52 0.85 53.21
C ALA D 326 -6.82 1.23 51.78
N PHE D 327 -5.85 1.79 51.09
CA PHE D 327 -6.07 2.12 49.69
C PHE D 327 -6.46 0.85 48.95
N PHE D 328 -5.62 -0.16 49.02
CA PHE D 328 -5.87 -1.39 48.34
C PHE D 328 -6.43 -2.42 49.32
N GLY D 329 -7.58 -3.00 48.98
CA GLY D 329 -8.16 -4.08 49.76
C GLY D 329 -7.35 -5.36 49.69
N SER D 330 -6.79 -5.62 48.52
CA SER D 330 -5.88 -6.76 48.34
C SER D 330 -4.68 -6.74 49.30
N ALA D 331 -4.11 -5.57 49.53
CA ALA D 331 -3.02 -5.42 50.51
C ALA D 331 -3.49 -5.75 51.91
N LEU D 332 -4.69 -5.34 52.23
CA LEU D 332 -5.28 -5.63 53.55
C LEU D 332 -5.44 -7.14 53.74
N LEU D 333 -5.90 -7.82 52.69
CA LEU D 333 -6.34 -9.21 52.81
C LEU D 333 -5.29 -10.18 52.30
N GLY D 334 -4.12 -9.66 51.92
CA GLY D 334 -2.99 -10.51 51.53
C GLY D 334 -3.16 -11.18 50.17
N ILE D 335 -3.80 -10.49 49.22
CA ILE D 335 -3.89 -10.99 47.85
C ILE D 335 -2.86 -10.36 46.93
N ARG D 336 -2.02 -11.19 46.33
CA ARG D 336 -0.89 -10.72 45.55
C ARG D 336 -1.19 -10.97 44.10
N GLY D 337 -1.81 -9.99 43.47
CA GLY D 337 -2.16 -10.10 42.06
C GLY D 337 -1.02 -9.64 41.19
N ASP D 338 -1.17 -9.88 39.88
CA ASP D 338 -0.23 -9.41 38.92
C ASP D 338 -0.74 -8.17 38.19
N TYR D 339 -2.06 -8.14 37.89
CA TYR D 339 -2.72 -6.90 37.43
C TYR D 339 -3.70 -6.40 38.49
N TYR D 340 -3.90 -5.09 38.53
CA TYR D 340 -4.92 -4.47 39.40
C TYR D 340 -5.80 -3.50 38.61
N THR D 341 -7.07 -3.40 38.98
CA THR D 341 -7.96 -2.43 38.35
C THR D 341 -8.66 -1.62 39.36
N LEU D 342 -8.77 -0.31 39.07
CA LEU D 342 -9.49 0.64 39.94
C LEU D 342 -10.53 1.46 39.12
N ALA D 343 -11.60 1.91 39.77
CA ALA D 343 -12.54 2.83 39.15
C ALA D 343 -13.33 3.63 40.23
N LYS D 344 -14.62 3.75 40.01
CA LYS D 344 -15.55 4.34 40.99
C LYS D 344 -15.10 5.66 41.67
N ALA D 345 -14.45 5.52 42.83
CA ALA D 345 -14.19 6.69 43.69
C ALA D 345 -13.11 7.58 43.14
N ILE D 346 -12.45 7.14 42.07
CA ILE D 346 -11.32 7.87 41.50
C ILE D 346 -11.81 9.02 40.65
N GLY D 347 -13.06 8.96 40.21
CA GLY D 347 -13.71 10.09 39.54
C GLY D 347 -14.28 11.12 40.50
N GLY D 348 -14.08 10.91 41.81
CA GLY D 348 -14.37 11.95 42.82
C GLY D 348 -15.86 12.17 43.04
N GLY D 349 -16.68 11.27 42.50
CA GLY D 349 -18.12 11.36 42.58
C GLY D 349 -18.75 12.17 41.45
N ILE D 350 -17.94 12.68 40.51
CA ILE D 350 -18.43 13.65 39.52
C ILE D 350 -18.06 13.32 38.07
N VAL D 351 -16.90 12.67 37.88
CA VAL D 351 -16.47 12.28 36.51
C VAL D 351 -16.16 10.79 36.44
N LYS D 352 -15.80 10.33 35.24
CA LYS D 352 -15.69 8.87 34.94
C LYS D 352 -14.27 8.52 34.53
N ASN D 353 -13.66 7.63 35.30
CA ASN D 353 -12.27 7.26 35.08
C ASN D 353 -12.01 5.85 35.63
N SER D 354 -11.01 5.17 35.09
CA SER D 354 -10.58 3.88 35.62
C SER D 354 -9.19 3.58 35.18
N VAL D 355 -8.59 2.54 35.76
CA VAL D 355 -7.20 2.25 35.45
C VAL D 355 -6.83 0.77 35.62
N ALA D 356 -5.98 0.30 34.73
CA ALA D 356 -5.43 -1.02 34.84
C ALA D 356 -3.94 -0.89 35.19
N LEU D 357 -3.54 -1.49 36.31
CA LEU D 357 -2.12 -1.53 36.67
C LEU D 357 -1.62 -2.88 36.35
N ILE D 358 -0.61 -2.93 35.49
CA ILE D 358 -0.08 -4.19 35.02
C ILE D 358 1.41 -4.26 35.35
N ARG D 359 1.86 -5.37 35.93
CA ARG D 359 3.24 -5.44 36.43
C ARG D 359 4.22 -5.31 35.28
N GLN D 360 5.28 -4.51 35.51
CA GLN D 360 6.18 -4.10 34.42
C GLN D 360 7.03 -5.25 33.93
N ASP D 361 7.39 -6.16 34.83
CA ASP D 361 8.09 -7.38 34.42
C ASP D 361 7.21 -8.35 33.53
N ARG D 362 5.88 -8.15 33.51
CA ARG D 362 4.98 -8.93 32.61
C ARG D 362 4.44 -8.12 31.42
N PHE D 363 4.64 -6.80 31.44
CA PHE D 363 3.87 -5.90 30.58
C PHE D 363 4.45 -5.87 29.19
N LEU D 364 3.59 -5.98 28.19
CA LEU D 364 4.01 -6.17 26.81
C LEU D 364 3.83 -4.87 26.07
N PRO D 365 4.91 -4.34 25.50
CA PRO D 365 4.91 -2.93 25.10
C PRO D 365 3.89 -2.64 24.00
N ALA D 366 3.65 -3.60 23.11
CA ALA D 366 2.62 -3.46 22.08
C ALA D 366 1.32 -2.88 22.63
N MET D 367 0.93 -3.31 23.81
CA MET D 367 -0.36 -2.90 24.40
C MET D 367 -0.50 -1.36 24.47
N GLU D 368 0.62 -0.67 24.69
CA GLU D 368 0.60 0.81 24.85
C GLU D 368 0.21 1.51 23.57
N VAL D 369 0.33 0.82 22.44
CA VAL D 369 0.03 1.44 21.15
C VAL D 369 -1.03 0.72 20.32
N ILE D 370 -1.40 -0.50 20.71
CA ILE D 370 -2.52 -1.17 20.04
C ILE D 370 -3.85 -1.05 20.78
N HIS D 371 -3.79 -0.73 22.06
CA HIS D 371 -5.00 -0.31 22.77
C HIS D 371 -5.08 1.21 22.93
N SER D 372 -6.30 1.72 22.89
CA SER D 372 -6.56 3.17 22.99
C SER D 372 -8.07 3.39 23.11
N SER D 373 -8.46 4.62 23.42
CA SER D 373 -9.87 4.97 23.62
C SER D 373 -9.97 6.48 23.47
N THR D 374 -11.10 6.98 22.96
CA THR D 374 -11.27 8.42 22.70
C THR D 374 -11.21 9.24 24.00
N PHE D 375 -12.01 8.81 25.00
CA PHE D 375 -12.22 9.58 26.21
C PHE D 375 -11.17 9.25 27.29
N ALA D 376 -10.44 8.17 27.11
CA ALA D 376 -9.53 7.67 28.15
C ALA D 376 -8.34 8.58 28.31
N LYS D 377 -8.00 8.88 29.56
CA LYS D 377 -6.82 9.68 29.84
C LYS D 377 -7.09 11.20 29.63
N ASP D 378 -8.37 11.58 29.50
CA ASP D 378 -8.72 12.98 29.39
C ASP D 378 -8.14 13.79 30.54
N GLY D 379 -7.81 15.04 30.25
CA GLY D 379 -7.14 15.91 31.19
C GLY D 379 -7.95 16.19 32.42
N LEU D 380 -9.27 16.23 32.28
CA LEU D 380 -10.11 16.70 33.37
C LEU D 380 -10.23 15.64 34.47
N SER D 381 -10.51 14.41 34.08
CA SER D 381 -10.61 13.34 35.03
C SER D 381 -9.23 12.98 35.56
N ALA D 382 -8.21 13.23 34.74
CA ALA D 382 -6.83 13.09 35.20
C ALA D 382 -6.58 14.03 36.38
N SER D 383 -6.95 15.29 36.21
CA SER D 383 -6.71 16.30 37.21
C SER D 383 -7.47 15.96 38.49
N ILE D 384 -8.70 15.52 38.33
CA ILE D 384 -9.54 15.15 39.44
C ILE D 384 -9.03 13.90 40.18
N ALA D 385 -8.49 12.95 39.41
CA ALA D 385 -7.79 11.79 39.99
C ALA D 385 -6.66 12.19 40.93
N LEU D 386 -5.80 13.09 40.49
CA LEU D 386 -4.69 13.58 41.37
C LEU D 386 -5.22 14.19 42.63
N LYS D 387 -6.32 14.92 42.53
CA LYS D 387 -6.91 15.56 43.72
C LYS D 387 -7.39 14.50 44.71
N VAL D 388 -8.13 13.52 44.21
CA VAL D 388 -8.65 12.45 45.08
C VAL D 388 -7.51 11.75 45.81
N LEU D 389 -6.41 11.48 45.09
CA LEU D 389 -5.27 10.78 45.68
C LEU D 389 -4.55 11.66 46.68
N GLU D 390 -4.57 12.95 46.44
CA GLU D 390 -4.08 13.90 47.39
C GLU D 390 -4.94 13.84 48.66
N MET D 391 -6.24 13.73 48.50
CA MET D 391 -7.15 13.80 49.64
C MET D 391 -7.06 12.54 50.47
N VAL D 392 -7.02 11.41 49.81
CA VAL D 392 -7.06 10.14 50.51
C VAL D 392 -5.71 9.86 51.23
N GLU D 393 -4.63 10.49 50.75
CA GLU D 393 -3.29 10.32 51.32
C GLU D 393 -2.96 11.38 52.41
N ALA D 394 -3.78 12.43 52.50
CA ALA D 394 -3.42 13.62 53.30
C ALA D 394 -3.24 13.30 54.79
N ASP D 395 -2.38 14.09 55.44
CA ASP D 395 -2.24 14.09 56.90
C ASP D 395 -1.82 12.72 57.41
N GLY D 396 -0.77 12.17 56.81
CA GLY D 396 -0.14 10.98 57.31
C GLY D 396 -1.02 9.77 57.13
N GLY D 397 -1.86 9.81 56.11
CA GLY D 397 -2.80 8.72 55.83
C GLY D 397 -3.78 8.51 56.95
N ARG D 398 -4.39 9.59 57.41
CA ARG D 398 -5.35 9.50 58.48
C ARG D 398 -6.75 9.29 57.96
N VAL D 399 -6.94 9.51 56.66
CA VAL D 399 -8.24 9.22 56.06
C VAL D 399 -8.56 7.73 56.22
N TYR D 400 -7.56 6.89 56.05
CA TYR D 400 -7.74 5.44 56.23
C TYR D 400 -8.16 5.12 57.67
N GLN D 401 -7.58 5.83 58.61
CA GLN D 401 -7.87 5.60 60.03
C GLN D 401 -9.32 5.95 60.36
N ARG D 402 -9.77 7.09 59.86
CA ARG D 402 -11.19 7.46 59.87
C ARG D 402 -12.07 6.32 59.32
N VAL D 403 -11.78 5.85 58.11
CA VAL D 403 -12.57 4.76 57.49
C VAL D 403 -12.67 3.51 58.42
N ARG D 404 -11.54 3.12 58.99
CA ARG D 404 -11.51 2.01 59.93
C ARG D 404 -12.47 2.24 61.06
N GLU D 405 -12.37 3.42 61.72
CA GLU D 405 -13.13 3.69 62.97
C GLU D 405 -14.62 3.93 62.71
N ARG D 406 -14.95 4.60 61.60
CA ARG D 406 -16.36 4.70 61.13
C ARG D 406 -16.90 3.30 60.74
N GLY D 407 -16.06 2.51 60.06
CA GLY D 407 -16.41 1.16 59.69
C GLY D 407 -16.72 0.30 60.89
N GLN D 408 -15.84 0.37 61.92
CA GLN D 408 -16.04 -0.39 63.17
C GLN D 408 -17.35 -0.02 63.76
N ARG D 409 -17.56 1.27 63.92
CA ARG D 409 -18.78 1.75 64.52
C ARG D 409 -20.03 1.23 63.79
N LEU D 410 -20.04 1.30 62.46
CA LEU D 410 -21.23 0.92 61.66
C LEU D 410 -21.43 -0.59 61.66
N GLU D 411 -20.34 -1.34 61.66
CA GLU D 411 -20.42 -2.77 61.73
C GLU D 411 -20.97 -3.25 63.09
N ALA D 412 -20.57 -2.58 64.17
CA ALA D 412 -21.03 -2.93 65.52
C ALA D 412 -22.51 -2.69 65.68
N MET D 413 -22.97 -1.58 65.14
CA MET D 413 -24.40 -1.32 65.09
C MET D 413 -25.11 -2.42 64.33
N LEU D 414 -24.60 -2.75 63.14
CA LEU D 414 -25.22 -3.79 62.34
C LEU D 414 -25.22 -5.13 63.08
N GLU D 415 -24.05 -5.48 63.64
CA GLU D 415 -23.89 -6.70 64.47
C GLU D 415 -24.86 -6.71 65.67
N SER D 416 -25.08 -5.53 66.24
CA SER D 416 -26.00 -5.39 67.37
C SER D 416 -27.43 -5.59 66.93
N VAL D 417 -27.76 -5.11 65.73
CA VAL D 417 -29.08 -5.31 65.15
C VAL D 417 -29.30 -6.78 64.81
N ARG D 418 -28.27 -7.44 64.29
CA ARG D 418 -28.34 -8.87 64.00
C ARG D 418 -28.64 -9.66 65.23
N ALA D 419 -27.98 -9.32 66.34
CA ALA D 419 -28.04 -10.13 67.56
C ALA D 419 -29.45 -10.16 68.16
N ASP D 420 -30.21 -9.09 67.96
CA ASP D 420 -31.61 -9.04 68.39
C ASP D 420 -32.61 -9.44 67.28
N HIS D 421 -32.13 -9.64 66.05
CA HIS D 421 -33.02 -9.98 64.94
C HIS D 421 -32.46 -11.12 64.10
N SER D 422 -31.91 -12.13 64.78
CA SER D 422 -31.26 -13.26 64.10
C SER D 422 -32.27 -14.17 63.38
N ASP D 423 -33.56 -14.02 63.69
CA ASP D 423 -34.59 -14.77 63.00
C ASP D 423 -34.75 -14.35 61.54
N VAL D 424 -34.42 -13.11 61.22
CA VAL D 424 -34.51 -12.65 59.81
C VAL D 424 -33.16 -12.20 59.21
N VAL D 425 -32.12 -12.18 60.03
CA VAL D 425 -30.78 -11.78 59.59
C VAL D 425 -29.77 -12.86 59.95
N SER D 426 -29.09 -13.42 58.93
CA SER D 426 -28.14 -14.54 59.17
C SER D 426 -26.72 -14.04 59.50
N ALA D 427 -26.26 -13.02 58.78
CA ALA D 427 -24.86 -12.62 58.90
C ALA D 427 -24.64 -11.12 58.64
N VAL D 428 -23.54 -10.61 59.19
CA VAL D 428 -22.93 -9.40 58.71
C VAL D 428 -21.66 -9.75 57.97
N TRP D 429 -21.51 -9.17 56.77
CA TRP D 429 -20.37 -9.41 55.90
C TRP D 429 -19.69 -8.10 55.56
N GLY D 430 -18.39 -8.18 55.31
CA GLY D 430 -17.65 -7.06 54.71
C GLY D 430 -16.59 -6.55 55.65
N THR D 431 -15.95 -5.46 55.26
CA THR D 431 -14.93 -4.85 56.10
C THR D 431 -14.83 -3.38 55.75
N GLY D 432 -14.19 -2.62 56.61
CA GLY D 432 -14.15 -1.19 56.47
C GLY D 432 -15.55 -0.59 56.33
N LEU D 433 -15.71 0.32 55.38
CA LEU D 433 -17.04 0.85 55.08
C LEU D 433 -17.69 0.16 53.89
N MET D 434 -17.47 -1.14 53.77
CA MET D 434 -18.12 -1.94 52.73
C MET D 434 -18.83 -3.15 53.34
N LEU D 435 -20.05 -2.92 53.81
CA LEU D 435 -20.71 -3.86 54.69
C LEU D 435 -22.07 -4.23 54.12
N ALA D 436 -22.61 -5.37 54.58
CA ALA D 436 -23.95 -5.79 54.21
C ALA D 436 -24.54 -6.69 55.28
N LEU D 437 -25.86 -6.65 55.43
CA LEU D 437 -26.61 -7.70 56.15
C LEU D 437 -27.12 -8.75 55.21
N GLU D 438 -26.97 -10.00 55.55
CA GLU D 438 -27.63 -11.08 54.81
C GLU D 438 -28.99 -11.36 55.37
N LEU D 439 -30.00 -11.35 54.50
CA LEU D 439 -31.40 -11.67 54.89
C LEU D 439 -31.64 -13.17 54.82
N ARG D 440 -32.36 -13.70 55.79
CA ARG D 440 -32.82 -15.08 55.69
C ARG D 440 -33.89 -15.21 54.63
N ASP D 441 -33.95 -16.38 54.01
CA ASP D 441 -34.90 -16.64 52.94
C ASP D 441 -36.32 -16.48 53.43
N GLN D 442 -37.16 -15.87 52.60
CA GLN D 442 -38.55 -15.63 52.93
C GLN D 442 -39.48 -16.20 51.87
N SER D 443 -38.96 -17.07 51.02
CA SER D 443 -39.77 -17.67 49.98
C SER D 443 -40.82 -18.59 50.59
N ASN D 444 -40.64 -18.92 51.88
CA ASN D 444 -41.57 -19.79 52.58
C ASN D 444 -42.47 -19.04 53.54
N ALA D 445 -42.64 -17.75 53.29
CA ALA D 445 -43.11 -16.83 54.32
C ALA D 445 -44.59 -16.91 54.45
N THR D 446 -45.09 -16.54 55.63
CA THR D 446 -46.51 -16.63 55.95
C THR D 446 -47.33 -15.66 55.12
N SER D 447 -46.94 -14.39 55.16
CA SER D 447 -47.57 -13.37 54.37
C SER D 447 -47.54 -13.74 52.90
N GLN D 448 -48.71 -13.84 52.31
CA GLN D 448 -48.86 -13.91 50.84
C GLN D 448 -47.90 -12.93 50.14
N ALA D 449 -48.07 -11.65 50.40
CA ALA D 449 -47.52 -10.64 49.52
C ALA D 449 -46.00 -10.60 49.62
N ILE D 450 -45.49 -10.90 50.80
CA ILE D 450 -44.06 -11.02 51.00
C ILE D 450 -43.52 -12.27 50.29
N ARG D 451 -44.21 -13.39 50.48
CA ARG D 451 -43.80 -14.66 49.89
C ARG D 451 -43.62 -14.51 48.37
N GLU D 452 -44.54 -13.80 47.74
CA GLU D 452 -44.53 -13.67 46.30
C GLU D 452 -43.35 -12.81 45.82
N LYS D 453 -43.08 -11.70 46.50
CA LYS D 453 -41.90 -10.90 46.20
C LYS D 453 -40.57 -11.66 46.45
N ALA D 454 -40.50 -12.37 47.57
CA ALA D 454 -39.29 -13.14 47.88
C ALA D 454 -39.05 -14.20 46.82
N ALA D 455 -40.13 -14.79 46.32
CA ALA D 455 -40.04 -15.82 45.31
C ALA D 455 -39.56 -15.23 43.97
N HIS D 456 -39.92 -13.97 43.71
CA HIS D 456 -39.47 -13.28 42.50
C HIS D 456 -38.01 -12.74 42.62
N GLY D 457 -37.41 -12.88 43.80
CA GLY D 457 -36.06 -12.33 44.05
C GLY D 457 -36.08 -10.85 44.39
N PHE D 458 -37.23 -10.34 44.80
CA PHE D 458 -37.42 -8.89 45.01
C PHE D 458 -37.47 -8.46 46.50
N LEU D 459 -37.29 -9.40 47.42
CA LEU D 459 -37.41 -9.10 48.85
C LEU D 459 -36.62 -7.86 49.26
N GLY D 460 -35.32 -7.86 48.96
CA GLY D 460 -34.41 -6.79 49.39
C GLY D 460 -34.86 -5.42 48.93
N TYR D 461 -35.47 -5.37 47.75
CA TYR D 461 -35.92 -4.11 47.17
C TYR D 461 -37.16 -3.59 47.89
N VAL D 462 -38.03 -4.51 48.29
CA VAL D 462 -39.22 -4.17 49.05
C VAL D 462 -38.85 -3.59 50.39
N LEU D 463 -37.93 -4.25 51.08
CA LEU D 463 -37.46 -3.79 52.36
C LEU D 463 -36.78 -2.41 52.23
N ALA D 464 -36.06 -2.21 51.13
CA ALA D 464 -35.44 -0.93 50.84
C ALA D 464 -36.49 0.17 50.72
N GLY D 465 -37.62 -0.16 50.11
CA GLY D 465 -38.73 0.79 49.97
C GLY D 465 -39.36 1.18 51.31
N PHE D 466 -39.42 0.22 52.22
CA PHE D 466 -39.86 0.50 53.56
C PHE D 466 -38.94 1.50 54.20
N LEU D 467 -37.64 1.27 54.05
CA LEU D 467 -36.66 2.13 54.68
C LEU D 467 -36.73 3.54 54.12
N LEU D 468 -37.03 3.65 52.83
CA LEU D 468 -37.15 4.95 52.19
C LEU D 468 -38.35 5.71 52.74
N ARG D 469 -39.54 5.10 52.67
CA ARG D 469 -40.80 5.84 52.92
C ARG D 469 -41.09 6.02 54.40
N GLU D 470 -40.57 5.15 55.25
CA GLU D 470 -40.89 5.21 56.67
C GLU D 470 -39.75 5.78 57.53
N HIS D 471 -38.55 5.86 56.98
CA HIS D 471 -37.41 6.33 57.75
C HIS D 471 -36.48 7.25 56.95
N HIS D 472 -36.83 7.51 55.70
CA HIS D 472 -36.05 8.40 54.86
C HIS D 472 -34.59 7.98 54.82
N ILE D 473 -34.37 6.69 54.59
CA ILE D 473 -33.03 6.17 54.40
C ILE D 473 -32.98 5.41 53.10
N ARG D 474 -31.93 5.69 52.32
CA ARG D 474 -31.70 5.02 51.03
C ARG D 474 -30.72 3.88 51.23
N VAL D 475 -31.24 2.66 51.18
CA VAL D 475 -30.42 1.47 51.10
C VAL D 475 -30.75 0.76 49.77
N LEU D 476 -29.78 0.07 49.19
CA LEU D 476 -30.05 -0.80 48.03
C LEU D 476 -29.53 -2.18 48.28
N PRO D 477 -30.20 -3.17 47.72
CA PRO D 477 -29.77 -4.54 47.95
C PRO D 477 -28.56 -4.91 47.14
N ALA D 478 -27.90 -5.97 47.55
CA ALA D 478 -26.86 -6.59 46.75
C ALA D 478 -27.12 -8.06 46.67
N GLY D 479 -26.33 -8.73 45.86
CA GLY D 479 -26.39 -10.17 45.76
C GLY D 479 -27.48 -10.60 44.80
N PRO D 480 -27.50 -11.90 44.47
CA PRO D 480 -28.14 -12.43 43.25
C PRO D 480 -29.69 -12.38 43.25
N ARG D 481 -30.30 -12.48 44.43
CA ARG D 481 -31.77 -12.41 44.51
C ARG D 481 -32.17 -11.32 45.49
N SER D 482 -31.42 -10.22 45.47
CA SER D 482 -31.58 -9.12 46.43
C SER D 482 -31.63 -9.66 47.85
N GLY D 483 -30.84 -10.70 48.11
CA GLY D 483 -30.80 -11.33 49.41
C GLY D 483 -29.90 -10.63 50.43
N PHE D 484 -29.25 -9.54 50.01
CA PHE D 484 -28.42 -8.78 50.92
C PHE D 484 -28.82 -7.29 50.90
N LEU D 485 -28.56 -6.61 52.01
CA LEU D 485 -28.71 -5.16 52.08
C LEU D 485 -27.38 -4.49 52.26
N ARG D 486 -27.06 -3.59 51.35
CA ARG D 486 -25.74 -2.99 51.31
C ARG D 486 -25.67 -1.72 52.18
N PHE D 487 -24.56 -1.55 52.88
CA PHE D 487 -24.28 -0.30 53.62
C PHE D 487 -22.90 0.18 53.31
N SER D 488 -22.79 1.19 52.45
CA SER D 488 -21.48 1.71 52.04
C SER D 488 -21.50 3.26 51.86
N PRO D 489 -21.62 3.99 52.98
CA PRO D 489 -21.68 5.43 53.00
C PRO D 489 -20.32 6.09 52.98
N SER D 490 -20.29 7.41 53.01
CA SER D 490 -19.02 8.14 53.00
C SER D 490 -18.34 7.99 54.34
N LEU D 491 -17.06 8.37 54.40
CA LEU D 491 -16.30 8.39 55.66
C LEU D 491 -16.82 9.48 56.64
N TYR D 492 -17.68 10.38 56.16
CA TYR D 492 -18.21 11.45 57.01
C TYR D 492 -19.51 11.07 57.69
N ILE D 493 -19.98 9.85 57.47
CA ILE D 493 -21.19 9.40 58.16
C ILE D 493 -21.07 9.65 59.69
N THR D 494 -22.13 10.22 60.26
CA THR D 494 -22.11 10.65 61.68
C THR D 494 -22.73 9.62 62.59
N ASP D 495 -22.38 9.70 63.87
CA ASP D 495 -22.97 8.82 64.90
C ASP D 495 -24.49 8.93 64.91
N GLU D 496 -25.00 10.13 64.74
CA GLU D 496 -26.44 10.34 64.74
C GLU D 496 -27.12 9.63 63.56
N GLU D 497 -26.48 9.69 62.40
CA GLU D 497 -26.98 9.03 61.20
C GLU D 497 -26.94 7.51 61.36
N ILE D 498 -25.89 7.01 61.98
CA ILE D 498 -25.78 5.59 62.27
C ILE D 498 -26.88 5.15 63.25
N ASP D 499 -27.13 5.96 64.28
CA ASP D 499 -28.25 5.73 65.24
C ASP D 499 -29.61 5.73 64.54
N ARG D 500 -29.80 6.64 63.61
CA ARG D 500 -31.06 6.73 62.88
C ARG D 500 -31.26 5.52 61.98
N THR D 501 -30.14 4.95 61.52
CA THR D 501 -30.17 3.73 60.72
C THR D 501 -30.47 2.50 61.56
N GLU D 502 -29.87 2.43 62.76
CA GLU D 502 -30.24 1.37 63.73
C GLU D 502 -31.73 1.37 64.05
N THR D 503 -32.28 2.55 64.35
CA THR D 503 -33.72 2.67 64.61
C THR D 503 -34.54 2.15 63.44
N ALA D 504 -34.15 2.56 62.24
CA ALA D 504 -34.84 2.18 61.01
C ALA D 504 -34.78 0.66 60.79
N LEU D 505 -33.63 0.06 61.07
CA LEU D 505 -33.46 -1.38 60.81
C LEU D 505 -34.25 -2.25 61.82
N ARG D 506 -34.16 -1.89 63.10
CA ARG D 506 -34.96 -2.57 64.11
C ARG D 506 -36.44 -2.53 63.75
N SER D 507 -36.92 -1.34 63.35
CA SER D 507 -38.29 -1.19 62.85
C SER D 507 -38.57 -2.17 61.69
N LEU D 508 -37.69 -2.18 60.70
CA LEU D 508 -37.87 -3.01 59.49
C LEU D 508 -37.97 -4.48 59.85
N PHE D 509 -37.03 -4.96 60.64
CA PHE D 509 -36.93 -6.40 60.93
C PHE D 509 -37.89 -6.82 62.03
N THR D 510 -38.50 -5.86 62.72
CA THR D 510 -39.63 -6.17 63.63
C THR D 510 -40.93 -6.35 62.84
N ALA D 511 -41.15 -5.52 61.84
CA ALA D 511 -42.26 -5.71 60.91
C ALA D 511 -42.11 -7.04 60.11
N LEU D 512 -40.90 -7.40 59.76
CA LEU D 512 -40.66 -8.60 58.97
C LEU D 512 -40.87 -9.85 59.84
N ARG D 513 -40.39 -9.81 61.08
CA ARG D 513 -40.75 -10.80 62.10
C ARG D 513 -42.26 -10.95 62.21
N ASP D 514 -42.98 -9.83 62.23
CA ASP D 514 -44.45 -9.84 62.35
C ASP D 514 -45.15 -10.31 61.07
N GLN D 515 -44.38 -10.52 60.01
CA GLN D 515 -44.91 -10.81 58.70
C GLN D 515 -45.99 -9.82 58.31
N ASP D 516 -45.67 -8.53 58.42
CA ASP D 516 -46.64 -7.47 58.17
C ASP D 516 -46.60 -7.04 56.71
N GLY D 517 -47.31 -7.76 55.86
CA GLY D 517 -47.21 -7.58 54.41
C GLY D 517 -47.94 -6.35 53.91
N ASP D 518 -49.04 -6.01 54.58
CA ASP D 518 -49.75 -4.77 54.31
C ASP D 518 -48.76 -3.59 54.34
N ARG D 519 -47.85 -3.61 55.30
CA ARG D 519 -47.00 -2.47 55.60
C ARG D 519 -45.70 -2.50 54.77
N LEU D 520 -45.22 -3.69 54.46
CA LEU D 520 -43.98 -3.85 53.76
C LEU D 520 -44.15 -3.78 52.25
N VAL D 521 -45.21 -4.42 51.74
CA VAL D 521 -45.47 -4.43 50.30
C VAL D 521 -46.61 -3.49 49.94
N LEU D 522 -46.38 -2.63 48.95
CA LEU D 522 -47.41 -1.68 48.49
C LEU D 522 -48.51 -2.38 47.70
N1 PMP E . 5.27 -1.87 -23.58
C2 PMP E . 4.76 -2.91 -22.84
C2A PMP E . 3.28 -3.00 -22.62
C3 PMP E . 5.61 -3.88 -22.31
O3 PMP E . 5.15 -4.92 -21.58
C4 PMP E . 6.94 -3.79 -22.53
C4A PMP E . 7.81 -4.85 -21.93
N4A PMP E . 7.59 -4.85 -20.48
C5 PMP E . 7.46 -2.75 -23.26
C6 PMP E . 6.60 -1.79 -23.78
C5A PMP E . 8.94 -2.66 -23.51
O4P PMP E . 9.24 -3.75 -24.39
P PMP E . 10.74 -4.40 -24.52
O1P PMP E . 10.78 -5.34 -25.73
O2P PMP E . 11.71 -3.23 -24.72
O3P PMP E . 10.99 -5.16 -23.28
C1 GOL F . 14.66 17.20 -20.26
O1 GOL F . 14.84 16.49 -19.02
C2 GOL F . 16.00 17.65 -20.79
O2 GOL F . 17.02 16.79 -20.29
C3 GOL F . 16.03 17.64 -22.31
O3 GOL F . 17.14 18.41 -22.81
C1 GOL G . 14.60 -6.27 -6.53
O1 GOL G . 13.47 -5.52 -7.00
C2 GOL G . 15.23 -5.56 -5.35
O2 GOL G . 15.86 -4.36 -5.78
C3 GOL G . 16.25 -6.47 -4.66
O3 GOL G . 17.33 -5.71 -4.14
C1 PGE H . 20.54 -27.37 -13.50
O1 PGE H . 21.21 -27.01 -14.71
C2 PGE H . 19.08 -26.95 -13.58
O2 PGE H . 18.41 -27.21 -12.33
C3 PGE H . 17.93 -26.03 -11.67
C4 PGE H . 18.79 -25.69 -10.45
O4 PGE H . 21.97 -23.11 -11.95
C6 PGE H . 21.33 -24.31 -11.49
C5 PGE H . 20.50 -24.03 -10.23
O3 PGE H . 19.11 -24.30 -10.46
N1 PMP I . 27.62 2.35 -32.14
C2 PMP I . 28.32 2.18 -33.30
C2A PMP I . 29.80 2.43 -33.33
C3 PMP I . 27.67 1.76 -34.45
O3 PMP I . 28.37 1.58 -35.60
C4 PMP I . 26.32 1.52 -34.41
C4A PMP I . 25.65 1.08 -35.67
N4A PMP I . 25.68 2.22 -36.62
C5 PMP I . 25.61 1.71 -33.22
C6 PMP I . 26.30 2.13 -32.09
C5A PMP I . 24.13 1.46 -33.14
O4P PMP I . 23.91 0.03 -33.17
P PMP I . 22.46 -0.51 -33.63
O1P PMP I . 22.37 -2.03 -33.55
O2P PMP I . 21.45 0.13 -32.66
O3P PMP I . 22.29 -0.06 -35.05
C1 GOL J . 52.20 14.24 -27.65
O1 GOL J . 53.20 15.21 -27.36
C2 GOL J . 52.80 12.84 -27.49
O2 GOL J . 52.89 12.50 -26.09
C3 GOL J . 51.95 11.82 -28.23
O3 GOL J . 50.57 12.18 -28.14
C1 GOL K . 33.41 -19.93 -45.47
O1 GOL K . 33.03 -18.77 -44.71
C2 GOL K . 33.13 -21.20 -44.65
O2 GOL K . 32.17 -22.02 -45.35
C3 GOL K . 34.42 -22.01 -44.43
O3 GOL K . 34.58 -22.32 -43.03
C1 GOL L . 27.46 -27.38 -31.38
O1 GOL L . 26.04 -27.24 -31.16
C2 GOL L . 27.94 -26.42 -32.46
O2 GOL L . 29.08 -25.68 -31.97
C3 GOL L . 28.34 -27.15 -33.73
O3 GOL L . 28.89 -26.23 -34.69
N1 PMP M . -17.10 4.28 16.59
C2 PMP M . -16.38 5.24 15.93
C2A PMP M . -16.83 5.71 14.58
C3 PMP M . -15.25 5.80 16.51
O3 PMP M . -14.54 6.76 15.85
C4 PMP M . -14.84 5.38 17.74
C4A PMP M . -13.59 6.00 18.34
N4A PMP M . -12.68 6.47 17.27
C5 PMP M . -15.55 4.39 18.39
C6 PMP M . -16.72 3.85 17.80
C5A PMP M . -15.14 3.94 19.77
O4P PMP M . -15.45 5.07 20.62
P PMP M . -14.75 5.23 22.03
O1P PMP M . -14.96 3.92 22.77
O2P PMP M . -15.42 6.38 22.80
O3P PMP M . -13.32 5.53 21.74
C1 GOL N . -15.87 -17.89 22.13
O1 GOL N . -17.19 -17.93 22.70
C2 GOL N . -15.87 -17.01 20.87
O2 GOL N . -17.17 -17.03 20.29
C3 GOL N . -14.86 -17.54 19.85
O3 GOL N . -14.06 -16.44 19.36
C1 GOL O . -13.91 29.92 21.77
O1 GOL O . -13.62 30.91 22.76
C2 GOL O . -15.09 30.38 20.91
O2 GOL O . -15.60 29.29 20.15
C3 GOL O . -16.19 30.96 21.80
O3 GOL O . -17.46 30.85 21.14
C1 GOL P . -1.28 18.48 31.37
O1 GOL P . -0.31 18.15 30.36
C2 GOL P . -1.99 19.79 31.00
O2 GOL P . -2.31 20.51 32.20
C3 GOL P . -3.27 19.50 30.21
O3 GOL P . -4.17 20.61 30.30
C1 GOL Q . 3.94 2.25 17.42
O1 GOL Q . 5.10 1.51 17.81
C2 GOL Q . 3.25 1.56 16.24
O2 GOL Q . 3.47 0.14 16.29
C3 GOL Q . 1.75 1.86 16.25
O3 GOL Q . 1.55 3.28 16.35
N1 PMP R . -16.04 -4.69 39.16
C2 PMP R . -16.64 -4.46 40.37
C2A PMP R . -16.06 -5.06 41.64
C3 PMP R . -17.75 -3.68 40.45
O3 PMP R . -18.35 -3.44 41.67
C4 PMP R . -18.28 -3.12 39.29
C4A PMP R . -19.53 -2.26 39.40
N4A PMP R . -20.71 -3.16 39.63
C5 PMP R . -17.66 -3.38 38.06
C6 PMP R . -16.53 -4.17 38.03
C5A PMP R . -18.18 -2.79 36.76
O4P PMP R . -17.79 -1.42 36.71
P PMP R . -18.64 -0.31 35.85
O1P PMP R . -18.48 -0.66 34.38
O2P PMP R . -18.09 1.10 36.16
O3P PMP R . -20.05 -0.37 36.31
#